data_3NL6
#
_entry.id   3NL6
#
_cell.length_a   163.173
_cell.length_b   153.528
_cell.length_c   109.618
_cell.angle_alpha   90.000
_cell.angle_beta   117.990
_cell.angle_gamma   90.000
#
_symmetry.space_group_name_H-M   'C 1 2 1'
#
loop_
_entity.id
_entity.type
_entity.pdbx_description
1 polymer 'Thiamine biosynthetic bifunctional enzyme'
2 non-polymer 'MAGNESIUM ION'
3 non-polymer 'THIAMIN PHOSPHATE'
4 non-polymer 'PHOSPHOMETHYLPHOSPHONIC ACID ADENYLATE ESTER'
#
_entity_poly.entity_id   1
_entity_poly.type   'polypeptide(L)'
_entity_poly.pdbx_seq_one_letter_code
;MKFSKEQFDYSLYLVTDSGMIPEGKTLYGQVEAGLQNGVTLVQIREKDADTKFFIEEALQIKELCHAHNVPLIINDRIDV
AMAIGADGIHVGQDDMPIPMIRKLVGPDMVIGWSVGFPEEVDELSKMGPDMVDYIGVGTLFPTLTKKNPKKAPMGTAGAI
RVLDALERNNAHWCRTVGIGGLHPDNIERVLYQCVSSNGKRSLDGICVVSDIIASLDAAKSTKILRGLIDKTDYKFVNIG
LSTKNSLTTTDEIQSIISNTLKARPLVQHITNKVHQNFGANVTLALGSSPIMSEIQSEVNDLAAIPHATLLLNTGSVAPP
EMLKAAIRAYNDVKRPIVFDPVGYSATETRLLLNNKLLTFGQFSCIKGNSSEILGLAELNKERMKGVDASSGISNELLIQ
ATKIVAFKYKTVAVCTGEFDFIADGTIEGKYSLSKGTNGTSVEDIPCVAVEAGPIEIMGDITASGCSLGSTIACMIGGQP
SEGNLFHAVVAGVMLYKAAGKIASEKCNGSGSFQVELIDALYRLTRENTPVTWAPKLTHT
;
_entity_poly.pdbx_strand_id   A,B,C
#
# COMPACT_ATOMS: atom_id res chain seq x y z
N LYS A 2 56.37 12.50 24.85
CA LYS A 2 55.61 12.14 26.06
C LYS A 2 54.41 13.05 26.38
N PHE A 3 53.21 12.58 26.09
CA PHE A 3 52.01 13.33 26.45
C PHE A 3 51.42 12.88 27.79
N SER A 4 50.89 13.82 28.55
CA SER A 4 50.12 13.47 29.73
C SER A 4 48.65 13.33 29.35
N LYS A 5 47.92 12.46 30.03
CA LYS A 5 46.50 12.23 29.73
C LYS A 5 45.72 13.52 29.49
N GLU A 6 46.08 14.57 30.22
CA GLU A 6 45.39 15.86 30.13
C GLU A 6 45.64 16.60 28.81
N GLN A 7 46.74 16.27 28.14
CA GLN A 7 47.14 16.97 26.93
C GLN A 7 46.47 16.42 25.69
N PHE A 8 45.67 15.38 25.83
CA PHE A 8 44.96 14.80 24.69
C PHE A 8 43.77 15.67 24.25
N ASP A 9 43.74 15.94 22.94
CA ASP A 9 42.69 16.72 22.33
C ASP A 9 41.93 15.78 21.39
N TYR A 10 40.74 15.36 21.82
CA TYR A 10 39.93 14.42 21.04
C TYR A 10 39.06 15.09 19.98
N SER A 11 39.13 16.41 19.88
CA SER A 11 38.33 17.17 18.92
C SER A 11 38.00 16.39 17.65
N LEU A 12 39.04 16.07 16.88
CA LEU A 12 38.92 15.33 15.63
C LEU A 12 39.90 14.15 15.59
N TYR A 13 39.34 12.97 15.83
CA TYR A 13 40.09 11.78 16.13
C TYR A 13 40.02 10.88 14.91
N LEU A 14 41.17 10.67 14.28
CA LEU A 14 41.26 9.91 13.02
C LEU A 14 41.64 8.46 13.26
N VAL A 15 40.89 7.54 12.67
CA VAL A 15 41.18 6.11 12.77
C VAL A 15 41.45 5.52 11.38
N THR A 16 42.57 4.82 11.21
CA THR A 16 43.07 4.47 9.87
C THR A 16 42.46 3.20 9.27
N SER A 18 42.85 1.66 5.83
CA SER A 18 43.92 1.04 5.03
C SER A 18 43.43 0.41 3.73
N GLY A 19 42.88 -0.80 3.84
CA GLY A 19 42.25 -1.48 2.72
C GLY A 19 41.34 -0.55 1.92
N MET A 20 40.77 0.48 2.54
CA MET A 20 39.92 1.39 1.78
C MET A 20 40.57 2.73 1.43
N ILE A 21 41.78 2.70 0.89
CA ILE A 21 42.46 3.92 0.47
C ILE A 21 42.36 4.13 -1.03
N PRO A 22 42.24 5.38 -1.46
CA PRO A 22 42.15 5.64 -2.90
C PRO A 22 43.51 5.48 -3.56
N GLU A 23 43.50 5.00 -4.80
CA GLU A 23 44.73 4.78 -5.55
C GLU A 23 45.52 6.06 -5.75
N GLY A 24 46.84 5.92 -5.86
CA GLY A 24 47.74 7.04 -6.01
C GLY A 24 47.89 7.77 -4.70
N LYS A 25 47.44 7.13 -3.63
CA LYS A 25 47.49 7.71 -2.28
C LYS A 25 48.01 6.72 -1.25
N THR A 26 48.58 7.23 -0.17
CA THR A 26 49.16 6.40 0.87
C THR A 26 48.50 6.65 2.21
N LEU A 27 48.49 5.63 3.07
CA LEU A 27 48.02 5.85 4.44
C LEU A 27 48.74 7.07 4.98
N TYR A 28 50.05 7.09 4.82
CA TYR A 28 50.86 8.21 5.29
C TYR A 28 50.39 9.56 4.72
N GLY A 29 50.07 9.60 3.43
CA GLY A 29 49.67 10.82 2.79
C GLY A 29 48.38 11.39 3.37
N GLN A 30 47.37 10.52 3.50
CA GLN A 30 46.06 10.87 4.04
C GLN A 30 46.14 11.36 5.48
N VAL A 31 46.87 10.60 6.29
CA VAL A 31 47.07 10.99 7.67
C VAL A 31 47.74 12.35 7.75
N GLU A 32 48.67 12.60 6.82
CA GLU A 32 49.32 13.90 6.76
C GLU A 32 48.34 14.99 6.30
N ALA A 33 47.45 14.63 5.38
CA ALA A 33 46.45 15.56 4.90
C ALA A 33 45.59 16.00 6.08
N GLY A 34 45.26 15.05 6.94
CA GLY A 34 44.44 15.33 8.11
C GLY A 34 45.16 16.05 9.21
N LEU A 35 46.45 15.75 9.38
CA LEU A 35 47.22 16.37 10.44
C LEU A 35 47.48 17.82 10.13
N GLN A 36 47.54 18.13 8.83
CA GLN A 36 47.78 19.48 8.37
C GLN A 36 46.52 20.35 8.49
N ASN A 37 45.39 19.77 8.11
CA ASN A 37 44.12 20.48 8.17
C ASN A 37 43.16 19.86 9.17
N GLY A 38 43.65 19.62 10.39
CA GLY A 38 42.84 19.03 11.44
C GLY A 38 42.42 17.79 12.20
N VAL A 39 43.39 16.95 12.53
CA VAL A 39 43.13 15.72 13.26
C VAL A 39 44.02 16.01 14.45
N THR A 40 43.45 15.91 15.65
CA THR A 40 44.20 16.17 16.88
C THR A 40 44.56 14.86 17.59
N LEU A 41 44.32 13.74 16.91
CA LEU A 41 44.62 12.43 17.48
C LEU A 41 44.50 11.34 16.42
N VAL A 42 45.50 10.46 16.37
CA VAL A 42 45.51 9.38 15.41
C VAL A 42 45.58 8.01 16.06
N GLN A 43 44.67 7.14 15.68
CA GLN A 43 44.76 5.75 16.09
C GLN A 43 45.08 4.90 14.88
N ILE A 44 45.98 3.94 15.07
CA ILE A 44 46.35 3.02 14.00
C ILE A 44 45.65 1.69 14.17
N ARG A 45 44.95 1.29 13.11
CA ARG A 45 44.10 0.11 13.12
C ARG A 45 44.50 -0.79 11.95
N GLU A 46 45.05 -1.98 12.26
CA GLU A 46 45.46 -2.92 11.22
C GLU A 46 45.06 -4.34 11.57
N LYS A 47 43.77 -4.63 11.46
CA LYS A 47 43.21 -5.88 11.93
C LYS A 47 43.66 -7.13 11.16
N ASP A 48 44.42 -6.96 10.08
CA ASP A 48 44.76 -8.09 9.23
C ASP A 48 46.23 -8.15 8.80
N ALA A 49 46.98 -7.09 9.07
CA ALA A 49 48.37 -7.02 8.64
C ALA A 49 49.31 -7.85 9.51
N ASP A 50 50.49 -8.14 8.98
CA ASP A 50 51.49 -8.88 9.71
C ASP A 50 52.06 -8.01 10.82
N THR A 51 52.17 -8.56 12.02
CA THR A 51 52.56 -7.76 13.17
C THR A 51 53.98 -7.21 13.00
N LYS A 52 54.60 -7.51 11.86
CA LYS A 52 55.88 -6.89 11.52
C LYS A 52 55.69 -5.65 10.67
N PHE A 53 54.74 -5.72 9.75
CA PHE A 53 54.39 -4.61 8.89
C PHE A 53 53.70 -3.54 9.73
N PHE A 54 52.75 -3.99 10.54
CA PHE A 54 52.09 -3.15 11.50
C PHE A 54 53.14 -2.30 12.25
N ILE A 55 54.17 -2.94 12.77
CA ILE A 55 55.19 -2.20 13.52
C ILE A 55 55.89 -1.16 12.67
N GLU A 56 56.35 -1.56 11.49
CA GLU A 56 56.97 -0.63 10.56
C GLU A 56 56.02 0.55 10.24
N GLU A 57 54.80 0.23 9.82
CA GLU A 57 53.82 1.25 9.52
C GLU A 57 53.62 2.19 10.72
N ALA A 58 53.60 1.62 11.92
CA ALA A 58 53.28 2.40 13.10
C ALA A 58 54.44 3.30 13.53
N LEU A 59 55.67 2.79 13.39
CA LEU A 59 56.83 3.58 13.76
C LEU A 59 56.95 4.74 12.81
N GLN A 60 56.62 4.48 11.55
CA GLN A 60 56.67 5.51 10.54
C GLN A 60 55.70 6.62 10.89
N ILE A 61 54.44 6.26 11.12
CA ILE A 61 53.37 7.23 11.41
C ILE A 61 53.45 7.87 12.80
N LYS A 62 54.09 7.19 13.75
CA LYS A 62 54.32 7.80 15.07
C LYS A 62 55.20 9.02 14.94
N GLU A 63 56.19 8.94 14.06
CA GLU A 63 57.04 10.07 13.77
C GLU A 63 56.27 11.19 13.08
N LEU A 64 55.44 10.84 12.10
CA LEU A 64 54.61 11.83 11.43
C LEU A 64 53.75 12.56 12.44
N CYS A 65 53.03 11.80 13.26
CA CYS A 65 52.18 12.39 14.28
C CYS A 65 52.98 13.31 15.18
N HIS A 66 53.87 12.72 15.96
CA HIS A 66 54.75 13.46 16.87
C HIS A 66 55.33 14.74 16.26
N ALA A 67 55.48 14.78 14.95
CA ALA A 67 55.97 16.00 14.30
C ALA A 67 54.95 17.15 14.40
N HIS A 68 53.66 16.82 14.42
CA HIS A 68 52.59 17.81 14.60
C HIS A 68 52.12 17.86 16.05
N ASN A 69 52.85 17.22 16.94
CA ASN A 69 52.53 17.25 18.36
C ASN A 69 51.20 16.58 18.65
N VAL A 70 50.86 15.54 17.90
CA VAL A 70 49.67 14.75 18.19
C VAL A 70 50.02 13.29 18.47
N PRO A 71 49.62 12.78 19.64
CA PRO A 71 49.92 11.42 20.09
C PRO A 71 49.37 10.37 19.14
N LEU A 72 49.94 9.17 19.19
CA LEU A 72 49.47 8.05 18.39
C LEU A 72 48.95 6.94 19.28
N ILE A 73 47.79 6.39 18.92
CA ILE A 73 47.17 5.32 19.68
C ILE A 73 47.04 4.06 18.84
N ILE A 74 47.47 2.93 19.41
CA ILE A 74 47.41 1.65 18.71
C ILE A 74 46.07 0.97 18.93
N ASN A 75 45.79 -0.05 18.13
CA ASN A 75 44.54 -0.80 18.23
C ASN A 75 44.75 -2.23 18.73
N ASP A 76 43.68 -3.01 18.75
CA ASP A 76 43.75 -4.39 19.21
C ASP A 76 45.18 -4.90 19.18
N ARG A 77 46.02 -4.37 20.06
CA ARG A 77 47.42 -4.77 20.13
C ARG A 77 48.17 -3.96 21.20
N ILE A 78 48.45 -4.60 22.33
CA ILE A 78 49.16 -3.94 23.41
C ILE A 78 50.66 -4.13 23.28
N ASP A 79 51.07 -5.17 22.57
CA ASP A 79 52.48 -5.45 22.36
C ASP A 79 53.12 -4.63 21.23
N VAL A 80 52.44 -4.48 20.11
CA VAL A 80 52.90 -3.52 19.11
C VAL A 80 53.05 -2.13 19.75
N ALA A 81 52.19 -1.81 20.71
CA ALA A 81 52.16 -0.47 21.30
C ALA A 81 53.29 -0.23 22.30
N MET A 82 53.70 -1.29 23.01
CA MET A 82 54.91 -1.23 23.81
C MET A 82 56.14 -1.25 22.89
N ALA A 83 56.21 -2.24 22.01
CA ALA A 83 57.28 -2.28 21.01
C ALA A 83 57.65 -0.87 20.54
N ILE A 84 56.70 -0.16 19.95
CA ILE A 84 57.03 1.12 19.33
C ILE A 84 56.86 2.32 20.24
N GLY A 85 56.51 2.08 21.51
CA GLY A 85 56.30 3.17 22.44
C GLY A 85 55.17 4.08 21.97
N ALA A 86 53.96 3.53 21.95
CA ALA A 86 52.79 4.30 21.57
C ALA A 86 52.30 5.16 22.73
N ASP A 87 51.47 6.14 22.42
CA ASP A 87 50.96 7.09 23.39
C ASP A 87 49.73 6.57 24.12
N GLY A 88 49.07 5.61 23.49
CA GLY A 88 47.91 4.93 24.07
C GLY A 88 47.51 3.73 23.21
N ILE A 89 46.56 2.94 23.71
CA ILE A 89 46.02 1.82 22.95
C ILE A 89 44.51 1.79 23.07
N HIS A 90 43.83 1.31 22.03
CA HIS A 90 42.37 1.21 22.08
C HIS A 90 41.94 -0.24 21.99
N VAL A 91 41.00 -0.64 22.83
CA VAL A 91 40.50 -2.03 22.80
C VAL A 91 38.98 -2.11 22.87
N GLY A 92 38.47 -3.33 22.74
CA GLY A 92 37.03 -3.56 22.77
C GLY A 92 36.61 -4.46 23.90
N GLN A 93 35.32 -4.74 24.01
CA GLN A 93 34.80 -5.59 25.07
C GLN A 93 35.34 -7.01 24.96
N ASP A 94 35.87 -7.37 23.79
CA ASP A 94 36.33 -8.74 23.55
C ASP A 94 37.84 -8.78 23.30
N ASP A 95 38.46 -7.62 23.23
CA ASP A 95 39.91 -7.54 23.18
C ASP A 95 40.41 -7.85 24.62
N MET A 96 41.61 -7.41 24.99
CA MET A 96 42.20 -7.77 26.28
C MET A 96 41.60 -7.00 27.45
N PRO A 97 41.20 -7.72 28.52
CA PRO A 97 40.66 -7.03 29.71
C PRO A 97 41.53 -5.84 30.12
N ILE A 98 40.92 -4.80 30.69
CA ILE A 98 41.62 -3.54 30.93
C ILE A 98 42.69 -3.59 32.01
N PRO A 99 42.36 -4.15 33.18
CA PRO A 99 43.42 -4.24 34.19
C PRO A 99 44.68 -4.98 33.69
N MET A 100 44.53 -6.11 32.98
CA MET A 100 45.73 -6.76 32.42
C MET A 100 46.52 -5.77 31.60
N ILE A 101 45.82 -5.01 30.79
CA ILE A 101 46.48 -4.05 29.91
C ILE A 101 47.25 -3.07 30.75
N ARG A 102 46.59 -2.57 31.79
CA ARG A 102 47.20 -1.59 32.66
C ARG A 102 48.40 -2.19 33.34
N LYS A 103 48.32 -3.47 33.65
CA LYS A 103 49.42 -4.14 34.31
C LYS A 103 50.69 -4.15 33.47
N LEU A 104 50.57 -4.25 32.15
CA LEU A 104 51.76 -4.35 31.29
C LEU A 104 52.31 -2.99 30.89
N VAL A 105 51.40 -2.03 30.67
CA VAL A 105 51.81 -0.75 30.10
C VAL A 105 52.09 0.28 31.18
N GLY A 106 51.65 0.00 32.40
CA GLY A 106 51.78 0.93 33.50
C GLY A 106 50.89 2.13 33.32
N PRO A 107 50.88 3.07 34.29
CA PRO A 107 50.10 4.29 34.10
C PRO A 107 50.79 5.18 33.07
N ASP A 108 50.18 6.31 32.75
CA ASP A 108 50.77 7.24 31.78
C ASP A 108 50.63 6.83 30.32
N MET A 109 50.00 5.69 30.07
CA MET A 109 49.67 5.32 28.69
C MET A 109 48.14 5.41 28.73
N VAL A 110 47.58 6.07 27.73
CA VAL A 110 46.13 6.24 27.62
C VAL A 110 45.48 4.95 27.16
N ILE A 111 44.40 4.56 27.82
CA ILE A 111 43.66 3.37 27.44
C ILE A 111 42.25 3.74 27.03
N GLY A 112 41.92 3.50 25.77
CA GLY A 112 40.59 3.75 25.25
C GLY A 112 39.80 2.47 25.30
N TRP A 113 38.48 2.56 25.35
CA TRP A 113 37.61 1.37 25.38
C TRP A 113 36.45 1.58 24.45
N SER A 114 35.93 0.51 23.87
CA SER A 114 34.74 0.65 23.06
C SER A 114 33.50 0.42 23.89
N VAL A 115 32.60 1.39 23.92
CA VAL A 115 31.42 1.27 24.77
C VAL A 115 30.14 1.58 24.03
N GLY A 116 29.17 0.69 24.09
CA GLY A 116 27.90 0.94 23.44
C GLY A 116 26.71 0.99 24.39
N PHE A 117 26.94 0.64 25.65
CA PHE A 117 25.86 0.44 26.61
C PHE A 117 26.23 0.97 27.96
N PRO A 118 25.23 1.39 28.75
CA PRO A 118 25.51 1.86 30.10
C PRO A 118 26.15 0.79 30.98
N GLU A 119 25.73 -0.47 30.85
CA GLU A 119 26.29 -1.57 31.66
C GLU A 119 27.82 -1.57 31.62
N GLU A 120 28.38 -1.14 30.50
CA GLU A 120 29.83 -1.13 30.33
C GLU A 120 30.44 0.09 31.00
N VAL A 121 29.71 1.20 31.04
CA VAL A 121 30.19 2.38 31.77
C VAL A 121 30.23 2.07 33.27
N ASP A 122 29.39 1.15 33.71
CA ASP A 122 29.35 0.75 35.11
C ASP A 122 30.65 0.07 35.52
N GLU A 123 31.17 -0.81 34.66
CA GLU A 123 32.43 -1.49 34.92
C GLU A 123 33.58 -0.51 34.86
N LEU A 124 33.60 0.27 33.79
CA LEU A 124 34.54 1.36 33.60
C LEU A 124 34.75 2.10 34.92
N SER A 125 33.65 2.28 35.66
CA SER A 125 33.67 2.98 36.94
C SER A 125 34.09 2.14 38.13
N LYS A 126 33.62 0.89 38.19
CA LYS A 126 34.05 0.00 39.25
C LYS A 126 35.54 -0.27 39.12
N MET A 127 36.16 0.29 38.09
CA MET A 127 37.60 0.14 37.89
C MET A 127 38.33 1.39 38.36
N GLY A 128 37.60 2.49 38.54
CA GLY A 128 38.20 3.75 38.95
C GLY A 128 39.03 4.34 37.83
N PRO A 129 39.91 5.32 38.15
CA PRO A 129 40.92 5.83 37.21
C PRO A 129 42.24 5.03 37.26
N VAL A 132 41.24 3.06 32.41
CA VAL A 132 40.42 3.52 31.27
C VAL A 132 40.29 5.04 31.25
N ASP A 133 40.74 5.66 30.16
CA ASP A 133 40.86 7.12 30.14
C ASP A 133 39.89 7.82 29.18
N TYR A 134 39.49 7.13 28.12
CA TYR A 134 38.44 7.61 27.25
C TYR A 134 37.64 6.40 26.73
N ILE A 135 36.51 6.66 26.09
CA ILE A 135 35.71 5.63 25.44
C ILE A 135 35.23 6.20 24.11
N GLY A 136 35.13 5.33 23.11
CA GLY A 136 34.45 5.65 21.87
C GLY A 136 33.07 5.08 22.00
N VAL A 137 32.05 5.89 21.77
CA VAL A 137 30.70 5.48 22.14
C VAL A 137 29.95 4.82 21.00
N GLY A 138 29.70 3.51 21.22
CA GLY A 138 28.98 2.58 20.36
C GLY A 138 29.21 2.87 18.92
N THR A 139 28.50 2.21 18.01
CA THR A 139 28.52 2.69 16.65
C THR A 139 27.22 3.44 16.40
N LEU A 140 27.28 4.76 16.40
CA LEU A 140 26.06 5.56 16.29
C LEU A 140 25.22 5.19 15.08
N PHE A 141 25.71 5.53 13.89
CA PHE A 141 25.00 5.23 12.66
C PHE A 141 25.62 4.03 11.93
N PRO A 142 24.85 3.39 11.04
CA PRO A 142 25.40 2.22 10.33
C PRO A 142 26.67 2.57 9.58
N THR A 143 27.78 1.93 9.96
CA THR A 143 29.05 2.05 9.25
C THR A 143 29.22 0.81 8.35
N LEU A 144 30.30 0.77 7.58
CA LEU A 144 30.60 -0.40 6.77
C LEU A 144 32.07 -0.77 6.99
N THR A 145 32.68 -0.12 7.99
CA THR A 145 34.09 -0.32 8.29
C THR A 145 34.29 -1.39 9.36
N LYS A 150 28.79 -6.88 15.54
CA LYS A 150 28.44 -7.17 16.94
C LYS A 150 27.02 -6.69 17.30
N LYS A 151 26.93 -5.50 17.90
CA LYS A 151 25.64 -4.85 18.19
C LYS A 151 25.23 -3.88 17.06
N ALA A 152 23.95 -3.55 16.99
CA ALA A 152 23.44 -2.68 15.92
C ALA A 152 23.50 -1.21 16.30
N PRO A 153 23.64 -0.32 15.29
CA PRO A 153 23.68 1.14 15.45
C PRO A 153 22.56 1.75 16.34
N MET A 154 22.98 2.65 17.23
CA MET A 154 22.14 3.10 18.32
C MET A 154 21.79 4.59 18.26
N GLY A 155 22.52 5.34 17.45
CA GLY A 155 22.24 6.76 17.27
C GLY A 155 22.42 7.58 18.52
N THR A 156 22.17 8.88 18.42
CA THR A 156 22.36 9.78 19.55
C THR A 156 21.66 9.30 20.82
N ALA A 157 20.46 8.71 20.68
CA ALA A 157 19.71 8.29 21.85
C ALA A 157 20.48 7.29 22.68
N GLY A 158 21.28 6.45 22.01
CA GLY A 158 22.08 5.44 22.67
C GLY A 158 23.35 6.05 23.22
N ALA A 159 23.87 7.05 22.51
CA ALA A 159 24.96 7.86 23.02
C ALA A 159 24.56 8.52 24.33
N ILE A 160 23.42 9.20 24.31
CA ILE A 160 22.93 9.91 25.49
C ILE A 160 22.79 8.97 26.68
N ARG A 161 22.33 7.75 26.46
CA ARG A 161 22.23 6.83 27.57
C ARG A 161 23.59 6.62 28.21
N VAL A 162 24.63 6.55 27.39
CA VAL A 162 25.97 6.33 27.89
C VAL A 162 26.55 7.55 28.60
N LEU A 163 26.32 8.74 28.05
CA LEU A 163 26.77 9.98 28.73
C LEU A 163 26.10 10.14 30.08
N ASP A 164 24.85 9.73 30.20
CA ASP A 164 24.17 9.82 31.48
C ASP A 164 24.74 8.85 32.53
N ALA A 165 25.19 7.69 32.09
CA ALA A 165 25.78 6.71 32.99
C ALA A 165 27.09 7.25 33.56
N LEU A 166 27.83 8.00 32.75
CA LEU A 166 29.07 8.60 33.20
C LEU A 166 28.75 9.59 34.29
N GLU A 167 27.68 10.33 34.06
CA GLU A 167 27.26 11.39 34.96
C GLU A 167 26.73 10.80 36.27
N ARG A 168 25.84 9.83 36.15
CA ARG A 168 25.31 9.14 37.33
C ARG A 168 26.42 8.49 38.14
N ASN A 169 27.40 7.91 37.44
CA ASN A 169 28.53 7.23 38.07
C ASN A 169 29.66 8.16 38.41
N ASN A 170 29.48 9.44 38.13
CA ASN A 170 30.50 10.46 38.43
C ASN A 170 31.88 10.06 37.95
N ALA A 171 31.96 9.44 36.77
CA ALA A 171 33.24 9.01 36.20
C ALA A 171 33.90 10.16 35.46
N HIS A 172 34.37 11.14 36.22
CA HIS A 172 34.90 12.39 35.68
C HIS A 172 36.19 12.20 34.88
N TRP A 173 36.98 11.20 35.24
CA TRP A 173 38.24 10.98 34.55
C TRP A 173 38.08 10.60 33.08
N CYS A 174 36.95 9.98 32.76
CA CYS A 174 36.74 9.40 31.44
C CYS A 174 36.23 10.38 30.39
N ARG A 175 36.99 10.58 29.31
CA ARG A 175 36.54 11.38 28.17
C ARG A 175 35.71 10.53 27.22
N THR A 176 35.10 11.16 26.21
CA THR A 176 34.31 10.41 25.23
C THR A 176 34.51 10.94 23.82
N VAL A 177 34.46 10.06 22.83
CA VAL A 177 34.32 10.48 21.43
C VAL A 177 33.19 9.69 20.76
N GLY A 178 32.52 10.29 19.79
CA GLY A 178 31.47 9.56 19.08
C GLY A 178 32.08 8.90 17.85
N ILE A 179 31.56 7.72 17.46
CA ILE A 179 32.11 6.99 16.31
C ILE A 179 31.11 6.10 15.54
N GLY A 180 31.28 6.06 14.21
CA GLY A 180 30.52 5.14 13.39
C GLY A 180 29.48 5.81 12.52
N GLY A 181 29.78 5.93 11.22
CA GLY A 181 28.82 6.47 10.28
C GLY A 181 28.87 7.98 10.22
N LEU A 182 29.87 8.55 10.88
CA LEU A 182 29.96 9.98 11.06
C LEU A 182 30.41 10.73 9.81
N HIS A 183 29.52 11.48 9.19
CA HIS A 183 29.87 12.33 8.06
C HIS A 183 29.23 13.72 8.17
N PRO A 184 29.62 14.65 7.27
CA PRO A 184 29.09 16.02 7.24
C PRO A 184 27.55 16.12 7.36
N ASP A 185 26.84 15.07 6.95
CA ASP A 185 25.38 15.11 6.96
C ASP A 185 24.74 14.72 8.32
N ASN A 186 25.56 14.47 9.33
CA ASN A 186 25.02 14.04 10.62
C ASN A 186 25.87 14.45 11.82
N ILE A 187 27.01 15.08 11.54
CA ILE A 187 27.90 15.47 12.61
C ILE A 187 27.27 16.52 13.51
N GLU A 188 26.84 17.64 12.93
CA GLU A 188 26.31 18.73 13.75
C GLU A 188 25.05 18.32 14.52
N ARG A 189 24.30 17.37 14.01
CA ARG A 189 23.17 16.83 14.77
C ARG A 189 23.64 15.89 15.89
N VAL A 190 24.68 15.11 15.63
CA VAL A 190 25.23 14.21 16.64
C VAL A 190 25.88 14.98 17.77
N LEU A 191 26.46 16.14 17.45
CA LEU A 191 27.19 16.93 18.42
C LEU A 191 26.19 17.78 19.19
N TYR A 192 25.14 18.17 18.49
CA TYR A 192 24.05 18.99 19.04
C TYR A 192 23.16 18.19 20.00
N GLN A 193 22.76 16.99 19.60
CA GLN A 193 21.92 16.18 20.47
C GLN A 193 22.62 15.11 21.32
N CYS A 194 23.94 15.00 21.24
CA CYS A 194 24.65 14.11 22.16
C CYS A 194 25.20 14.85 23.38
N VAL A 195 24.31 15.19 24.31
CA VAL A 195 24.70 15.75 25.60
C VAL A 195 23.93 15.08 26.72
N SER A 196 24.59 14.91 27.86
CA SER A 196 23.98 14.35 29.04
C SER A 196 22.63 15.00 29.39
N SER A 197 21.75 14.25 30.02
CA SER A 197 20.47 14.80 30.45
C SER A 197 20.55 15.99 31.42
N ASN A 198 21.71 16.19 32.05
CA ASN A 198 21.88 17.32 32.98
C ASN A 198 22.66 18.48 32.39
N GLY A 199 22.78 18.50 31.07
CA GLY A 199 23.47 19.58 30.39
C GLY A 199 24.96 19.72 30.65
N LYS A 200 25.49 18.86 31.52
CA LYS A 200 26.86 19.04 32.00
C LYS A 200 27.96 18.36 31.17
N ARG A 201 27.60 17.37 30.36
CA ARG A 201 28.61 16.63 29.61
C ARG A 201 28.21 16.38 28.16
N SER A 202 29.07 16.75 27.22
CA SER A 202 28.85 16.41 25.82
C SER A 202 30.03 15.62 25.24
N LEU A 203 29.94 15.19 23.99
CA LEU A 203 31.06 14.47 23.39
C LEU A 203 32.29 15.35 23.41
N ASP A 204 33.45 14.71 23.57
CA ASP A 204 34.72 15.42 23.65
C ASP A 204 35.35 15.57 22.28
N GLY A 205 34.85 14.81 21.33
CA GLY A 205 35.37 14.87 19.98
C GLY A 205 34.60 13.95 19.05
N ILE A 206 35.00 13.97 17.80
CA ILE A 206 34.33 13.18 16.80
C ILE A 206 35.34 12.35 16.08
N CYS A 207 34.96 11.11 15.76
CA CYS A 207 35.92 10.15 15.29
C CYS A 207 35.54 9.60 13.91
N VAL A 208 36.48 9.67 12.97
CA VAL A 208 36.21 9.20 11.61
C VAL A 208 37.24 8.24 11.06
N VAL A 209 36.78 7.37 10.16
CA VAL A 209 37.68 6.58 9.36
C VAL A 209 37.43 6.93 7.89
N SER A 210 36.38 6.35 7.33
CA SER A 210 36.12 6.44 5.90
C SER A 210 35.97 7.88 5.38
N ASP A 211 35.59 8.81 6.24
CA ASP A 211 35.35 10.16 5.74
C ASP A 211 36.63 10.84 5.28
N ILE A 212 37.75 10.46 5.89
CA ILE A 212 39.05 11.01 5.53
C ILE A 212 39.94 10.00 4.80
N ILE A 213 40.13 8.83 5.41
CA ILE A 213 40.99 7.82 4.82
C ILE A 213 40.61 7.55 3.36
N ALA A 214 39.32 7.39 3.10
CA ALA A 214 38.83 7.04 1.77
C ALA A 214 38.64 8.25 0.90
N SER A 215 39.24 9.36 1.27
CA SER A 215 38.94 10.62 0.59
C SER A 215 39.88 10.91 -0.56
N LEU A 216 39.31 11.35 -1.68
CA LEU A 216 40.12 11.76 -2.84
C LEU A 216 40.85 13.09 -2.56
N ASP A 217 40.20 13.97 -1.78
CA ASP A 217 40.85 15.16 -1.23
C ASP A 217 40.68 15.18 0.29
N ALA A 218 41.51 14.40 0.98
CA ALA A 218 41.47 14.30 2.43
C ALA A 218 41.82 15.61 3.11
N ALA A 219 42.37 16.55 2.36
CA ALA A 219 42.71 17.84 2.93
C ALA A 219 41.43 18.64 3.03
N LYS A 220 40.60 18.54 2.00
CA LYS A 220 39.32 19.24 1.98
C LYS A 220 38.38 18.61 2.99
N SER A 221 38.28 17.28 2.95
CA SER A 221 37.39 16.55 3.83
C SER A 221 37.64 16.92 5.29
N THR A 222 38.89 17.10 5.66
CA THR A 222 39.24 17.38 7.04
C THR A 222 38.86 18.80 7.44
N LYS A 223 39.10 19.74 6.54
CA LYS A 223 38.78 21.12 6.84
C LYS A 223 37.26 21.26 7.07
N ILE A 224 36.48 20.55 6.26
CA ILE A 224 35.02 20.55 6.40
C ILE A 224 34.61 20.03 7.77
N LEU A 225 35.19 18.91 8.19
CA LEU A 225 34.90 18.36 9.50
C LEU A 225 35.35 19.33 10.58
N ARG A 226 36.45 20.01 10.34
CA ARG A 226 36.95 20.94 11.34
C ARG A 226 36.01 22.10 11.56
N GLY A 227 35.50 22.69 10.47
CA GLY A 227 34.51 23.75 10.57
C GLY A 227 33.30 23.29 11.35
N LEU A 228 32.67 22.21 10.87
CA LEU A 228 31.57 21.54 11.58
C LEU A 228 31.81 21.37 13.07
N ILE A 229 33.02 20.96 13.46
CA ILE A 229 33.26 20.58 14.84
C ILE A 229 33.49 21.78 15.75
N ASP A 230 34.13 22.83 15.26
CA ASP A 230 34.42 23.94 16.17
C ASP A 230 33.50 25.17 15.98
N LYS A 231 32.43 24.97 15.22
CA LYS A 231 31.29 25.86 15.19
C LYS A 231 30.48 25.57 16.46
N THR A 232 29.52 26.42 16.83
CA THR A 232 28.74 26.19 18.04
C THR A 232 27.22 26.32 17.82
N ASP A 233 26.81 26.36 16.57
CA ASP A 233 25.48 26.79 16.23
C ASP A 233 24.90 25.91 15.12
N TYR A 234 23.82 25.21 15.43
CA TYR A 234 23.20 24.31 14.47
C TYR A 234 21.85 24.80 13.95
N LYS A 235 21.86 25.57 12.87
CA LYS A 235 20.61 26.04 12.26
C LYS A 235 19.90 24.93 11.49
N PHE A 236 19.09 24.11 12.16
CA PHE A 236 18.47 22.96 11.49
C PHE A 236 17.18 23.32 10.75
N VAL A 237 16.56 24.42 11.15
CA VAL A 237 15.37 24.93 10.48
C VAL A 237 15.48 26.43 10.26
N ASN A 238 14.99 26.89 9.12
CA ASN A 238 15.03 28.31 8.79
C ASN A 238 13.94 29.13 9.51
N ILE A 239 13.89 29.02 10.84
CA ILE A 239 12.98 29.75 11.69
C ILE A 239 13.69 29.97 13.00
N GLY A 240 13.56 31.15 13.60
CA GLY A 240 14.24 31.46 14.85
C GLY A 240 13.98 30.51 16.00
N LEU A 241 15.02 30.26 16.79
CA LEU A 241 14.94 29.29 17.89
C LEU A 241 15.24 29.91 19.23
N SER A 242 15.12 31.23 19.32
CA SER A 242 15.46 31.93 20.54
C SER A 242 14.63 31.41 21.71
N THR A 243 15.23 31.40 22.90
CA THR A 243 14.50 30.95 24.10
C THR A 243 13.51 32.01 24.56
N LYS A 244 12.33 31.56 24.94
CA LYS A 244 11.24 32.45 25.30
C LYS A 244 10.66 32.13 26.69
N ASN A 245 10.91 33.03 27.65
CA ASN A 245 10.38 32.89 29.00
C ASN A 245 8.96 33.43 29.10
N SER A 246 8.68 34.45 28.30
CA SER A 246 7.40 35.15 28.36
C SER A 246 6.34 34.37 27.59
N LEU A 247 5.21 34.13 28.24
CA LEU A 247 4.03 33.56 27.56
C LEU A 247 3.81 34.14 26.17
N THR A 248 3.24 33.34 25.30
CA THR A 248 3.02 33.74 23.93
C THR A 248 1.85 34.68 23.93
N THR A 249 2.06 35.90 23.43
CA THR A 249 1.04 36.94 23.55
C THR A 249 0.03 36.84 22.42
N THR A 250 -1.17 37.33 22.70
CA THR A 250 -2.24 37.42 21.73
C THR A 250 -1.82 38.16 20.46
N ASP A 251 -0.97 39.15 20.60
CA ASP A 251 -0.43 39.83 19.43
C ASP A 251 0.37 38.85 18.56
N GLU A 252 1.22 38.05 19.22
CA GLU A 252 2.06 37.05 18.55
C GLU A 252 1.23 35.97 17.86
N ILE A 253 0.30 35.36 18.60
CA ILE A 253 -0.53 34.31 18.03
C ILE A 253 -1.22 34.84 16.80
N GLN A 254 -1.61 36.11 16.84
CA GLN A 254 -2.32 36.70 15.73
C GLN A 254 -1.37 36.90 14.55
N SER A 255 -0.08 36.99 14.84
CA SER A 255 0.87 37.24 13.78
C SER A 255 1.27 35.94 13.11
N ILE A 256 1.31 34.86 13.89
CA ILE A 256 1.55 33.53 13.35
C ILE A 256 0.49 33.22 12.31
N ILE A 257 -0.77 33.19 12.75
CA ILE A 257 -1.90 32.93 11.85
C ILE A 257 -1.87 33.80 10.59
N SER A 258 -1.62 35.09 10.75
CA SER A 258 -1.51 35.98 9.61
C SER A 258 -0.47 35.44 8.65
N ASN A 259 0.72 35.23 9.19
CA ASN A 259 1.88 34.76 8.43
C ASN A 259 1.65 33.47 7.67
N THR A 260 0.92 32.54 8.28
CA THR A 260 0.60 31.30 7.59
C THR A 260 -0.49 31.45 6.52
N LEU A 261 -1.47 32.31 6.73
CA LEU A 261 -2.48 32.53 5.69
C LEU A 261 -1.82 33.10 4.45
N LYS A 262 -0.83 33.97 4.68
CA LYS A 262 -0.11 34.65 3.61
C LYS A 262 0.83 33.71 2.87
N ALA A 263 1.75 33.08 3.60
CA ALA A 263 2.66 32.11 3.03
C ALA A 263 1.91 31.01 2.28
N ARG A 264 0.80 30.56 2.85
CA ARG A 264 0.04 29.42 2.31
C ARG A 264 0.97 28.22 2.13
N PRO A 265 1.44 27.65 3.26
CA PRO A 265 2.46 26.60 3.32
C PRO A 265 2.02 25.27 2.74
N LEU A 266 2.88 24.71 1.90
CA LEU A 266 2.73 23.36 1.42
C LEU A 266 3.03 22.42 2.60
N VAL A 267 2.06 21.58 2.96
CA VAL A 267 2.23 20.68 4.08
C VAL A 267 2.16 19.24 3.62
N GLN A 268 3.32 18.60 3.50
CA GLN A 268 3.36 17.21 3.07
C GLN A 268 3.05 16.27 4.22
N HIS A 269 2.01 15.46 4.03
CA HIS A 269 1.57 14.51 5.03
C HIS A 269 2.05 13.12 4.68
N ILE A 270 2.68 12.46 5.65
CA ILE A 270 3.01 11.06 5.53
C ILE A 270 2.40 10.46 6.78
N THR A 271 1.30 9.76 6.63
CA THR A 271 0.43 9.56 7.76
C THR A 271 -0.49 8.37 7.50
N ASN A 272 -0.97 7.73 8.56
CA ASN A 272 -1.87 6.59 8.41
C ASN A 272 -3.04 6.96 7.53
N LYS A 273 -3.86 5.97 7.18
CA LYS A 273 -4.98 6.20 6.28
C LYS A 273 -6.14 6.96 6.94
N VAL A 274 -6.42 6.65 8.20
CA VAL A 274 -7.53 7.28 8.91
C VAL A 274 -7.39 8.81 9.04
N HIS A 275 -6.16 9.29 8.97
CA HIS A 275 -5.87 10.70 9.10
C HIS A 275 -5.88 11.45 7.75
N GLN A 276 -5.69 10.74 6.64
CA GLN A 276 -5.45 11.40 5.35
C GLN A 276 -6.47 12.49 5.06
N ASN A 277 -7.75 12.13 5.09
CA ASN A 277 -8.79 13.07 4.71
C ASN A 277 -9.02 14.15 5.77
N PHE A 278 -9.18 13.72 7.00
CA PHE A 278 -9.33 14.64 8.11
C PHE A 278 -8.20 15.66 8.09
N GLY A 279 -6.96 15.17 8.06
CA GLY A 279 -5.79 16.01 8.11
C GLY A 279 -5.65 16.91 6.91
N ALA A 280 -6.14 16.47 5.76
CA ALA A 280 -6.08 17.32 4.60
C ALA A 280 -7.04 18.50 4.79
N ASN A 281 -8.21 18.23 5.36
CA ASN A 281 -9.21 19.28 5.56
C ASN A 281 -8.83 20.28 6.66
N VAL A 282 -8.23 19.79 7.73
CA VAL A 282 -7.76 20.66 8.78
C VAL A 282 -6.73 21.57 8.16
N THR A 283 -5.98 21.03 7.22
CA THR A 283 -4.88 21.78 6.62
C THR A 283 -5.40 22.94 5.80
N LEU A 284 -6.30 22.69 4.85
CA LEU A 284 -6.76 23.79 4.05
C LEU A 284 -7.87 24.61 4.75
N ALA A 285 -8.28 24.16 5.94
CA ALA A 285 -9.06 25.00 6.84
C ALA A 285 -8.18 26.12 7.34
N LEU A 286 -6.89 25.85 7.44
CA LEU A 286 -5.95 26.83 7.97
C LEU A 286 -5.27 27.61 6.85
N GLY A 287 -5.83 27.51 5.65
CA GLY A 287 -5.46 28.40 4.57
C GLY A 287 -4.10 28.10 3.99
N SER A 288 -3.70 26.84 4.10
CA SER A 288 -2.50 26.35 3.43
C SER A 288 -2.91 25.11 2.62
N SER A 289 -1.96 24.49 1.91
CA SER A 289 -2.30 23.37 1.03
C SER A 289 -1.58 22.09 1.41
N PRO A 290 -2.31 20.98 1.48
CA PRO A 290 -1.72 19.71 1.87
C PRO A 290 -1.34 18.86 0.65
N ILE A 291 -0.32 18.03 0.79
CA ILE A 291 -0.03 17.01 -0.20
C ILE A 291 0.19 15.71 0.51
N MET A 292 -0.50 14.67 0.06
CA MET A 292 -0.31 13.35 0.62
C MET A 292 0.53 12.45 -0.30
N SER A 293 1.79 12.83 -0.49
CA SER A 293 2.72 12.05 -1.33
C SER A 293 3.66 11.16 -0.52
N GLU A 294 3.70 9.89 -0.90
CA GLU A 294 4.57 8.93 -0.25
C GLU A 294 5.58 8.42 -1.27
N ILE A 295 6.00 9.29 -2.17
CA ILE A 295 6.85 8.91 -3.30
C ILE A 295 8.27 9.47 -3.21
N GLN A 296 9.25 8.61 -2.93
CA GLN A 296 10.67 9.01 -2.85
C GLN A 296 11.16 9.98 -3.92
N SER A 297 10.90 9.67 -5.19
CA SER A 297 11.42 10.49 -6.30
C SER A 297 10.94 11.95 -6.28
N GLU A 298 9.82 12.17 -5.60
CA GLU A 298 9.23 13.50 -5.53
C GLU A 298 9.76 14.32 -4.35
N VAL A 299 10.10 13.63 -3.26
CA VAL A 299 10.36 14.29 -1.98
C VAL A 299 11.27 15.49 -2.11
N ASN A 300 12.31 15.35 -2.93
CA ASN A 300 13.28 16.42 -3.08
C ASN A 300 12.70 17.70 -3.68
N ASP A 301 11.96 17.58 -4.78
CA ASP A 301 11.42 18.76 -5.45
C ASP A 301 10.23 19.30 -4.67
N LEU A 302 9.56 18.41 -3.95
CA LEU A 302 8.46 18.80 -3.07
C LEU A 302 8.93 19.75 -1.96
N ALA A 303 10.03 19.41 -1.32
CA ALA A 303 10.58 20.18 -0.21
C ALA A 303 11.30 21.44 -0.66
N ALA A 304 11.49 21.60 -1.96
CA ALA A 304 12.18 22.78 -2.48
C ALA A 304 11.20 23.94 -2.51
N ILE A 305 9.92 23.60 -2.60
CA ILE A 305 8.84 24.58 -2.60
C ILE A 305 8.87 25.48 -1.37
N PRO A 306 8.74 26.79 -1.57
CA PRO A 306 8.74 27.78 -0.49
C PRO A 306 7.73 27.46 0.61
N HIS A 307 8.22 27.43 1.84
CA HIS A 307 7.39 27.19 3.03
C HIS A 307 6.92 25.73 3.18
N ALA A 308 7.48 24.84 2.39
CA ALA A 308 7.22 23.41 2.54
C ALA A 308 7.43 22.98 3.99
N THR A 309 6.65 21.98 4.41
CA THR A 309 6.66 21.53 5.78
C THR A 309 6.23 20.07 5.77
N LEU A 310 6.80 19.26 6.66
CA LEU A 310 6.53 17.83 6.66
C LEU A 310 5.94 17.33 7.98
N LEU A 311 4.77 16.73 7.90
CA LEU A 311 4.14 16.12 9.06
C LEU A 311 4.37 14.65 8.91
N LEU A 312 4.97 14.03 9.92
CA LEU A 312 5.37 12.65 9.80
C LEU A 312 4.68 11.80 10.84
N ASN A 313 3.67 11.05 10.40
CA ASN A 313 3.04 10.06 11.24
C ASN A 313 3.57 8.65 11.07
N THR A 314 3.71 7.99 12.20
CA THR A 314 4.22 6.64 12.27
C THR A 314 3.08 5.66 12.08
N GLY A 315 3.41 4.45 11.62
CA GLY A 315 2.39 3.48 11.29
C GLY A 315 2.16 3.49 9.78
N SER A 316 1.98 4.71 9.25
CA SER A 316 1.97 4.97 7.81
C SER A 316 2.62 3.83 7.02
N VAL A 317 1.92 3.35 6.01
CA VAL A 317 2.36 2.19 5.21
C VAL A 317 3.82 2.29 4.73
N ALA A 318 4.24 3.51 4.42
CA ALA A 318 5.54 3.80 3.81
C ALA A 318 6.70 2.97 4.34
N PRO A 319 7.59 2.56 3.43
CA PRO A 319 8.83 1.83 3.72
C PRO A 319 9.83 2.75 4.40
N PRO A 320 10.49 2.29 5.46
CA PRO A 320 11.50 3.09 6.16
C PRO A 320 12.49 3.74 5.20
N GLU A 321 12.71 3.16 4.02
CA GLU A 321 13.58 3.78 3.03
C GLU A 321 13.09 5.17 2.65
N MET A 322 11.81 5.27 2.23
CA MET A 322 11.29 6.55 1.78
C MET A 322 11.26 7.54 2.94
N LEU A 323 10.92 7.05 4.12
CA LEU A 323 10.88 7.88 5.32
C LEU A 323 12.23 8.51 5.58
N LYS A 324 13.31 7.73 5.50
CA LYS A 324 14.65 8.29 5.69
C LYS A 324 14.89 9.37 4.63
N ALA A 325 14.51 9.06 3.39
CA ALA A 325 14.77 9.98 2.28
C ALA A 325 14.03 11.32 2.45
N ALA A 326 12.81 11.26 2.97
CA ALA A 326 12.02 12.46 3.20
C ALA A 326 12.64 13.30 4.31
N ILE A 327 12.79 12.70 5.49
CA ILE A 327 13.40 13.37 6.63
C ILE A 327 14.65 14.14 6.22
N ARG A 328 15.55 13.48 5.51
CA ARG A 328 16.81 14.09 5.07
C ARG A 328 16.56 15.19 4.04
N ALA A 329 15.53 15.02 3.23
CA ALA A 329 15.21 15.98 2.19
C ALA A 329 14.76 17.31 2.79
N TYR A 330 14.06 17.25 3.92
CA TYR A 330 13.61 18.47 4.57
C TYR A 330 14.71 19.09 5.43
N ASN A 331 15.50 18.25 6.10
CA ASN A 331 16.64 18.75 6.87
C ASN A 331 17.70 19.36 5.96
N ASP A 332 17.90 18.73 4.81
CA ASP A 332 18.84 19.22 3.79
C ASP A 332 18.54 20.64 3.36
N VAL A 333 17.29 21.06 3.54
CA VAL A 333 16.81 22.33 3.01
C VAL A 333 16.34 23.23 4.16
N LYS A 334 16.44 22.71 5.38
CA LYS A 334 16.14 23.48 6.59
C LYS A 334 14.67 23.84 6.71
N ARG A 335 13.82 22.95 6.25
CA ARG A 335 12.38 23.05 6.45
C ARG A 335 11.96 22.19 7.65
N PRO A 336 10.97 22.67 8.42
CA PRO A 336 10.52 22.01 9.66
C PRO A 336 9.89 20.63 9.44
N ILE A 337 10.06 19.76 10.42
CA ILE A 337 9.42 18.45 10.41
C ILE A 337 8.70 18.26 11.72
N VAL A 338 7.46 17.82 11.65
CA VAL A 338 6.68 17.54 12.84
C VAL A 338 6.48 16.04 12.95
N PHE A 339 6.94 15.47 14.05
CA PHE A 339 6.97 14.03 14.20
C PHE A 339 5.94 13.58 15.23
N ASP A 340 5.06 12.67 14.85
CA ASP A 340 4.06 12.12 15.76
C ASP A 340 4.24 10.61 15.84
N PRO A 341 4.93 10.15 16.88
CA PRO A 341 5.16 8.72 17.07
C PRO A 341 3.94 8.01 17.64
N VAL A 342 3.06 7.54 16.76
CA VAL A 342 1.85 6.84 17.16
C VAL A 342 2.13 5.84 18.27
N GLY A 343 1.19 5.67 19.18
CA GLY A 343 1.34 4.75 20.28
C GLY A 343 2.51 3.81 20.10
N TYR A 344 3.54 4.29 19.40
CA TYR A 344 4.73 3.49 19.16
C TYR A 344 5.07 2.60 20.35
N SER A 345 5.20 3.22 21.52
CA SER A 345 5.52 2.48 22.74
C SER A 345 4.39 1.53 23.12
N ALA A 346 3.86 0.83 22.11
CA ALA A 346 2.78 -0.13 22.34
C ALA A 346 3.19 -1.53 21.94
N THR A 347 4.02 -1.63 20.91
CA THR A 347 4.49 -2.92 20.43
C THR A 347 5.97 -2.79 20.14
N GLU A 348 6.73 -3.83 20.43
CA GLU A 348 8.15 -3.87 20.10
C GLU A 348 8.36 -3.37 18.66
N THR A 349 7.48 -3.75 17.76
CA THR A 349 7.60 -3.32 16.37
C THR A 349 7.61 -1.80 16.13
N ARG A 350 6.67 -1.08 16.74
CA ARG A 350 6.61 0.39 16.60
C ARG A 350 7.74 1.07 17.36
N LEU A 351 8.14 0.47 18.48
CA LEU A 351 9.29 0.95 19.25
C LEU A 351 10.54 0.96 18.40
N LEU A 352 10.82 -0.17 17.74
CA LEU A 352 11.88 -0.28 16.76
C LEU A 352 11.81 0.83 15.72
N LEU A 353 10.71 0.85 14.97
CA LEU A 353 10.56 1.76 13.84
C LEU A 353 10.74 3.26 14.17
N ASN A 354 10.14 3.72 15.27
CA ASN A 354 10.27 5.10 15.70
C ASN A 354 11.67 5.45 16.20
N ASN A 355 12.27 4.52 16.92
CA ASN A 355 13.63 4.74 17.37
C ASN A 355 14.56 4.91 16.17
N LYS A 356 14.33 4.14 15.12
CA LYS A 356 15.14 4.21 13.92
C LYS A 356 14.88 5.53 13.19
N LEU A 357 13.61 5.85 13.02
CA LEU A 357 13.25 7.13 12.43
C LEU A 357 13.90 8.28 13.16
N LEU A 358 13.95 8.21 14.49
CA LEU A 358 14.51 9.28 15.29
C LEU A 358 16.01 9.46 15.09
N THR A 359 16.67 8.48 14.46
CA THR A 359 18.08 8.62 14.14
C THR A 359 18.34 9.21 12.75
N PHE A 360 17.29 9.49 11.97
CA PHE A 360 17.45 9.91 10.58
C PHE A 360 17.58 11.42 10.34
N GLY A 361 17.23 12.22 11.35
CA GLY A 361 17.25 13.66 11.17
C GLY A 361 16.88 14.47 12.40
N GLN A 362 16.78 15.78 12.23
CA GLN A 362 16.39 16.68 13.31
C GLN A 362 14.96 17.14 13.15
N PHE A 363 14.18 16.94 14.20
CA PHE A 363 12.76 17.31 14.17
C PHE A 363 12.51 18.65 14.85
N SER A 364 11.64 19.46 14.25
CA SER A 364 11.27 20.74 14.83
C SER A 364 10.41 20.49 16.06
N CYS A 365 9.45 19.58 15.93
CA CYS A 365 8.51 19.30 17.00
C CYS A 365 8.18 17.84 17.08
N ILE A 366 8.09 17.33 18.29
CA ILE A 366 7.64 15.95 18.52
C ILE A 366 6.38 15.98 19.38
N LYS A 367 5.30 15.40 18.88
CA LYS A 367 3.98 15.51 19.49
C LYS A 367 3.45 14.12 19.85
N GLY A 368 2.92 13.94 21.06
CA GLY A 368 2.37 12.65 21.43
C GLY A 368 1.44 12.70 22.62
N ASN A 369 0.65 11.64 22.82
CA ASN A 369 -0.24 11.59 23.97
C ASN A 369 0.57 11.25 25.19
N SER A 370 -0.09 10.92 26.30
CA SER A 370 0.64 10.66 27.53
C SER A 370 1.49 9.39 27.42
N SER A 371 0.88 8.28 27.02
CA SER A 371 1.61 7.03 26.82
C SER A 371 2.89 7.23 26.02
N GLU A 372 2.79 7.89 24.87
CA GLU A 372 3.92 8.04 23.96
C GLU A 372 5.01 8.90 24.59
N ILE A 373 4.63 10.06 25.10
CA ILE A 373 5.58 10.95 25.75
C ILE A 373 6.29 10.32 26.96
N LEU A 374 5.60 9.46 27.71
CA LEU A 374 6.27 8.76 28.82
C LEU A 374 7.23 7.70 28.29
N GLY A 375 6.92 7.16 27.12
CA GLY A 375 7.80 6.19 26.48
C GLY A 375 9.10 6.84 26.03
N LEU A 376 8.97 7.90 25.24
CA LEU A 376 10.11 8.64 24.72
C LEU A 376 10.95 9.25 25.82
N ALA A 377 10.35 9.53 26.97
CA ALA A 377 11.09 10.03 28.12
C ALA A 377 11.85 8.88 28.76
N GLU A 378 11.72 7.69 28.17
CA GLU A 378 12.38 6.49 28.68
C GLU A 378 12.00 6.31 30.15
N LEU A 379 10.72 6.54 30.44
CA LEU A 379 10.14 6.49 31.80
C LEU A 379 11.11 6.01 32.89
N SER A 394 -0.79 11.19 36.29
CA SER A 394 -0.48 12.41 37.03
C SER A 394 -0.29 13.60 36.09
N ASN A 395 0.26 14.70 36.59
CA ASN A 395 0.44 15.92 35.79
C ASN A 395 1.86 16.52 35.87
N GLU A 396 2.46 16.43 37.05
CA GLU A 396 3.83 16.90 37.20
C GLU A 396 4.72 15.98 36.40
N LEU A 397 4.44 14.69 36.51
CA LEU A 397 5.17 13.64 35.83
C LEU A 397 5.13 13.85 34.31
N LEU A 398 3.95 14.20 33.79
CA LEU A 398 3.78 14.51 32.38
C LEU A 398 4.57 15.74 31.99
N ILE A 399 4.72 16.67 32.94
CA ILE A 399 5.49 17.86 32.70
C ILE A 399 6.98 17.56 32.77
N GLN A 400 7.36 16.65 33.65
CA GLN A 400 8.74 16.22 33.74
C GLN A 400 9.09 15.45 32.46
N ALA A 401 8.19 14.58 32.03
CA ALA A 401 8.41 13.79 30.82
C ALA A 401 8.48 14.65 29.57
N THR A 402 7.53 15.56 29.37
CA THR A 402 7.56 16.43 28.21
C THR A 402 8.87 17.21 28.12
N LYS A 403 9.49 17.52 29.26
CA LYS A 403 10.70 18.33 29.23
C LYS A 403 11.86 17.45 28.80
N ILE A 404 11.79 16.19 29.21
CA ILE A 404 12.82 15.21 28.90
C ILE A 404 12.83 14.97 27.40
N VAL A 405 11.67 14.70 26.84
CA VAL A 405 11.59 14.48 25.42
C VAL A 405 12.08 15.71 24.68
N ALA A 406 11.66 16.89 25.10
CA ALA A 406 12.07 18.10 24.41
C ALA A 406 13.58 18.18 24.38
N PHE A 407 14.20 17.86 25.52
CA PHE A 407 15.64 18.04 25.63
C PHE A 407 16.42 16.93 24.95
N LYS A 408 16.00 15.69 25.21
CA LYS A 408 16.60 14.50 24.60
C LYS A 408 16.81 14.68 23.11
N TYR A 409 15.75 15.11 22.42
CA TYR A 409 15.78 15.22 20.96
C TYR A 409 16.06 16.63 20.46
N LYS A 410 16.41 17.51 21.39
CA LYS A 410 16.65 18.92 21.07
C LYS A 410 15.52 19.44 20.21
N THR A 411 14.35 19.56 20.82
CA THR A 411 13.14 19.72 20.04
C THR A 411 12.06 20.40 20.86
N VAL A 412 11.02 20.92 20.19
CA VAL A 412 9.82 21.35 20.89
C VAL A 412 8.87 20.18 21.03
N ALA A 413 8.72 19.63 22.23
CA ALA A 413 7.83 18.52 22.44
C ALA A 413 6.44 18.94 22.94
N VAL A 414 5.41 18.28 22.47
CA VAL A 414 4.06 18.55 22.91
C VAL A 414 3.41 17.29 23.48
N CYS A 415 2.92 17.36 24.71
CA CYS A 415 2.20 16.23 25.32
C CYS A 415 0.73 16.56 25.44
N THR A 416 -0.11 15.95 24.59
CA THR A 416 -1.54 16.24 24.56
C THR A 416 -2.35 15.52 25.63
N GLY A 417 -3.35 16.21 26.16
CA GLY A 417 -4.24 15.68 27.17
C GLY A 417 -5.27 16.75 27.48
N GLU A 418 -5.87 16.69 28.66
CA GLU A 418 -6.76 17.77 29.09
C GLU A 418 -5.98 19.07 29.10
N PHE A 419 -4.78 19.03 29.66
CA PHE A 419 -3.80 20.06 29.45
C PHE A 419 -2.86 19.57 28.34
N ASP A 420 -2.52 20.47 27.41
CA ASP A 420 -1.48 20.17 26.45
C ASP A 420 -0.23 20.84 27.01
N PHE A 421 0.89 20.13 27.05
CA PHE A 421 2.12 20.71 27.57
C PHE A 421 3.12 20.92 26.45
N ILE A 422 3.79 22.06 26.44
CA ILE A 422 4.74 22.33 25.36
C ILE A 422 6.08 22.74 25.94
N ALA A 423 7.10 21.91 25.76
CA ALA A 423 8.46 22.24 26.21
C ALA A 423 9.35 22.63 25.03
N ASP A 424 10.38 23.44 25.29
CA ASP A 424 11.29 23.87 24.21
C ASP A 424 12.75 23.44 24.49
N GLY A 425 13.17 22.33 23.89
CA GLY A 425 14.49 21.78 24.18
C GLY A 425 15.60 22.17 23.21
N THR A 426 15.36 23.18 22.39
CA THR A 426 16.25 23.53 21.29
C THR A 426 17.51 24.30 21.69
N ILE A 427 17.48 24.97 22.84
CA ILE A 427 18.61 25.79 23.32
C ILE A 427 19.23 26.68 22.24
N GLU A 428 18.42 27.18 21.33
CA GLU A 428 18.88 28.17 20.35
C GLU A 428 19.87 27.61 19.32
N GLY A 429 19.95 26.29 19.23
CA GLY A 429 20.80 25.63 18.24
C GLY A 429 22.24 25.44 18.69
N LYS A 430 22.51 25.84 19.92
CA LYS A 430 23.88 25.81 20.45
C LYS A 430 24.38 24.40 20.71
N TYR A 431 25.64 24.18 20.35
CA TYR A 431 26.35 22.99 20.79
C TYR A 431 27.82 23.29 21.03
N SER A 432 28.43 22.53 21.95
CA SER A 432 29.85 22.65 22.20
C SER A 432 30.46 21.27 22.43
N LEU A 433 31.77 21.19 22.49
CA LEU A 433 32.40 19.92 22.81
C LEU A 433 32.61 19.85 24.32
N SER A 434 32.28 18.69 24.89
CA SER A 434 32.52 18.39 26.31
C SER A 434 31.97 19.32 27.39
N LYS A 435 31.52 20.52 27.03
CA LYS A 435 31.15 21.56 28.02
C LYS A 435 30.02 21.19 29.01
N GLY A 436 28.85 20.77 28.54
CA GLY A 436 28.54 20.71 27.13
C GLY A 436 27.36 21.59 26.80
N THR A 437 26.74 22.18 27.82
CA THR A 437 25.59 23.04 27.61
C THR A 437 25.70 24.32 28.45
N ASN A 438 25.22 25.42 27.91
CA ASN A 438 25.23 26.69 28.66
C ASN A 438 24.27 26.62 29.85
N GLY A 439 24.57 25.77 30.83
CA GLY A 439 23.70 25.58 31.99
C GLY A 439 22.21 25.41 31.68
N THR A 440 21.87 24.31 31.04
CA THR A 440 20.48 24.06 30.66
C THR A 440 20.20 22.56 30.73
N SER A 441 19.54 22.11 31.78
CA SER A 441 19.29 20.68 31.92
C SER A 441 17.90 20.26 31.43
N VAL A 442 17.67 18.95 31.41
CA VAL A 442 16.36 18.35 31.17
C VAL A 442 15.32 19.04 32.04
N GLU A 443 15.80 19.68 33.11
CA GLU A 443 14.98 20.11 34.22
C GLU A 443 14.61 21.58 34.18
N ASP A 444 15.22 22.34 33.27
CA ASP A 444 14.91 23.77 33.23
C ASP A 444 14.90 24.41 31.84
N ILE A 445 14.33 23.71 30.88
CA ILE A 445 13.91 24.32 29.63
C ILE A 445 12.50 24.91 29.84
N PRO A 446 12.14 25.93 29.07
CA PRO A 446 10.82 26.54 29.30
C PRO A 446 9.69 25.55 28.94
N CYS A 447 8.73 25.37 29.82
CA CYS A 447 7.62 24.48 29.56
C CYS A 447 6.29 25.09 29.99
N VAL A 448 5.48 25.47 29.00
CA VAL A 448 4.21 26.12 29.23
C VAL A 448 3.07 25.11 29.22
N ALA A 449 1.84 25.62 29.28
CA ALA A 449 0.64 24.77 29.42
C ALA A 449 -0.58 25.42 28.74
N VAL A 450 -1.47 24.59 28.23
CA VAL A 450 -2.65 25.06 27.51
C VAL A 450 -3.85 24.24 27.93
N GLU A 451 -4.94 24.91 28.28
CA GLU A 451 -6.13 24.25 28.81
C GLU A 451 -7.39 25.09 28.68
N ALA A 452 -8.50 24.42 28.37
CA ALA A 452 -9.78 25.08 28.22
C ALA A 452 -10.89 24.23 28.85
N GLY A 453 -10.55 23.59 29.97
CA GLY A 453 -11.49 22.74 30.69
C GLY A 453 -11.47 21.33 30.12
N PRO A 454 -12.22 20.41 30.74
CA PRO A 454 -12.43 19.05 30.22
C PRO A 454 -13.31 19.07 28.98
N ILE A 455 -12.84 18.41 27.94
CA ILE A 455 -13.56 18.29 26.69
C ILE A 455 -13.32 16.87 26.21
N GLU A 456 -13.82 15.90 26.97
CA GLU A 456 -13.59 14.49 26.67
C GLU A 456 -13.86 14.14 25.22
N ILE A 457 -14.84 14.81 24.62
CA ILE A 457 -15.24 14.53 23.24
C ILE A 457 -14.11 14.70 22.21
N MET A 458 -13.05 15.46 22.55
CA MET A 458 -11.94 15.59 21.61
C MET A 458 -11.19 14.27 21.39
N GLY A 459 -11.36 13.34 22.33
CA GLY A 459 -10.71 12.05 22.24
C GLY A 459 -11.66 10.96 21.77
N ASP A 460 -12.87 11.36 21.39
CA ASP A 460 -13.86 10.41 20.88
C ASP A 460 -14.03 10.55 19.36
N ILE A 461 -12.99 11.09 18.73
CA ILE A 461 -12.92 11.21 17.26
C ILE A 461 -11.47 10.90 16.81
N THR A 462 -11.34 10.18 15.69
CA THR A 462 -10.04 9.64 15.27
C THR A 462 -9.04 10.69 14.79
N ALA A 463 -7.76 10.43 15.07
CA ALA A 463 -6.67 11.33 14.69
C ALA A 463 -6.86 12.76 15.23
N SER A 464 -7.51 12.90 16.38
CA SER A 464 -7.54 14.17 17.07
C SER A 464 -6.12 14.71 17.17
N GLY A 465 -5.21 13.85 17.64
CA GLY A 465 -3.82 14.19 17.79
C GLY A 465 -3.09 14.35 16.47
N CYS A 466 -3.45 13.52 15.49
CA CYS A 466 -2.85 13.65 14.16
C CYS A 466 -3.18 15.04 13.58
N SER A 467 -4.45 15.44 13.71
CA SER A 467 -4.93 16.75 13.24
C SER A 467 -4.37 17.92 14.04
N LEU A 468 -4.12 17.70 15.32
CA LEU A 468 -3.31 18.64 16.08
C LEU A 468 -1.98 18.86 15.35
N GLY A 469 -1.36 17.76 14.92
CA GLY A 469 -0.11 17.81 14.16
C GLY A 469 -0.22 18.61 12.87
N SER A 470 -1.31 18.45 12.14
CA SER A 470 -1.56 19.25 10.95
C SER A 470 -1.57 20.74 11.30
N THR A 471 -2.25 21.10 12.39
CA THR A 471 -2.38 22.50 12.78
C THR A 471 -1.02 23.09 13.14
N ILE A 472 -0.26 22.37 13.95
CA ILE A 472 1.09 22.78 14.30
C ILE A 472 1.95 22.98 13.05
N ALA A 473 1.91 22.01 12.13
CA ALA A 473 2.71 22.07 10.91
C ALA A 473 2.42 23.36 10.15
N CYS A 474 1.14 23.70 10.02
CA CYS A 474 0.75 24.90 9.27
C CYS A 474 1.26 26.16 9.95
N MET A 475 1.04 26.24 11.26
CA MET A 475 1.52 27.36 12.04
C MET A 475 3.04 27.48 11.87
N ILE A 476 3.77 26.40 12.13
CA ILE A 476 5.21 26.41 11.93
C ILE A 476 5.52 26.67 10.47
N GLY A 477 4.69 26.15 9.58
CA GLY A 477 4.95 26.22 8.15
C GLY A 477 5.14 27.64 7.64
N GLY A 478 4.20 28.52 7.99
CA GLY A 478 4.19 29.88 7.47
C GLY A 478 5.15 30.85 8.12
N GLN A 479 5.88 30.38 9.12
CA GLN A 479 6.87 31.23 9.79
C GLN A 479 8.03 31.67 8.89
N PRO A 480 8.41 32.95 9.01
CA PRO A 480 9.51 33.59 8.29
C PRO A 480 10.85 33.29 8.92
N SER A 481 11.90 33.82 8.31
CA SER A 481 13.24 33.66 8.82
C SER A 481 13.33 34.21 10.25
N GLU A 482 12.58 35.28 10.51
CA GLU A 482 12.66 35.98 11.80
C GLU A 482 11.63 35.49 12.80
N GLY A 483 10.85 34.49 12.39
CA GLY A 483 9.83 33.92 13.26
C GLY A 483 10.42 33.20 14.46
N ASN A 484 9.55 32.61 15.29
CA ASN A 484 9.99 31.85 16.44
C ASN A 484 9.31 30.50 16.47
N LEU A 485 10.12 29.45 16.49
CA LEU A 485 9.60 28.09 16.41
C LEU A 485 8.67 27.82 17.57
N PHE A 486 9.14 28.07 18.78
CA PHE A 486 8.32 27.83 19.97
C PHE A 486 6.95 28.51 19.89
N HIS A 487 6.93 29.81 19.64
CA HIS A 487 5.67 30.55 19.63
C HIS A 487 4.69 29.97 18.62
N ALA A 488 5.21 29.46 17.51
CA ALA A 488 4.33 28.93 16.48
C ALA A 488 3.72 27.59 16.87
N VAL A 489 4.45 26.81 17.66
CA VAL A 489 3.91 25.55 18.14
C VAL A 489 2.81 25.84 19.16
N VAL A 490 3.05 26.79 20.04
CA VAL A 490 2.02 27.14 21.00
C VAL A 490 0.83 27.79 20.28
N ALA A 491 1.12 28.72 19.37
CA ALA A 491 0.05 29.32 18.58
C ALA A 491 -0.91 28.23 18.10
N GLY A 492 -0.36 27.18 17.50
CA GLY A 492 -1.16 26.12 16.93
C GLY A 492 -1.87 25.19 17.91
N VAL A 493 -1.35 25.07 19.11
CA VAL A 493 -2.07 24.31 20.13
C VAL A 493 -3.23 25.13 20.73
N MET A 494 -3.01 26.41 20.99
CA MET A 494 -4.08 27.32 21.37
C MET A 494 -5.20 27.18 20.37
N LEU A 495 -4.85 27.40 19.11
CA LEU A 495 -5.82 27.40 18.02
C LEU A 495 -6.63 26.13 18.03
N TYR A 496 -5.95 24.99 18.04
CA TYR A 496 -6.64 23.71 17.95
C TYR A 496 -7.54 23.49 19.16
N LYS A 497 -7.05 23.91 20.33
CA LYS A 497 -7.82 23.78 21.56
C LYS A 497 -8.99 24.75 21.56
N ALA A 498 -8.75 25.95 21.05
CA ALA A 498 -9.81 26.95 20.95
C ALA A 498 -10.91 26.45 20.02
N ALA A 499 -10.51 25.78 18.94
CA ALA A 499 -11.48 25.27 17.99
C ALA A 499 -12.24 24.07 18.55
N GLY A 500 -11.59 23.32 19.43
CA GLY A 500 -12.24 22.17 20.02
C GLY A 500 -13.27 22.58 21.06
N LYS A 501 -12.99 23.66 21.77
CA LYS A 501 -13.91 24.15 22.79
C LYS A 501 -15.22 24.52 22.11
N ILE A 502 -15.11 25.30 21.04
CA ILE A 502 -16.27 25.73 20.29
C ILE A 502 -17.07 24.55 19.76
N ALA A 503 -16.40 23.63 19.07
CA ALA A 503 -17.10 22.49 18.47
C ALA A 503 -17.85 21.66 19.52
N SER A 504 -17.27 21.52 20.71
CA SER A 504 -17.89 20.72 21.77
C SER A 504 -19.17 21.37 22.26
N GLU A 505 -19.31 22.66 22.04
CA GLU A 505 -20.53 23.39 22.42
C GLU A 505 -21.61 23.22 21.35
N LYS A 506 -21.22 23.34 20.08
CA LYS A 506 -22.16 23.28 18.97
C LYS A 506 -22.51 21.88 18.47
N CYS A 507 -21.86 20.85 19.00
CA CYS A 507 -22.03 19.51 18.41
C CYS A 507 -23.16 18.73 19.07
N ASN A 508 -23.54 17.60 18.49
CA ASN A 508 -24.54 16.73 19.10
C ASN A 508 -24.06 15.27 19.29
N GLY A 509 -22.74 15.09 19.33
CA GLY A 509 -22.11 13.78 19.38
C GLY A 509 -20.84 13.73 18.57
N SER A 510 -20.18 12.59 18.53
CA SER A 510 -18.89 12.46 17.85
C SER A 510 -18.93 12.95 16.41
N GLY A 511 -19.93 12.48 15.68
CA GLY A 511 -20.03 12.75 14.26
C GLY A 511 -19.97 14.21 13.89
N SER A 512 -20.83 15.02 14.50
CA SER A 512 -20.86 16.44 14.21
C SER A 512 -19.74 17.19 14.91
N PHE A 513 -19.23 16.62 15.99
CA PHE A 513 -18.07 17.23 16.64
C PHE A 513 -16.98 17.49 15.60
N GLN A 514 -16.73 16.51 14.74
CA GLN A 514 -15.62 16.62 13.79
C GLN A 514 -15.86 17.70 12.74
N VAL A 515 -17.07 17.80 12.25
CA VAL A 515 -17.39 18.80 11.24
C VAL A 515 -17.35 20.20 11.84
N GLU A 516 -17.72 20.31 13.10
CA GLU A 516 -17.62 21.60 13.78
C GLU A 516 -16.17 21.97 14.07
N LEU A 517 -15.38 20.98 14.48
CA LEU A 517 -13.96 21.21 14.71
C LEU A 517 -13.30 21.87 13.50
N ILE A 518 -13.61 21.37 12.31
CA ILE A 518 -13.05 21.96 11.10
C ILE A 518 -13.61 23.35 10.87
N ASP A 519 -14.94 23.46 10.87
CA ASP A 519 -15.58 24.76 10.78
C ASP A 519 -14.95 25.77 11.75
N ALA A 520 -14.83 25.39 13.01
CA ALA A 520 -14.28 26.28 14.03
C ALA A 520 -12.89 26.76 13.67
N LEU A 521 -12.07 25.87 13.12
CA LEU A 521 -10.71 26.23 12.69
C LEU A 521 -10.80 27.16 11.51
N TYR A 522 -11.75 26.89 10.62
CA TYR A 522 -11.96 27.71 9.44
C TYR A 522 -12.41 29.12 9.82
N ARG A 523 -13.34 29.20 10.78
CA ARG A 523 -13.87 30.49 11.23
C ARG A 523 -12.80 31.26 12.01
N LEU A 524 -12.14 30.55 12.93
CA LEU A 524 -11.19 31.15 13.85
C LEU A 524 -10.03 31.86 13.17
N THR A 525 -9.58 31.33 12.04
CA THR A 525 -8.40 31.86 11.38
C THR A 525 -8.78 32.87 10.31
N ARG A 526 -10.04 32.83 9.87
CA ARG A 526 -10.52 33.84 8.96
C ARG A 526 -10.59 35.21 9.67
N GLU A 527 -10.68 35.18 10.99
CA GLU A 527 -10.67 36.41 11.81
C GLU A 527 -9.70 36.27 12.98
N ASN A 528 -8.41 36.53 12.79
CA ASN A 528 -7.51 36.42 13.93
C ASN A 528 -7.98 37.36 15.01
N THR A 529 -8.76 36.86 15.94
CA THR A 529 -9.03 37.64 17.13
C THR A 529 -8.79 36.73 18.30
N PRO A 530 -7.52 36.31 18.48
CA PRO A 530 -7.20 35.40 19.57
C PRO A 530 -7.66 35.93 20.93
N VAL A 531 -7.80 37.25 21.09
CA VAL A 531 -8.29 37.83 22.35
C VAL A 531 -9.58 37.15 22.77
N THR A 532 -10.33 36.70 21.76
CA THR A 532 -11.59 35.98 21.91
C THR A 532 -11.49 34.52 22.37
N TRP A 533 -10.42 33.81 22.02
CA TRP A 533 -10.36 32.36 22.24
C TRP A 533 -10.49 31.95 23.69
N ALA A 534 -10.83 30.69 23.92
CA ALA A 534 -11.16 30.18 25.25
C ALA A 534 -10.00 29.56 26.06
N PRO A 535 -8.93 29.10 25.40
CA PRO A 535 -7.95 28.36 26.21
C PRO A 535 -7.03 29.30 26.98
N LYS A 536 -6.57 28.83 28.14
CA LYS A 536 -5.70 29.60 29.02
C LYS A 536 -4.24 29.07 28.95
N LEU A 537 -3.31 29.97 28.67
CA LEU A 537 -1.91 29.66 28.49
C LEU A 537 -1.11 30.05 29.72
N THR A 538 -0.41 29.11 30.34
CA THR A 538 0.27 29.37 31.62
C THR A 538 1.65 28.71 31.74
N HIS A 539 2.54 29.33 32.51
CA HIS A 539 3.81 28.70 32.86
C HIS A 539 3.55 27.43 33.66
N THR A 540 4.41 26.44 33.48
CA THR A 540 4.29 25.16 34.20
C THR A 540 4.83 25.28 35.62
N LYS B 2 -9.36 -61.39 8.98
CA LYS B 2 -9.29 -61.47 10.45
C LYS B 2 -9.84 -60.22 11.17
N PHE B 3 -9.94 -59.09 10.47
CA PHE B 3 -10.65 -57.91 10.99
C PHE B 3 -11.88 -57.69 10.11
N SER B 4 -13.05 -57.58 10.74
CA SER B 4 -14.27 -57.31 9.99
C SER B 4 -14.36 -55.81 9.68
N LYS B 5 -14.98 -55.47 8.56
CA LYS B 5 -15.08 -54.07 8.17
C LYS B 5 -15.57 -53.17 9.31
N GLU B 6 -16.36 -53.74 10.21
CA GLU B 6 -16.98 -52.96 11.29
C GLU B 6 -16.04 -52.76 12.47
N GLN B 7 -14.95 -53.54 12.51
CA GLN B 7 -14.04 -53.48 13.65
C GLN B 7 -12.95 -52.42 13.48
N PHE B 8 -12.95 -51.73 12.34
CA PHE B 8 -11.98 -50.68 12.06
C PHE B 8 -12.28 -49.37 12.79
N ASP B 9 -11.44 -49.01 13.74
CA ASP B 9 -11.54 -47.71 14.41
C ASP B 9 -10.76 -46.70 13.57
N TYR B 10 -11.39 -45.63 13.12
CA TYR B 10 -10.71 -44.67 12.25
C TYR B 10 -10.20 -43.48 13.01
N SER B 11 -10.41 -43.50 14.32
CA SER B 11 -10.07 -42.37 15.21
C SER B 11 -8.88 -41.55 14.74
N LEU B 12 -7.69 -42.11 14.99
CA LEU B 12 -6.41 -41.51 14.61
C LEU B 12 -5.69 -42.45 13.65
N TYR B 13 -5.70 -42.10 12.37
CA TYR B 13 -5.21 -42.97 11.30
C TYR B 13 -3.85 -42.47 10.81
N LEU B 14 -2.81 -43.23 11.12
CA LEU B 14 -1.41 -42.89 10.78
C LEU B 14 -1.01 -43.43 9.41
N VAL B 15 -0.47 -42.57 8.58
CA VAL B 15 -0.05 -42.94 7.24
C VAL B 15 1.46 -42.69 7.10
N THR B 16 2.24 -43.73 6.76
CA THR B 16 3.70 -43.61 6.87
C THR B 16 4.36 -42.93 5.68
N ASP B 17 5.57 -42.40 5.92
CA ASP B 17 6.44 -41.91 4.86
C ASP B 17 7.88 -42.20 5.27
N SER B 18 8.51 -43.18 4.62
CA SER B 18 9.79 -43.71 5.07
C SER B 18 10.97 -42.72 5.01
N GLY B 19 10.86 -41.70 4.17
CA GLY B 19 11.96 -40.79 3.96
C GLY B 19 11.81 -39.42 4.59
N MET B 20 11.24 -39.38 5.79
CA MET B 20 10.96 -38.12 6.47
C MET B 20 11.18 -38.35 7.96
N ILE B 21 11.52 -39.58 8.30
CA ILE B 21 11.89 -39.97 9.66
C ILE B 21 13.20 -39.34 10.11
N PRO B 22 13.23 -38.80 11.34
CA PRO B 22 14.41 -38.18 11.96
C PRO B 22 15.50 -39.20 12.27
N GLU B 23 16.76 -38.76 12.29
CA GLU B 23 17.89 -39.64 12.58
C GLU B 23 17.83 -40.24 14.00
N GLY B 24 18.44 -41.41 14.16
CA GLY B 24 18.37 -42.13 15.42
C GLY B 24 16.94 -42.52 15.73
N LYS B 25 16.18 -42.77 14.67
CA LYS B 25 14.77 -43.11 14.75
C LYS B 25 14.42 -43.95 13.54
N THR B 26 13.56 -44.94 13.72
CA THR B 26 13.14 -45.80 12.62
C THR B 26 11.62 -45.83 12.45
N LEU B 27 11.16 -46.21 11.26
CA LEU B 27 9.73 -46.33 11.02
C LEU B 27 9.08 -47.20 12.08
N TYR B 28 9.65 -48.38 12.31
CA TYR B 28 9.16 -49.24 13.37
C TYR B 28 9.11 -48.49 14.70
N GLY B 29 10.08 -47.61 14.91
CA GLY B 29 10.19 -46.87 16.16
C GLY B 29 9.10 -45.82 16.30
N GLN B 30 8.82 -45.13 15.20
CA GLN B 30 7.79 -44.12 15.19
C GLN B 30 6.41 -44.76 15.21
N VAL B 31 6.23 -45.82 14.43
CA VAL B 31 4.92 -46.46 14.35
C VAL B 31 4.58 -47.19 15.64
N GLU B 32 5.57 -47.46 16.48
CA GLU B 32 5.29 -48.11 17.75
C GLU B 32 4.85 -47.12 18.84
N ALA B 33 5.45 -45.93 18.87
CA ALA B 33 5.06 -44.89 19.80
C ALA B 33 3.59 -44.57 19.56
N GLY B 34 3.28 -44.23 18.32
CA GLY B 34 1.90 -44.05 17.92
C GLY B 34 1.02 -45.11 18.54
N LEU B 35 1.28 -46.38 18.23
CA LEU B 35 0.41 -47.46 18.67
C LEU B 35 0.18 -47.48 20.16
N GLN B 36 1.06 -46.84 20.92
CA GLN B 36 0.98 -46.85 22.37
C GLN B 36 0.35 -45.58 22.93
N ASN B 37 -0.06 -44.68 22.04
CA ASN B 37 -0.56 -43.41 22.49
C ASN B 37 -1.85 -42.97 21.79
N GLY B 38 -2.32 -43.79 20.85
CA GLY B 38 -3.63 -43.56 20.30
C GLY B 38 -3.81 -43.66 18.80
N VAL B 39 -2.97 -44.44 18.13
CA VAL B 39 -3.22 -44.70 16.71
C VAL B 39 -4.05 -45.97 16.61
N THR B 40 -4.96 -46.02 15.65
CA THR B 40 -5.96 -47.08 15.62
C THR B 40 -5.99 -47.75 14.27
N LEU B 41 -5.28 -47.16 13.31
CA LEU B 41 -5.29 -47.67 11.95
C LEU B 41 -3.96 -47.25 11.35
N VAL B 42 -3.26 -48.15 10.69
CA VAL B 42 -1.99 -47.79 10.07
C VAL B 42 -1.99 -48.14 8.60
N GLN B 43 -1.47 -47.22 7.80
CA GLN B 43 -1.30 -47.47 6.38
C GLN B 43 0.18 -47.31 6.02
N ILE B 44 0.69 -48.27 5.25
CA ILE B 44 2.07 -48.21 4.78
C ILE B 44 2.16 -47.63 3.38
N ARG B 45 3.00 -46.62 3.22
CA ARG B 45 3.08 -45.87 1.99
C ARG B 45 4.55 -45.83 1.56
N GLU B 46 4.79 -46.23 0.32
CA GLU B 46 6.14 -46.27 -0.23
C GLU B 46 6.14 -45.98 -1.72
N LYS B 47 5.95 -44.72 -2.06
CA LYS B 47 5.78 -44.29 -3.46
C LYS B 47 7.03 -44.54 -4.32
N ASP B 48 8.13 -44.97 -3.71
CA ASP B 48 9.39 -45.07 -4.44
C ASP B 48 10.21 -46.30 -4.12
N ALA B 49 10.10 -46.79 -2.90
CA ALA B 49 10.91 -47.91 -2.43
C ALA B 49 10.88 -49.16 -3.32
N ASP B 50 11.79 -50.09 -3.03
CA ASP B 50 11.87 -51.34 -3.77
C ASP B 50 10.71 -52.24 -3.37
N THR B 51 10.06 -52.85 -4.36
CA THR B 51 8.91 -53.70 -4.13
C THR B 51 9.23 -54.84 -3.18
N LYS B 52 10.50 -55.15 -3.02
CA LYS B 52 10.90 -56.22 -2.12
C LYS B 52 11.22 -55.69 -0.73
N PHE B 53 11.82 -54.50 -0.67
CA PHE B 53 12.04 -53.86 0.62
C PHE B 53 10.68 -53.57 1.22
N PHE B 54 9.83 -52.98 0.38
CA PHE B 54 8.44 -52.72 0.69
C PHE B 54 7.79 -53.91 1.40
N ILE B 55 7.86 -55.10 0.80
CA ILE B 55 7.24 -56.30 1.37
C ILE B 55 7.82 -56.64 2.74
N GLU B 56 9.14 -56.69 2.81
CA GLU B 56 9.81 -57.01 4.07
C GLU B 56 9.39 -56.00 5.14
N GLU B 57 9.20 -54.75 4.73
CA GLU B 57 8.77 -53.69 5.66
C GLU B 57 7.31 -53.87 6.08
N ALA B 58 6.46 -54.20 5.12
CA ALA B 58 5.05 -54.41 5.41
C ALA B 58 4.87 -55.54 6.43
N LEU B 59 5.62 -56.63 6.24
CA LEU B 59 5.46 -57.80 7.08
C LEU B 59 5.85 -57.56 8.53
N GLN B 60 6.84 -56.69 8.72
CA GLN B 60 7.43 -56.46 10.04
C GLN B 60 6.55 -55.54 10.87
N ILE B 61 5.86 -54.65 10.17
CA ILE B 61 4.94 -53.71 10.78
C ILE B 61 3.57 -54.36 10.97
N LYS B 62 3.25 -55.34 10.13
CA LYS B 62 2.02 -56.11 10.28
C LYS B 62 2.03 -56.86 11.61
N GLU B 63 3.15 -57.51 11.91
CA GLU B 63 3.30 -58.15 13.21
C GLU B 63 3.02 -57.11 14.28
N LEU B 64 3.58 -55.93 14.11
CA LEU B 64 3.51 -54.87 15.12
C LEU B 64 2.08 -54.42 15.34
N CYS B 65 1.40 -54.12 14.25
CA CYS B 65 0.04 -53.64 14.31
C CYS B 65 -0.87 -54.66 15.00
N HIS B 66 -0.84 -55.90 14.52
CA HIS B 66 -1.62 -56.99 15.13
C HIS B 66 -1.25 -57.20 16.59
N ALA B 67 -0.01 -56.87 16.95
CA ALA B 67 0.39 -57.01 18.34
C ALA B 67 -0.57 -56.20 19.18
N HIS B 68 -0.75 -54.93 18.80
CA HIS B 68 -1.66 -54.02 19.48
C HIS B 68 -3.12 -54.15 18.99
N ASN B 69 -3.34 -55.09 18.08
CA ASN B 69 -4.66 -55.35 17.55
C ASN B 69 -5.20 -54.18 16.72
N VAL B 70 -4.35 -53.65 15.84
CA VAL B 70 -4.80 -52.63 14.90
C VAL B 70 -4.41 -53.04 13.49
N PRO B 71 -5.34 -52.94 12.53
CA PRO B 71 -5.08 -53.42 11.18
C PRO B 71 -4.04 -52.60 10.40
N LEU B 72 -3.69 -53.08 9.20
CA LEU B 72 -2.66 -52.45 8.37
C LEU B 72 -3.11 -52.31 6.92
N ILE B 73 -2.91 -51.12 6.34
CA ILE B 73 -3.39 -50.83 4.98
C ILE B 73 -2.21 -50.47 4.04
N ILE B 74 -2.35 -50.79 2.76
CA ILE B 74 -1.30 -50.49 1.78
C ILE B 74 -1.81 -49.53 0.71
N ASN B 75 -1.08 -48.44 0.51
CA ASN B 75 -1.45 -47.44 -0.48
C ASN B 75 -0.30 -47.17 -1.44
N ASP B 76 -0.40 -47.73 -2.65
CA ASP B 76 -1.54 -48.54 -3.02
C ASP B 76 -1.12 -49.75 -3.85
N ARG B 77 -0.31 -50.61 -3.24
CA ARG B 77 0.17 -51.82 -3.91
C ARG B 77 -0.79 -52.99 -3.70
N ILE B 78 -1.64 -53.24 -4.69
CA ILE B 78 -2.60 -54.34 -4.60
C ILE B 78 -1.90 -55.67 -4.42
N ASP B 79 -0.96 -55.97 -5.32
CA ASP B 79 -0.21 -57.23 -5.26
C ASP B 79 0.51 -57.47 -3.92
N VAL B 80 1.28 -56.49 -3.47
CA VAL B 80 1.87 -56.53 -2.14
C VAL B 80 0.81 -56.78 -1.07
N ALA B 81 -0.29 -56.01 -1.13
CA ALA B 81 -1.37 -56.13 -0.15
C ALA B 81 -1.83 -57.57 -0.04
N MET B 82 -1.94 -58.23 -1.18
CA MET B 82 -2.26 -59.65 -1.24
C MET B 82 -1.09 -60.50 -0.73
N ALA B 83 0.06 -60.41 -1.39
CA ALA B 83 1.26 -61.11 -0.95
C ALA B 83 1.35 -61.23 0.57
N ILE B 84 1.41 -60.10 1.26
CA ILE B 84 1.57 -60.11 2.72
C ILE B 84 0.27 -60.31 3.47
N GLY B 85 -0.85 -60.36 2.75
CA GLY B 85 -2.14 -60.51 3.39
C GLY B 85 -2.49 -59.33 4.27
N ALA B 86 -2.53 -58.15 3.66
CA ALA B 86 -2.83 -56.92 4.39
C ALA B 86 -4.30 -56.85 4.78
N ASP B 87 -4.64 -55.92 5.66
CA ASP B 87 -6.00 -55.81 6.17
C ASP B 87 -6.90 -54.95 5.29
N GLY B 88 -6.28 -54.08 4.50
CA GLY B 88 -7.00 -53.24 3.57
C GLY B 88 -6.02 -52.57 2.63
N ILE B 89 -6.52 -51.79 1.69
CA ILE B 89 -5.64 -51.07 0.78
C ILE B 89 -6.23 -49.70 0.47
N HIS B 90 -5.37 -48.70 0.32
CA HIS B 90 -5.82 -47.37 -0.04
C HIS B 90 -5.36 -47.00 -1.43
N VAL B 91 -6.30 -46.82 -2.35
CA VAL B 91 -5.94 -46.32 -3.68
C VAL B 91 -6.48 -44.92 -3.92
N GLY B 92 -6.01 -44.29 -4.98
CA GLY B 92 -6.43 -42.94 -5.29
C GLY B 92 -7.11 -42.84 -6.64
N GLN B 93 -7.44 -41.62 -7.02
CA GLN B 93 -8.20 -41.37 -8.24
C GLN B 93 -7.46 -41.75 -9.54
N ASP B 94 -6.15 -41.99 -9.47
CA ASP B 94 -5.39 -42.33 -10.68
C ASP B 94 -4.63 -43.64 -10.53
N ASP B 95 -4.90 -44.37 -9.46
CA ASP B 95 -4.34 -45.70 -9.27
C ASP B 95 -5.33 -46.70 -9.85
N MET B 96 -5.47 -47.88 -9.25
CA MET B 96 -6.29 -48.92 -9.89
C MET B 96 -7.77 -48.85 -9.56
N PRO B 97 -8.62 -48.87 -10.60
CA PRO B 97 -10.08 -48.74 -10.43
C PRO B 97 -10.63 -49.72 -9.41
N ILE B 98 -11.63 -49.30 -8.66
CA ILE B 98 -12.16 -50.10 -7.56
C ILE B 98 -12.68 -51.47 -8.01
N PRO B 99 -13.52 -51.51 -9.05
CA PRO B 99 -13.98 -52.85 -9.45
C PRO B 99 -12.82 -53.84 -9.66
N MET B 100 -11.86 -53.53 -10.52
CA MET B 100 -10.74 -54.45 -10.72
C MET B 100 -10.18 -54.95 -9.41
N ILE B 101 -9.99 -54.04 -8.46
CA ILE B 101 -9.39 -54.40 -7.19
C ILE B 101 -10.26 -55.41 -6.47
N ARG B 102 -11.53 -55.06 -6.34
CA ARG B 102 -12.49 -55.85 -5.59
C ARG B 102 -12.52 -57.24 -6.20
N LYS B 103 -12.31 -57.28 -7.51
CA LYS B 103 -12.31 -58.52 -8.26
C LYS B 103 -11.07 -59.37 -7.98
N LEU B 104 -10.04 -58.74 -7.43
CA LEU B 104 -8.78 -59.42 -7.14
C LEU B 104 -8.65 -59.80 -5.66
N VAL B 105 -9.39 -59.12 -4.79
CA VAL B 105 -9.16 -59.26 -3.35
C VAL B 105 -10.36 -59.81 -2.55
N GLY B 106 -11.53 -59.83 -3.17
CA GLY B 106 -12.71 -60.38 -2.51
C GLY B 106 -13.37 -59.35 -1.62
N PRO B 107 -14.58 -59.65 -1.16
CA PRO B 107 -15.44 -58.60 -0.60
C PRO B 107 -15.06 -58.23 0.82
N ASP B 108 -14.25 -59.06 1.47
CA ASP B 108 -13.99 -58.91 2.90
C ASP B 108 -12.85 -57.94 3.26
N MET B 109 -12.04 -57.57 2.27
CA MET B 109 -10.94 -56.65 2.51
C MET B 109 -11.40 -55.20 2.42
N VAL B 110 -10.85 -54.34 3.28
CA VAL B 110 -11.23 -52.92 3.30
C VAL B 110 -10.53 -52.12 2.21
N ILE B 111 -11.30 -51.42 1.40
CA ILE B 111 -10.74 -50.57 0.36
C ILE B 111 -11.03 -49.09 0.64
N GLY B 112 -9.97 -48.30 0.82
CA GLY B 112 -10.10 -46.87 0.97
C GLY B 112 -9.94 -46.18 -0.37
N TRP B 113 -10.57 -45.04 -0.55
CA TRP B 113 -10.44 -44.28 -1.78
C TRP B 113 -10.11 -42.84 -1.41
N SER B 114 -9.31 -42.16 -2.23
CA SER B 114 -9.00 -40.77 -1.95
C SER B 114 -9.98 -39.90 -2.69
N VAL B 115 -10.74 -39.11 -1.95
CA VAL B 115 -11.84 -38.34 -2.52
C VAL B 115 -11.71 -36.87 -2.20
N GLY B 116 -11.71 -36.02 -3.23
CA GLY B 116 -11.74 -34.59 -2.97
C GLY B 116 -12.86 -33.80 -3.67
N PHE B 117 -13.92 -34.49 -4.09
CA PHE B 117 -14.98 -33.87 -4.87
C PHE B 117 -16.25 -34.70 -4.77
N PRO B 118 -17.41 -34.03 -4.75
CA PRO B 118 -18.72 -34.69 -4.60
C PRO B 118 -19.03 -35.66 -5.73
N GLU B 119 -18.54 -35.39 -6.94
CA GLU B 119 -18.72 -36.26 -8.10
C GLU B 119 -18.17 -37.65 -7.83
N GLU B 120 -17.02 -37.68 -7.15
CA GLU B 120 -16.37 -38.92 -6.78
C GLU B 120 -17.20 -39.70 -5.74
N VAL B 121 -18.02 -39.01 -4.96
CA VAL B 121 -18.92 -39.70 -4.04
C VAL B 121 -20.14 -40.27 -4.79
N ASP B 122 -20.55 -39.59 -5.85
CA ASP B 122 -21.58 -40.13 -6.71
C ASP B 122 -21.04 -41.46 -7.26
N GLU B 123 -19.84 -41.43 -7.87
CA GLU B 123 -19.25 -42.64 -8.45
C GLU B 123 -19.21 -43.74 -7.41
N LEU B 124 -18.78 -43.37 -6.22
CA LEU B 124 -18.60 -44.30 -5.12
C LEU B 124 -19.92 -45.00 -4.81
N SER B 125 -21.02 -44.26 -4.98
CA SER B 125 -22.34 -44.72 -4.56
C SER B 125 -23.07 -45.46 -5.67
N LYS B 126 -22.66 -45.21 -6.91
CA LYS B 126 -23.21 -45.96 -8.04
C LYS B 126 -22.39 -47.24 -8.21
N MET B 127 -21.77 -47.68 -7.11
CA MET B 127 -20.96 -48.91 -7.10
C MET B 127 -21.48 -49.77 -5.96
N GLY B 128 -22.46 -49.24 -5.24
CA GLY B 128 -23.02 -49.96 -4.12
C GLY B 128 -22.03 -50.14 -3.01
N PRO B 129 -22.41 -50.89 -1.97
CA PRO B 129 -21.58 -51.26 -0.82
C PRO B 129 -20.46 -52.28 -1.12
N ASP B 130 -20.25 -52.65 -2.39
CA ASP B 130 -19.05 -53.43 -2.74
C ASP B 130 -17.83 -52.56 -3.07
N VAL B 132 -15.85 -49.87 -2.07
CA VAL B 132 -15.37 -48.74 -1.23
C VAL B 132 -15.93 -48.74 0.19
N ASP B 133 -15.05 -48.75 1.17
CA ASP B 133 -15.47 -48.89 2.56
C ASP B 133 -15.16 -47.65 3.41
N TYR B 134 -14.22 -46.84 2.94
CA TYR B 134 -13.97 -45.53 3.53
C TYR B 134 -13.30 -44.63 2.50
N ILE B 135 -13.32 -43.33 2.74
CA ILE B 135 -12.60 -42.39 1.89
C ILE B 135 -11.77 -41.45 2.75
N GLY B 136 -10.65 -40.98 2.20
CA GLY B 136 -9.87 -39.94 2.83
C GLY B 136 -10.22 -38.65 2.11
N VAL B 137 -10.82 -37.69 2.83
CA VAL B 137 -11.29 -36.47 2.17
C VAL B 137 -10.15 -35.54 1.76
N GLY B 138 -10.00 -35.37 0.43
CA GLY B 138 -9.05 -34.50 -0.27
C GLY B 138 -7.87 -34.06 0.54
N THR B 139 -7.18 -33.02 0.08
CA THR B 139 -6.18 -32.40 0.92
C THR B 139 -6.78 -31.12 1.51
N LEU B 140 -6.85 -31.06 2.84
CA LEU B 140 -7.47 -29.92 3.50
C LEU B 140 -6.59 -28.66 3.59
N PRO B 142 -3.32 -27.80 3.02
CA PRO B 142 -2.15 -27.82 2.15
C PRO B 142 -0.96 -28.44 2.87
N THR B 143 -0.56 -29.64 2.45
CA THR B 143 0.55 -30.36 3.07
C THR B 143 1.80 -30.12 2.22
N LEU B 144 2.94 -30.60 2.68
CA LEU B 144 4.17 -30.58 1.88
C LEU B 144 4.60 -32.03 1.66
N THR B 145 3.89 -32.92 2.36
CA THR B 145 4.11 -34.36 2.31
C THR B 145 3.73 -34.96 0.95
N LYS B 146 3.16 -34.15 0.06
CA LYS B 146 2.63 -34.64 -1.21
C LYS B 146 3.71 -34.83 -2.27
N LYS B 147 4.05 -33.74 -2.96
CA LYS B 147 5.00 -33.72 -4.08
C LYS B 147 4.27 -33.60 -5.44
N ALA B 152 -5.05 -28.76 -5.35
CA ALA B 152 -5.32 -27.58 -4.54
C ALA B 152 -6.21 -27.88 -3.33
N PRO B 153 -5.71 -27.58 -2.12
CA PRO B 153 -6.48 -27.70 -0.86
C PRO B 153 -7.84 -27.01 -0.88
N MET B 154 -8.79 -27.65 -0.21
CA MET B 154 -10.19 -27.29 -0.33
C MET B 154 -10.75 -26.76 0.98
N GLY B 155 -10.11 -27.12 2.08
CA GLY B 155 -10.56 -26.64 3.37
C GLY B 155 -11.71 -27.50 3.83
N THR B 156 -12.27 -27.16 4.98
CA THR B 156 -13.42 -27.87 5.52
C THR B 156 -14.66 -27.62 4.67
N ALA B 157 -14.75 -26.43 4.09
CA ALA B 157 -15.84 -26.15 3.16
C ALA B 157 -15.87 -27.22 2.08
N GLY B 158 -14.68 -27.59 1.59
CA GLY B 158 -14.54 -28.60 0.55
C GLY B 158 -14.85 -30.00 1.06
N ALA B 159 -14.47 -30.26 2.31
CA ALA B 159 -14.84 -31.50 2.97
C ALA B 159 -16.36 -31.63 3.12
N ILE B 160 -17.02 -30.54 3.55
CA ILE B 160 -18.46 -30.59 3.77
C ILE B 160 -19.23 -30.97 2.50
N ARG B 161 -18.84 -30.43 1.35
CA ARG B 161 -19.52 -30.81 0.12
C ARG B 161 -19.45 -32.32 -0.09
N VAL B 162 -18.31 -32.91 0.27
CA VAL B 162 -18.10 -34.35 0.13
C VAL B 162 -18.92 -35.10 1.16
N LEU B 163 -18.95 -34.60 2.40
CA LEU B 163 -19.81 -35.20 3.40
C LEU B 163 -21.27 -35.13 2.95
N ASP B 164 -21.66 -33.98 2.41
CA ASP B 164 -23.04 -33.79 2.01
C ASP B 164 -23.45 -34.76 0.90
N ALA B 165 -22.50 -35.08 0.02
CA ALA B 165 -22.78 -36.00 -1.08
C ALA B 165 -22.96 -37.43 -0.59
N LEU B 166 -22.23 -37.81 0.45
CA LEU B 166 -22.47 -39.09 1.13
C LEU B 166 -23.90 -39.10 1.68
N GLU B 167 -24.25 -38.08 2.43
CA GLU B 167 -25.57 -37.99 3.04
C GLU B 167 -26.69 -37.94 1.99
N ARG B 168 -26.52 -37.10 0.97
CA ARG B 168 -27.47 -37.05 -0.13
C ARG B 168 -27.62 -38.42 -0.79
N ASN B 169 -26.52 -39.10 -1.06
CA ASN B 169 -26.56 -40.44 -1.66
C ASN B 169 -26.81 -41.58 -0.68
N ASN B 170 -27.03 -41.23 0.59
CA ASN B 170 -27.11 -42.24 1.66
C ASN B 170 -26.16 -43.43 1.46
N ALA B 171 -24.87 -43.13 1.35
CA ALA B 171 -23.83 -44.16 1.33
C ALA B 171 -23.45 -44.51 2.75
N HIS B 172 -24.42 -45.04 3.50
CA HIS B 172 -24.23 -45.31 4.92
C HIS B 172 -23.02 -46.21 5.17
N TRP B 173 -22.61 -46.98 4.17
CA TRP B 173 -21.57 -47.99 4.37
C TRP B 173 -20.16 -47.44 4.44
N CYS B 174 -20.00 -46.20 3.98
CA CYS B 174 -18.69 -45.58 3.77
C CYS B 174 -18.27 -44.67 4.92
N ARG B 175 -17.19 -45.00 5.60
CA ARG B 175 -16.63 -44.11 6.62
C ARG B 175 -15.73 -43.03 6.00
N THR B 176 -15.39 -42.02 6.81
CA THR B 176 -14.56 -40.92 6.32
C THR B 176 -13.50 -40.57 7.34
N VAL B 177 -12.31 -40.25 6.86
CA VAL B 177 -11.28 -39.64 7.68
C VAL B 177 -10.84 -38.35 6.98
N GLY B 178 -10.47 -37.33 7.74
CA GLY B 178 -9.88 -36.12 7.15
C GLY B 178 -8.37 -36.30 6.96
N ILE B 179 -7.79 -35.65 5.94
CA ILE B 179 -6.35 -35.78 5.75
C ILE B 179 -5.69 -34.64 4.97
N GLY B 180 -4.42 -34.37 5.25
CA GLY B 180 -3.68 -33.35 4.53
C GLY B 180 -3.57 -32.03 5.28
N GLY B 181 -2.42 -31.81 5.91
CA GLY B 181 -2.18 -30.54 6.58
C GLY B 181 -2.45 -30.58 8.06
N LEU B 182 -2.96 -31.70 8.55
CA LEU B 182 -3.53 -31.78 9.89
C LEU B 182 -2.52 -31.80 11.05
N HIS B 183 -2.58 -30.77 11.89
CA HIS B 183 -1.74 -30.66 13.09
C HIS B 183 -2.58 -30.13 14.27
N PRO B 184 -2.01 -30.14 15.49
CA PRO B 184 -2.75 -29.66 16.67
C PRO B 184 -3.39 -28.28 16.51
N ASP B 185 -2.96 -27.50 15.53
CA ASP B 185 -3.46 -26.14 15.40
C ASP B 185 -4.69 -25.97 14.48
N ASN B 186 -5.16 -27.05 13.86
CA ASN B 186 -6.32 -27.00 12.99
C ASN B 186 -7.25 -28.19 13.19
N ILE B 187 -6.87 -29.07 14.11
CA ILE B 187 -7.56 -30.35 14.20
C ILE B 187 -8.93 -30.23 14.83
N GLU B 188 -9.02 -29.49 15.92
CA GLU B 188 -10.31 -29.25 16.53
C GLU B 188 -11.20 -28.42 15.60
N ARG B 189 -10.61 -27.45 14.90
CA ARG B 189 -11.39 -26.69 13.93
C ARG B 189 -11.93 -27.60 12.84
N VAL B 190 -11.19 -28.65 12.54
CA VAL B 190 -11.57 -29.57 11.47
C VAL B 190 -12.68 -30.54 11.90
N LEU B 191 -12.54 -31.12 13.09
CA LEU B 191 -13.58 -31.93 13.68
C LEU B 191 -14.85 -31.14 13.89
N TYR B 192 -14.68 -29.89 14.32
CA TYR B 192 -15.78 -28.98 14.68
C TYR B 192 -16.60 -28.55 13.47
N GLN B 193 -15.96 -27.97 12.47
CA GLN B 193 -16.70 -27.51 11.31
C GLN B 193 -16.81 -28.50 10.13
N CYS B 194 -16.26 -29.69 10.27
CA CYS B 194 -16.43 -30.72 9.22
C CYS B 194 -17.61 -31.64 9.51
N VAL B 195 -18.83 -31.11 9.38
CA VAL B 195 -20.02 -31.94 9.53
C VAL B 195 -20.98 -31.77 8.37
N SER B 196 -21.86 -32.75 8.23
CA SER B 196 -22.85 -32.77 7.17
C SER B 196 -23.83 -31.63 7.41
N SER B 197 -24.42 -31.10 6.34
CA SER B 197 -25.40 -30.02 6.49
C SER B 197 -26.59 -30.43 7.35
N ASN B 198 -27.02 -31.68 7.23
CA ASN B 198 -28.13 -32.18 8.05
C ASN B 198 -27.68 -32.50 9.46
N GLY B 199 -26.38 -32.33 9.71
CA GLY B 199 -25.83 -32.47 11.04
C GLY B 199 -25.71 -33.90 11.50
N LYS B 200 -26.12 -34.82 10.65
CA LYS B 200 -26.18 -36.23 10.99
C LYS B 200 -24.86 -36.99 10.91
N ARG B 201 -23.95 -36.50 10.06
CA ARG B 201 -22.70 -37.22 9.79
C ARG B 201 -21.47 -36.33 9.83
N SER B 202 -20.52 -36.66 10.69
CA SER B 202 -19.24 -35.93 10.73
C SER B 202 -18.07 -36.82 10.34
N LEU B 203 -16.85 -36.35 10.56
CA LEU B 203 -15.68 -37.15 10.22
C LEU B 203 -15.55 -38.34 11.16
N ASP B 204 -15.06 -39.46 10.64
CA ASP B 204 -14.93 -40.69 11.41
C ASP B 204 -13.57 -40.83 12.09
N GLY B 205 -12.61 -40.02 11.66
CA GLY B 205 -11.30 -40.00 12.29
C GLY B 205 -10.37 -39.04 11.59
N ILE B 206 -9.12 -39.02 12.04
CA ILE B 206 -8.16 -38.05 11.53
C ILE B 206 -6.82 -38.69 11.06
N CYS B 207 -6.36 -38.23 9.90
CA CYS B 207 -5.13 -38.75 9.30
C CYS B 207 -3.96 -37.80 9.41
N VAL B 208 -2.84 -38.36 9.88
CA VAL B 208 -1.58 -37.64 9.93
C VAL B 208 -0.45 -38.44 9.32
N VAL B 209 0.44 -37.73 8.64
CA VAL B 209 1.76 -38.26 8.34
C VAL B 209 2.80 -37.47 9.13
N SER B 210 3.08 -36.24 8.68
CA SER B 210 4.16 -35.47 9.29
C SER B 210 4.05 -35.30 10.82
N ASP B 211 2.85 -35.06 11.33
CA ASP B 211 2.73 -34.78 12.75
C ASP B 211 3.29 -35.90 13.64
N ILE B 212 3.19 -37.13 13.17
CA ILE B 212 3.69 -38.25 13.98
C ILE B 212 5.00 -38.82 13.47
N ILE B 213 5.03 -39.16 12.18
CA ILE B 213 6.21 -39.76 11.56
C ILE B 213 7.47 -38.92 11.74
N ALA B 214 7.40 -37.64 11.37
CA ALA B 214 8.55 -36.75 11.48
C ALA B 214 8.65 -36.07 12.83
N SER B 215 8.25 -36.75 13.89
CA SER B 215 8.34 -36.14 15.21
C SER B 215 9.58 -36.58 16.01
N LEU B 216 10.16 -35.62 16.74
CA LEU B 216 11.27 -35.90 17.64
C LEU B 216 10.78 -36.68 18.86
N ASP B 217 9.47 -36.59 19.11
CA ASP B 217 8.82 -37.37 20.17
C ASP B 217 7.45 -37.84 19.71
N ALA B 218 7.40 -39.01 19.05
CA ALA B 218 6.15 -39.55 18.52
C ALA B 218 5.16 -39.92 19.63
N ALA B 219 5.68 -40.35 20.77
CA ALA B 219 4.81 -40.72 21.89
C ALA B 219 4.03 -39.50 22.37
N LYS B 220 4.73 -38.39 22.50
CA LYS B 220 4.13 -37.12 22.88
C LYS B 220 3.17 -36.59 21.82
N SER B 221 3.65 -36.50 20.58
CA SER B 221 2.85 -35.97 19.48
C SER B 221 1.51 -36.69 19.34
N THR B 222 1.48 -37.97 19.73
CA THR B 222 0.29 -38.76 19.56
C THR B 222 -0.68 -38.50 20.69
N LYS B 223 -0.16 -38.50 21.91
CA LYS B 223 -1.00 -38.17 23.06
C LYS B 223 -1.80 -36.90 22.76
N ILE B 224 -1.11 -35.90 22.22
CA ILE B 224 -1.75 -34.64 21.85
C ILE B 224 -2.94 -34.85 20.92
N LEU B 225 -2.68 -35.36 19.72
CA LEU B 225 -3.74 -35.62 18.74
C LEU B 225 -4.84 -36.46 19.36
N ARG B 226 -4.47 -37.32 20.28
CA ARG B 226 -5.48 -38.06 21.03
C ARG B 226 -6.39 -37.12 21.79
N GLY B 227 -5.82 -36.38 22.74
CA GLY B 227 -6.56 -35.38 23.50
C GLY B 227 -7.56 -34.64 22.62
N LEU B 228 -7.06 -34.04 21.55
CA LEU B 228 -7.93 -33.37 20.58
C LEU B 228 -9.05 -34.27 20.08
N ILE B 229 -8.71 -35.42 19.54
CA ILE B 229 -9.71 -36.23 18.87
C ILE B 229 -10.83 -36.73 19.79
N ASP B 230 -10.49 -37.19 20.99
CA ASP B 230 -11.51 -37.75 21.87
C ASP B 230 -12.12 -36.73 22.86
N LYS B 231 -11.70 -35.48 22.73
CA LYS B 231 -12.35 -34.34 23.38
C LYS B 231 -13.65 -34.05 22.61
N THR B 232 -14.60 -33.39 23.23
CA THR B 232 -15.90 -33.21 22.57
C THR B 232 -16.39 -31.76 22.52
N ASP B 233 -15.48 -30.82 22.76
CA ASP B 233 -15.89 -29.44 22.93
C ASP B 233 -14.75 -28.46 22.59
N TYR B 234 -15.05 -27.49 21.73
CA TYR B 234 -14.02 -26.59 21.22
C TYR B 234 -14.30 -25.10 21.51
N LYS B 235 -13.79 -24.62 22.64
CA LYS B 235 -13.88 -23.19 22.96
C LYS B 235 -12.88 -22.36 22.15
N PHE B 236 -13.34 -21.86 21.00
CA PHE B 236 -12.49 -21.10 20.08
C PHE B 236 -12.41 -19.60 20.45
N VAL B 237 -13.29 -19.20 21.36
CA VAL B 237 -13.36 -17.80 21.78
C VAL B 237 -13.82 -17.72 23.23
N ASN B 238 -13.13 -16.88 24.00
CA ASN B 238 -13.39 -16.76 25.43
C ASN B 238 -14.63 -15.94 25.76
N ILE B 239 -15.76 -16.37 25.19
CA ILE B 239 -17.07 -15.77 25.42
C ILE B 239 -18.08 -16.91 25.38
N GLY B 240 -18.95 -16.98 26.36
CA GLY B 240 -19.95 -18.04 26.43
C GLY B 240 -20.67 -18.27 25.11
N LEU B 241 -20.69 -19.52 24.67
CA LEU B 241 -21.31 -19.90 23.42
C LEU B 241 -22.67 -20.52 23.65
N SER B 242 -23.19 -20.35 24.87
CA SER B 242 -24.40 -21.05 25.26
C SER B 242 -25.52 -20.82 24.26
N THR B 243 -26.37 -21.83 24.06
CA THR B 243 -27.51 -21.72 23.15
C THR B 243 -28.71 -21.02 23.80
N LYS B 244 -29.14 -19.93 23.19
CA LYS B 244 -30.24 -19.12 23.69
C LYS B 244 -31.47 -19.19 22.79
N ASN B 245 -32.58 -19.68 23.34
CA ASN B 245 -33.81 -19.79 22.57
C ASN B 245 -34.73 -18.60 22.81
N SER B 246 -34.41 -17.83 23.84
CA SER B 246 -35.19 -16.65 24.17
C SER B 246 -34.66 -15.43 23.42
N LEU B 247 -35.52 -14.47 23.14
CA LEU B 247 -35.06 -13.22 22.54
C LEU B 247 -34.14 -12.46 23.48
N THR B 248 -33.42 -11.51 22.91
CA THR B 248 -32.48 -10.72 23.67
C THR B 248 -33.19 -9.60 24.42
N THR B 249 -33.30 -9.76 25.72
CA THR B 249 -33.99 -8.78 26.56
C THR B 249 -33.28 -7.43 26.58
N THR B 250 -34.03 -6.40 26.95
CA THR B 250 -33.51 -5.03 27.04
C THR B 250 -32.45 -4.90 28.13
N ASP B 251 -32.56 -5.73 29.16
CA ASP B 251 -31.54 -5.80 30.19
C ASP B 251 -30.26 -6.46 29.68
N GLU B 252 -30.41 -7.51 28.87
CA GLU B 252 -29.24 -8.16 28.28
C GLU B 252 -28.52 -7.21 27.33
N ILE B 253 -29.28 -6.51 26.49
CA ILE B 253 -28.69 -5.54 25.58
C ILE B 253 -27.96 -4.47 26.38
N GLN B 254 -28.61 -4.05 27.46
CA GLN B 254 -28.12 -2.95 28.29
C GLN B 254 -26.85 -3.36 29.02
N SER B 255 -26.84 -4.60 29.50
CA SER B 255 -25.66 -5.15 30.15
C SER B 255 -24.51 -5.29 29.15
N ILE B 256 -24.82 -5.73 27.93
CA ILE B 256 -23.84 -5.77 26.86
C ILE B 256 -23.16 -4.40 26.72
N ILE B 257 -23.95 -3.36 26.46
CA ILE B 257 -23.40 -2.01 26.25
C ILE B 257 -22.61 -1.47 27.46
N SER B 258 -23.12 -1.69 28.66
CA SER B 258 -22.37 -1.26 29.84
C SER B 258 -21.01 -1.89 29.76
N ASN B 259 -21.00 -3.20 29.51
CA ASN B 259 -19.77 -3.95 29.47
C ASN B 259 -18.74 -3.39 28.51
N THR B 260 -19.16 -3.05 27.29
CA THR B 260 -18.18 -2.63 26.30
C THR B 260 -17.65 -1.22 26.54
N LEU B 261 -18.49 -0.34 27.10
CA LEU B 261 -18.02 0.99 27.49
C LEU B 261 -16.93 0.87 28.56
N LYS B 262 -17.11 -0.09 29.46
CA LYS B 262 -16.25 -0.29 30.63
C LYS B 262 -14.92 -0.95 30.30
N ALA B 263 -15.01 -1.99 29.47
CA ALA B 263 -13.83 -2.73 28.98
C ALA B 263 -13.07 -1.92 27.94
N ARG B 264 -13.79 -1.06 27.22
CA ARG B 264 -13.17 -0.25 26.17
C ARG B 264 -12.35 -1.12 25.21
N PRO B 265 -13.02 -2.08 24.54
CA PRO B 265 -12.34 -3.07 23.67
C PRO B 265 -11.46 -2.42 22.62
N LEU B 266 -10.49 -3.19 22.15
CA LEU B 266 -9.58 -2.76 21.11
C LEU B 266 -9.93 -3.52 19.82
N VAL B 267 -10.28 -2.78 18.79
CA VAL B 267 -10.81 -3.38 17.59
C VAL B 267 -9.85 -3.13 16.45
N GLN B 268 -9.00 -4.11 16.19
CA GLN B 268 -8.08 -4.00 15.09
C GLN B 268 -8.88 -4.13 13.80
N HIS B 269 -8.71 -3.15 12.93
CA HIS B 269 -9.39 -3.10 11.65
C HIS B 269 -8.42 -3.42 10.51
N ILE B 270 -8.61 -4.57 9.86
CA ILE B 270 -7.97 -4.79 8.58
C ILE B 270 -9.10 -4.66 7.57
N THR B 271 -9.06 -3.62 6.73
CA THR B 271 -10.20 -3.31 5.86
C THR B 271 -9.85 -2.37 4.70
N ASN B 272 -10.82 -2.12 3.81
CA ASN B 272 -10.58 -1.25 2.65
C ASN B 272 -10.24 0.17 3.04
N LYS B 273 -9.87 0.98 2.05
CA LYS B 273 -9.53 2.38 2.27
C LYS B 273 -10.76 3.19 2.70
N VAL B 274 -11.85 3.05 1.95
CA VAL B 274 -13.05 3.83 2.23
C VAL B 274 -13.59 3.63 3.65
N HIS B 275 -13.37 2.47 4.23
CA HIS B 275 -13.92 2.17 5.55
C HIS B 275 -13.02 2.58 6.73
N GLN B 276 -11.90 3.21 6.46
CA GLN B 276 -10.95 3.51 7.55
C GLN B 276 -11.52 4.51 8.55
N ASN B 277 -11.83 5.70 8.09
CA ASN B 277 -12.20 6.77 9.01
C ASN B 277 -13.57 6.53 9.65
N PHE B 278 -14.54 6.21 8.81
CA PHE B 278 -15.88 5.90 9.26
C PHE B 278 -15.82 4.78 10.29
N GLY B 279 -15.17 3.68 9.92
CA GLY B 279 -15.06 2.53 10.77
C GLY B 279 -14.42 2.87 12.10
N ALA B 280 -13.44 3.75 12.07
CA ALA B 280 -12.74 4.17 13.28
C ALA B 280 -13.66 4.97 14.18
N ASN B 281 -14.27 6.00 13.61
CA ASN B 281 -15.19 6.86 14.35
C ASN B 281 -16.43 6.16 14.92
N VAL B 282 -17.01 5.22 14.17
CA VAL B 282 -18.04 4.36 14.73
C VAL B 282 -17.51 3.71 16.01
N THR B 283 -16.34 3.11 15.90
CA THR B 283 -15.74 2.37 17.01
C THR B 283 -15.59 3.21 18.26
N LEU B 284 -14.96 4.37 18.13
CA LEU B 284 -14.79 5.17 19.33
C LEU B 284 -16.02 6.02 19.66
N ALA B 285 -17.01 6.03 18.76
CA ALA B 285 -18.33 6.52 19.11
C ALA B 285 -19.00 5.48 19.99
N LEU B 286 -18.54 4.24 19.90
CA LEU B 286 -19.06 3.19 20.77
C LEU B 286 -18.19 3.04 22.02
N GLY B 287 -17.41 4.07 22.30
CA GLY B 287 -16.61 4.09 23.52
C GLY B 287 -15.56 3.00 23.64
N SER B 288 -15.05 2.54 22.50
CA SER B 288 -13.91 1.64 22.51
C SER B 288 -12.87 2.18 21.51
N SER B 289 -11.66 1.61 21.51
CA SER B 289 -10.58 2.15 20.69
C SER B 289 -10.18 1.22 19.55
N PRO B 290 -9.88 1.80 18.39
CA PRO B 290 -9.53 1.10 17.15
C PRO B 290 -8.08 1.29 16.67
N ILE B 291 -7.45 0.20 16.22
CA ILE B 291 -6.16 0.24 15.56
C ILE B 291 -6.36 -0.15 14.14
N MET B 292 -5.81 0.61 13.21
CA MET B 292 -5.88 0.20 11.82
C MET B 292 -4.54 -0.43 11.36
N SER B 293 -3.98 -1.32 12.16
CA SER B 293 -2.70 -1.96 11.83
C SER B 293 -2.77 -3.05 10.78
N GLU B 294 -1.81 -3.04 9.87
CA GLU B 294 -1.72 -4.07 8.84
C GLU B 294 -0.32 -4.70 8.82
N ILE B 295 0.29 -4.83 9.98
CA ILE B 295 1.66 -5.27 10.06
C ILE B 295 1.77 -6.62 10.76
N GLN B 296 2.27 -7.63 10.05
CA GLN B 296 2.49 -8.96 10.64
C GLN B 296 3.28 -8.96 11.95
N SER B 297 4.39 -8.20 11.98
CA SER B 297 5.26 -8.13 13.15
C SER B 297 4.48 -7.79 14.42
N GLU B 298 3.32 -7.17 14.26
CA GLU B 298 2.54 -6.60 15.36
C GLU B 298 1.38 -7.46 15.84
N VAL B 299 0.77 -8.21 14.93
CA VAL B 299 -0.52 -8.84 15.21
C VAL B 299 -0.56 -9.60 16.54
N ASN B 300 0.58 -10.17 16.92
CA ASN B 300 0.64 -10.96 18.13
C ASN B 300 0.52 -10.14 19.39
N ASP B 301 1.16 -8.97 19.37
CA ASP B 301 1.13 -8.04 20.50
C ASP B 301 -0.29 -7.48 20.66
N LEU B 302 -0.88 -7.07 19.54
CA LEU B 302 -2.23 -6.54 19.52
C LEU B 302 -3.26 -7.54 20.04
N ALA B 303 -3.16 -8.80 19.64
CA ALA B 303 -4.11 -9.81 20.09
C ALA B 303 -4.01 -10.07 21.59
N ALA B 304 -2.84 -9.78 22.15
CA ALA B 304 -2.54 -10.12 23.55
C ALA B 304 -3.17 -9.13 24.52
N ILE B 305 -3.51 -7.96 23.99
CA ILE B 305 -4.17 -6.92 24.76
C ILE B 305 -5.54 -7.38 25.26
N PRO B 306 -5.84 -7.09 26.53
CA PRO B 306 -6.95 -7.62 27.33
C PRO B 306 -8.31 -7.78 26.63
N HIS B 307 -8.68 -6.89 25.72
CA HIS B 307 -9.95 -7.09 25.01
C HIS B 307 -9.87 -6.96 23.49
N ALA B 308 -8.72 -7.30 22.93
CA ALA B 308 -8.51 -7.22 21.50
C ALA B 308 -9.60 -7.96 20.74
N THR B 309 -9.99 -7.37 19.62
CA THR B 309 -11.03 -7.91 18.75
C THR B 309 -10.59 -7.59 17.33
N LEU B 310 -10.73 -8.54 16.42
CA LEU B 310 -10.30 -8.31 15.06
C LEU B 310 -11.50 -8.23 14.15
N LEU B 311 -11.57 -7.15 13.38
CA LEU B 311 -12.60 -7.00 12.37
C LEU B 311 -11.87 -7.16 11.07
N LEU B 312 -12.34 -8.10 10.27
CA LEU B 312 -11.62 -8.48 9.06
C LEU B 312 -12.47 -8.20 7.82
N ASN B 313 -11.99 -7.29 6.99
CA ASN B 313 -12.75 -6.85 5.85
C ASN B 313 -12.01 -7.08 4.54
N THR B 314 -12.67 -7.74 3.61
CA THR B 314 -12.05 -8.26 2.41
C THR B 314 -11.81 -7.18 1.37
N GLY B 315 -10.99 -7.50 0.37
CA GLY B 315 -10.76 -6.59 -0.74
C GLY B 315 -9.72 -5.55 -0.40
N SER B 316 -9.34 -5.47 0.87
CA SER B 316 -8.21 -4.64 1.26
C SER B 316 -6.98 -5.13 0.49
N VAL B 317 -5.89 -4.36 0.58
CA VAL B 317 -4.69 -4.68 -0.20
C VAL B 317 -3.74 -5.63 0.53
N ALA B 318 -3.88 -5.70 1.85
CA ALA B 318 -3.04 -6.57 2.68
C ALA B 318 -2.83 -7.97 2.08
N PRO B 319 -1.59 -8.47 2.12
CA PRO B 319 -1.25 -9.81 1.63
C PRO B 319 -1.96 -10.88 2.45
N PRO B 320 -2.36 -11.98 1.81
CA PRO B 320 -3.01 -13.12 2.46
C PRO B 320 -2.16 -13.66 3.59
N GLU B 321 -0.84 -13.56 3.43
CA GLU B 321 0.10 -14.01 4.45
C GLU B 321 -0.13 -13.26 5.73
N MET B 322 -0.30 -11.94 5.62
CA MET B 322 -0.52 -11.12 6.80
C MET B 322 -1.87 -11.45 7.42
N LEU B 323 -2.88 -11.62 6.55
CA LEU B 323 -4.22 -12.02 6.97
C LEU B 323 -4.25 -13.38 7.66
N LYS B 324 -3.50 -14.35 7.12
CA LYS B 324 -3.42 -15.66 7.74
C LYS B 324 -2.78 -15.57 9.13
N ALA B 325 -1.72 -14.80 9.26
CA ALA B 325 -1.06 -14.63 10.55
C ALA B 325 -1.95 -13.88 11.55
N ALA B 326 -2.66 -12.86 11.06
CA ALA B 326 -3.64 -12.16 11.90
C ALA B 326 -4.71 -13.11 12.43
N ILE B 327 -5.39 -13.81 11.52
CA ILE B 327 -6.41 -14.76 11.93
C ILE B 327 -5.88 -15.74 12.97
N ARG B 328 -4.67 -16.24 12.74
CA ARG B 328 -4.07 -17.22 13.63
C ARG B 328 -3.74 -16.63 15.00
N ALA B 329 -3.20 -15.41 15.01
CA ALA B 329 -2.94 -14.71 16.26
C ALA B 329 -4.21 -14.58 17.10
N TYR B 330 -5.31 -14.16 16.50
CA TYR B 330 -6.51 -13.99 17.32
C TYR B 330 -7.08 -15.32 17.78
N ASN B 331 -7.04 -16.33 16.92
CA ASN B 331 -7.49 -17.65 17.33
C ASN B 331 -6.59 -18.29 18.40
N ASP B 332 -5.30 -17.96 18.37
CA ASP B 332 -4.34 -18.50 19.34
C ASP B 332 -4.68 -18.04 20.74
N VAL B 333 -5.38 -16.92 20.81
CA VAL B 333 -5.64 -16.20 22.05
C VAL B 333 -7.12 -16.27 22.44
N LYS B 334 -7.88 -17.05 21.67
CA LYS B 334 -9.32 -17.16 21.86
C LYS B 334 -9.96 -15.79 21.92
N ARG B 335 -9.58 -14.92 20.99
CA ARG B 335 -10.22 -13.62 20.87
C ARG B 335 -11.01 -13.51 19.56
N PRO B 336 -12.18 -12.83 19.62
CA PRO B 336 -13.21 -12.76 18.56
C PRO B 336 -12.74 -12.13 17.25
N ILE B 337 -13.13 -12.77 16.16
CA ILE B 337 -12.92 -12.25 14.81
C ILE B 337 -14.27 -12.09 14.12
N VAL B 338 -14.47 -10.94 13.51
CA VAL B 338 -15.67 -10.66 12.76
C VAL B 338 -15.24 -10.59 11.32
N PHE B 339 -15.85 -11.42 10.48
CA PHE B 339 -15.45 -11.54 9.10
C PHE B 339 -16.49 -10.91 8.18
N ASP B 340 -16.03 -10.12 7.23
CA ASP B 340 -16.91 -9.46 6.28
C ASP B 340 -16.40 -9.65 4.85
N PRO B 341 -16.92 -10.65 4.13
CA PRO B 341 -16.40 -10.97 2.79
C PRO B 341 -17.12 -10.17 1.72
N SER B 345 -18.05 -12.17 -3.50
CA SER B 345 -18.09 -13.18 -4.59
C SER B 345 -18.53 -12.62 -5.96
N ALA B 346 -18.42 -11.31 -6.13
CA ALA B 346 -18.82 -10.64 -7.38
C ALA B 346 -17.84 -10.89 -8.50
N THR B 347 -16.58 -11.16 -8.14
CA THR B 347 -15.54 -11.49 -9.12
C THR B 347 -14.77 -12.74 -8.68
N GLU B 348 -14.47 -13.59 -9.66
CA GLU B 348 -13.74 -14.83 -9.42
C GLU B 348 -12.54 -14.59 -8.49
N THR B 349 -11.86 -13.46 -8.66
CA THR B 349 -10.69 -13.15 -7.83
C THR B 349 -11.05 -13.06 -6.34
N ARG B 350 -12.21 -12.48 -6.05
CA ARG B 350 -12.67 -12.34 -4.66
C ARG B 350 -13.22 -13.63 -4.08
N LEU B 351 -13.79 -14.48 -4.93
CA LEU B 351 -14.26 -15.79 -4.48
C LEU B 351 -13.08 -16.63 -4.02
N LEU B 352 -12.00 -16.63 -4.81
CA LEU B 352 -10.74 -17.26 -4.40
C LEU B 352 -10.25 -16.78 -3.04
N LEU B 353 -9.94 -15.49 -2.96
CA LEU B 353 -9.32 -14.90 -1.77
C LEU B 353 -10.14 -15.17 -0.51
N ASN B 354 -11.46 -15.11 -0.62
CA ASN B 354 -12.33 -15.30 0.53
C ASN B 354 -12.44 -16.74 0.98
N ASN B 355 -12.57 -17.65 0.03
CA ASN B 355 -12.63 -19.05 0.40
C ASN B 355 -11.35 -19.42 1.11
N LYS B 356 -10.27 -18.76 0.72
CA LYS B 356 -8.97 -19.05 1.28
C LYS B 356 -8.87 -18.61 2.73
N LEU B 357 -9.28 -17.38 3.01
CA LEU B 357 -9.27 -16.88 4.38
C LEU B 357 -10.16 -17.73 5.26
N LEU B 358 -11.28 -18.18 4.71
CA LEU B 358 -12.19 -19.02 5.45
C LEU B 358 -11.53 -20.34 5.89
N THR B 359 -10.42 -20.72 5.25
CA THR B 359 -9.69 -21.91 5.65
C THR B 359 -8.62 -21.63 6.70
N PHE B 360 -8.33 -20.36 6.95
CA PHE B 360 -7.27 -20.00 7.89
C PHE B 360 -7.69 -20.09 9.34
N GLY B 361 -8.98 -20.00 9.62
CA GLY B 361 -9.37 -19.88 11.01
C GLY B 361 -10.84 -20.04 11.32
N GLN B 362 -11.12 -19.98 12.63
CA GLN B 362 -12.45 -20.14 13.18
C GLN B 362 -13.03 -18.77 13.50
N PHE B 363 -14.02 -18.33 12.74
CA PHE B 363 -14.60 -17.00 12.92
C PHE B 363 -15.73 -16.90 13.96
N SER B 364 -15.74 -15.79 14.70
CA SER B 364 -16.78 -15.56 15.69
C SER B 364 -18.08 -15.11 15.04
N CYS B 365 -17.99 -14.36 13.97
CA CYS B 365 -19.18 -13.88 13.29
C CYS B 365 -18.93 -13.52 11.83
N ILE B 366 -19.79 -13.97 10.94
CA ILE B 366 -19.69 -13.62 9.52
C ILE B 366 -20.85 -12.70 9.04
N LYS B 367 -20.49 -11.58 8.44
CA LYS B 367 -21.44 -10.53 8.10
C LYS B 367 -21.41 -10.20 6.62
N GLY B 368 -22.57 -10.27 5.96
CA GLY B 368 -22.68 -9.85 4.58
C GLY B 368 -24.09 -9.47 4.19
N ASN B 369 -24.25 -8.92 2.99
CA ASN B 369 -25.56 -8.59 2.47
C ASN B 369 -26.22 -9.80 1.83
N SER B 370 -27.37 -9.60 1.18
CA SER B 370 -28.09 -10.73 0.59
C SER B 370 -27.23 -11.47 -0.45
N SER B 371 -26.57 -10.71 -1.32
CA SER B 371 -25.74 -11.31 -2.35
C SER B 371 -24.63 -12.19 -1.77
N GLU B 372 -23.91 -11.66 -0.78
CA GLU B 372 -22.75 -12.36 -0.23
C GLU B 372 -23.17 -13.57 0.58
N ILE B 373 -24.28 -13.43 1.29
CA ILE B 373 -24.78 -14.55 2.09
C ILE B 373 -25.32 -15.69 1.24
N LEU B 374 -25.83 -15.37 0.06
CA LEU B 374 -26.33 -16.38 -0.84
C LEU B 374 -25.17 -17.09 -1.56
N GLY B 375 -24.09 -16.34 -1.81
CA GLY B 375 -22.88 -16.93 -2.33
C GLY B 375 -22.34 -17.94 -1.34
N LEU B 376 -22.13 -17.52 -0.10
CA LEU B 376 -21.61 -18.40 0.93
C LEU B 376 -22.52 -19.58 1.27
N ALA B 377 -23.82 -19.44 1.06
CA ALA B 377 -24.76 -20.51 1.32
C ALA B 377 -24.72 -21.53 0.18
N GLU B 378 -24.03 -21.14 -0.89
CA GLU B 378 -23.90 -21.96 -2.09
C GLU B 378 -25.16 -21.87 -2.95
N LEU B 379 -25.61 -20.64 -3.16
CA LEU B 379 -26.81 -20.27 -3.93
C LEU B 379 -28.15 -20.51 -3.21
N SER B 394 -36.31 -12.82 -2.51
CA SER B 394 -37.18 -13.39 -1.49
C SER B 394 -36.70 -13.05 -0.09
N ASN B 395 -37.33 -13.66 0.91
CA ASN B 395 -37.13 -13.28 2.32
C ASN B 395 -36.95 -14.52 3.16
N GLU B 396 -37.60 -15.60 2.74
CA GLU B 396 -37.46 -16.87 3.43
C GLU B 396 -36.20 -17.53 2.92
N LEU B 397 -35.83 -17.19 1.69
CA LEU B 397 -34.61 -17.71 1.11
C LEU B 397 -33.42 -17.16 1.90
N LEU B 398 -33.47 -15.87 2.22
CA LEU B 398 -32.41 -15.24 3.00
C LEU B 398 -32.29 -15.86 4.39
N ILE B 399 -33.43 -16.17 5.02
CA ILE B 399 -33.41 -16.80 6.34
C ILE B 399 -32.90 -18.24 6.24
N GLN B 400 -33.05 -18.85 5.08
CA GLN B 400 -32.49 -20.17 4.87
C GLN B 400 -30.99 -20.01 4.62
N ALA B 401 -30.65 -19.15 3.66
CA ALA B 401 -29.25 -18.91 3.34
C ALA B 401 -28.46 -18.44 4.56
N THR B 402 -29.10 -17.69 5.46
CA THR B 402 -28.39 -17.20 6.64
C THR B 402 -28.15 -18.32 7.66
N LYS B 403 -29.04 -19.31 7.69
CA LYS B 403 -28.89 -20.41 8.64
C LYS B 403 -27.84 -21.40 8.13
N ILE B 404 -27.75 -21.57 6.82
CA ILE B 404 -26.74 -22.42 6.22
C ILE B 404 -25.35 -21.91 6.55
N VAL B 405 -25.08 -20.67 6.13
CA VAL B 405 -23.81 -20.01 6.40
C VAL B 405 -23.38 -20.08 7.86
N ALA B 406 -24.33 -19.92 8.77
CA ALA B 406 -24.00 -19.95 10.19
C ALA B 406 -23.57 -21.35 10.57
N PHE B 407 -24.28 -22.33 10.03
CA PHE B 407 -23.97 -23.70 10.36
C PHE B 407 -22.69 -24.19 9.66
N LYS B 408 -22.57 -23.91 8.37
CA LYS B 408 -21.41 -24.30 7.58
C LYS B 408 -20.09 -23.95 8.25
N TYR B 409 -19.99 -22.69 8.71
CA TYR B 409 -18.75 -22.20 9.31
C TYR B 409 -18.80 -22.14 10.84
N LYS B 410 -19.78 -22.81 11.42
CA LYS B 410 -19.96 -22.84 12.88
C LYS B 410 -19.81 -21.44 13.50
N THR B 411 -20.65 -20.52 13.07
CA THR B 411 -20.47 -19.12 13.40
C THR B 411 -21.81 -18.39 13.55
N VAL B 412 -21.78 -17.18 14.11
CA VAL B 412 -22.96 -16.33 14.06
C VAL B 412 -22.95 -15.55 12.73
N ALA B 413 -23.85 -15.91 11.81
CA ALA B 413 -23.96 -15.19 10.54
C ALA B 413 -24.96 -14.05 10.63
N VAL B 414 -24.76 -13.04 9.80
CA VAL B 414 -25.61 -11.86 9.78
C VAL B 414 -25.91 -11.47 8.34
N CYS B 415 -27.19 -11.41 7.98
CA CYS B 415 -27.59 -11.00 6.63
C CYS B 415 -28.25 -9.63 6.64
N THR B 416 -27.54 -8.62 6.15
CA THR B 416 -28.09 -7.26 6.14
C THR B 416 -29.17 -7.08 5.07
N GLY B 417 -29.87 -5.95 5.14
CA GLY B 417 -30.99 -5.67 4.25
C GLY B 417 -32.04 -4.84 4.98
N GLU B 418 -33.24 -4.73 4.41
CA GLU B 418 -34.32 -4.07 5.15
C GLU B 418 -34.48 -4.78 6.49
N PHE B 419 -34.58 -6.10 6.44
CA PHE B 419 -34.55 -6.90 7.66
C PHE B 419 -33.17 -7.52 7.79
N ASP B 420 -32.59 -7.45 8.99
CA ASP B 420 -31.34 -8.14 9.27
C ASP B 420 -31.65 -9.46 9.95
N PHE B 421 -31.14 -10.56 9.42
CA PHE B 421 -31.32 -11.85 10.06
C PHE B 421 -30.01 -12.29 10.70
N ILE B 422 -30.10 -12.95 11.86
CA ILE B 422 -28.92 -13.30 12.63
C ILE B 422 -29.07 -14.71 13.13
N ALA B 423 -28.35 -15.64 12.54
CA ALA B 423 -28.39 -17.05 12.94
C ALA B 423 -27.22 -17.44 13.83
N ASP B 424 -27.44 -18.35 14.79
CA ASP B 424 -26.36 -18.85 15.64
C ASP B 424 -25.95 -20.25 15.23
N GLY B 425 -24.81 -20.37 14.57
CA GLY B 425 -24.33 -21.66 14.13
C GLY B 425 -23.35 -22.36 15.07
N THR B 426 -23.01 -21.72 16.18
CA THR B 426 -21.97 -22.26 17.06
C THR B 426 -22.25 -23.65 17.67
N ILE B 427 -23.49 -23.91 18.06
CA ILE B 427 -23.83 -25.21 18.64
C ILE B 427 -23.09 -25.50 19.96
N GLU B 428 -22.78 -24.44 20.70
CA GLU B 428 -22.19 -24.55 22.03
C GLU B 428 -20.76 -25.11 22.02
N GLY B 429 -20.13 -25.05 20.85
CA GLY B 429 -18.75 -25.47 20.67
C GLY B 429 -18.57 -26.97 20.56
N LYS B 430 -19.64 -27.67 20.21
CA LYS B 430 -19.63 -29.13 20.25
C LYS B 430 -19.13 -29.82 18.97
N TYR B 431 -18.25 -30.80 19.16
CA TYR B 431 -17.87 -31.68 18.05
C TYR B 431 -17.76 -33.13 18.50
N SER B 432 -17.95 -34.04 17.55
CA SER B 432 -17.73 -35.46 17.81
C SER B 432 -17.36 -36.14 16.49
N LEU B 433 -17.18 -37.46 16.51
CA LEU B 433 -16.65 -38.17 15.33
C LEU B 433 -17.71 -38.80 14.40
N LYS B 435 -20.79 -39.42 13.52
CA LYS B 435 -21.96 -39.25 14.40
C LYS B 435 -22.54 -37.84 14.35
N GLY B 436 -21.69 -36.86 14.00
CA GLY B 436 -22.13 -35.50 13.80
C GLY B 436 -22.77 -34.93 15.03
N THR B 437 -23.57 -33.88 14.85
CA THR B 437 -24.20 -33.21 15.96
C THR B 437 -25.69 -33.49 15.98
N ASN B 438 -26.12 -34.29 16.96
CA ASN B 438 -27.51 -34.71 17.10
C ASN B 438 -28.44 -33.52 17.33
N THR B 440 -29.61 -31.49 15.67
CA THR B 440 -29.25 -30.15 15.26
C THR B 440 -28.72 -30.08 13.83
N SER B 441 -29.25 -29.16 13.03
CA SER B 441 -28.87 -29.05 11.62
C SER B 441 -28.97 -27.63 11.05
N VAL B 442 -28.59 -27.51 9.77
CA VAL B 442 -28.68 -26.27 9.01
C VAL B 442 -30.09 -25.68 9.04
N GLU B 443 -31.02 -26.43 9.58
CA GLU B 443 -32.44 -26.09 9.46
C GLU B 443 -33.09 -25.68 10.78
N ASP B 444 -32.49 -26.07 11.90
CA ASP B 444 -33.13 -25.84 13.19
C ASP B 444 -32.30 -25.07 14.22
N ILE B 445 -31.25 -24.38 13.74
CA ILE B 445 -30.52 -23.44 14.58
C ILE B 445 -31.40 -22.21 14.83
N PRO B 446 -31.20 -21.55 15.98
CA PRO B 446 -31.96 -20.33 16.30
C PRO B 446 -31.64 -19.24 15.31
N CYS B 447 -32.66 -18.57 14.79
CA CYS B 447 -32.44 -17.46 13.87
C CYS B 447 -33.47 -16.37 14.13
N VAL B 448 -33.01 -15.19 14.53
CA VAL B 448 -33.91 -14.07 14.81
C VAL B 448 -33.85 -13.04 13.71
N ALA B 449 -34.67 -11.99 13.85
CA ALA B 449 -34.73 -10.92 12.86
C ALA B 449 -34.82 -9.55 13.54
N VAL B 450 -34.40 -8.53 12.81
CA VAL B 450 -34.38 -7.19 13.37
C VAL B 450 -34.83 -6.25 12.28
N GLU B 451 -35.94 -5.59 12.50
CA GLU B 451 -36.50 -4.69 11.50
C GLU B 451 -36.93 -3.39 12.15
N ALA B 452 -36.90 -2.31 11.39
CA ALA B 452 -37.24 -0.99 11.91
C ALA B 452 -37.89 -0.14 10.81
N GLY B 453 -38.61 -0.81 9.92
CA GLY B 453 -39.21 -0.15 8.78
C GLY B 453 -38.19 0.09 7.69
N PRO B 454 -38.64 0.56 6.52
CA PRO B 454 -37.72 0.93 5.45
C PRO B 454 -36.84 2.13 5.84
N ILE B 455 -35.55 2.02 5.53
CA ILE B 455 -34.59 3.10 5.71
C ILE B 455 -33.61 3.11 4.54
N GLU B 456 -34.13 3.31 3.33
CA GLU B 456 -33.33 3.17 2.12
C GLU B 456 -32.04 3.97 2.13
N ILE B 457 -32.07 5.11 2.80
CA ILE B 457 -30.92 6.00 2.83
C ILE B 457 -29.68 5.35 3.47
N MET B 458 -29.89 4.35 4.34
CA MET B 458 -28.77 3.66 4.98
C MET B 458 -27.81 3.00 3.97
N GLY B 459 -28.33 2.69 2.78
CA GLY B 459 -27.52 2.03 1.77
C GLY B 459 -27.00 3.03 0.76
N ASP B 460 -27.33 4.31 0.97
CA ASP B 460 -26.85 5.39 0.12
C ASP B 460 -25.67 6.08 0.77
N ILE B 461 -25.03 5.36 1.67
CA ILE B 461 -23.85 5.80 2.40
C ILE B 461 -22.84 4.65 2.41
N THR B 462 -21.56 4.97 2.18
CA THR B 462 -20.53 3.94 1.95
C THR B 462 -20.00 3.28 3.22
N ALA B 463 -19.72 1.98 3.11
CA ALA B 463 -19.21 1.16 4.23
C ALA B 463 -20.24 1.01 5.34
N SER B 464 -21.52 0.99 4.98
CA SER B 464 -22.60 0.86 5.95
C SER B 464 -22.48 -0.46 6.70
N GLY B 465 -22.47 -1.56 5.94
CA GLY B 465 -22.28 -2.90 6.50
C GLY B 465 -20.90 -3.08 7.10
N CYS B 466 -19.90 -2.40 6.54
CA CYS B 466 -18.57 -2.38 7.14
C CYS B 466 -18.70 -1.82 8.55
N SER B 467 -19.34 -0.65 8.67
CA SER B 467 -19.52 -0.01 9.96
C SER B 467 -20.47 -0.73 10.90
N LEU B 468 -21.44 -1.47 10.37
CA LEU B 468 -22.19 -2.40 11.20
C LEU B 468 -21.24 -3.43 11.80
N GLY B 469 -20.25 -3.86 10.99
CA GLY B 469 -19.17 -4.71 11.44
C GLY B 469 -18.36 -4.14 12.59
N SER B 470 -17.93 -2.89 12.48
CA SER B 470 -17.28 -2.22 13.60
C SER B 470 -18.13 -2.33 14.85
N THR B 471 -19.44 -2.09 14.70
CA THR B 471 -20.36 -2.08 15.83
C THR B 471 -20.43 -3.45 16.50
N ILE B 472 -20.67 -4.48 15.69
CA ILE B 472 -20.69 -5.85 16.19
C ILE B 472 -19.40 -6.18 16.95
N ALA B 473 -18.26 -5.82 16.37
CA ALA B 473 -16.98 -6.12 17.00
C ALA B 473 -16.85 -5.50 18.39
N CYS B 474 -17.28 -4.24 18.52
CA CYS B 474 -17.18 -3.57 19.81
C CYS B 474 -18.09 -4.28 20.80
N MET B 475 -19.28 -4.65 20.32
CA MET B 475 -20.23 -5.36 21.15
C MET B 475 -19.69 -6.71 21.60
N ILE B 476 -19.08 -7.46 20.67
CA ILE B 476 -18.41 -8.70 21.05
C ILE B 476 -17.13 -8.47 21.84
N GLY B 477 -16.38 -7.44 21.46
CA GLY B 477 -15.19 -7.05 22.20
C GLY B 477 -15.35 -7.06 23.71
N GLY B 478 -16.39 -6.38 24.20
CA GLY B 478 -16.57 -6.16 25.63
C GLY B 478 -17.10 -7.28 26.52
N GLN B 479 -17.58 -8.36 25.92
CA GLN B 479 -18.11 -9.47 26.72
C GLN B 479 -17.04 -10.21 27.51
N PRO B 480 -17.38 -10.59 28.75
CA PRO B 480 -16.48 -11.34 29.62
C PRO B 480 -16.68 -12.83 29.38
N SER B 481 -15.90 -13.65 30.07
CA SER B 481 -16.02 -15.09 30.00
C SER B 481 -17.47 -15.58 30.08
N GLU B 482 -18.27 -14.97 30.96
CA GLU B 482 -19.67 -15.39 31.15
C GLU B 482 -20.61 -14.72 30.17
N GLY B 483 -20.03 -13.95 29.25
CA GLY B 483 -20.83 -13.25 28.27
C GLY B 483 -21.54 -14.21 27.34
N ASN B 484 -22.25 -13.66 26.36
CA ASN B 484 -22.84 -14.51 25.34
C ASN B 484 -22.61 -13.94 23.97
N LEU B 485 -22.03 -14.78 23.11
CA LEU B 485 -21.67 -14.37 21.75
C LEU B 485 -22.92 -13.97 20.97
N PHE B 486 -23.88 -14.88 20.86
CA PHE B 486 -25.08 -14.58 20.09
C PHE B 486 -25.73 -13.27 20.53
N HIS B 487 -25.95 -13.10 21.84
CA HIS B 487 -26.63 -11.91 22.33
C HIS B 487 -25.90 -10.63 21.96
N ALA B 488 -24.57 -10.68 21.95
CA ALA B 488 -23.77 -9.50 21.65
C ALA B 488 -23.84 -9.09 20.18
N VAL B 489 -24.06 -10.06 19.29
CA VAL B 489 -24.22 -9.73 17.87
C VAL B 489 -25.61 -9.12 17.65
N VAL B 490 -26.62 -9.75 18.23
CA VAL B 490 -27.94 -9.19 18.15
C VAL B 490 -27.92 -7.77 18.73
N ALA B 491 -27.38 -7.62 19.93
CA ALA B 491 -27.29 -6.30 20.54
C ALA B 491 -26.69 -5.27 19.59
N GLY B 492 -25.61 -5.66 18.91
CA GLY B 492 -24.92 -4.80 17.97
C GLY B 492 -25.76 -4.43 16.76
N VAL B 493 -26.50 -5.40 16.24
CA VAL B 493 -27.43 -5.14 15.14
C VAL B 493 -28.57 -4.20 15.55
N MET B 494 -29.17 -4.43 16.71
CA MET B 494 -30.20 -3.54 17.21
C MET B 494 -29.65 -2.12 17.26
N LEU B 495 -28.53 -1.96 17.97
CA LEU B 495 -27.92 -0.65 18.17
C LEU B 495 -27.72 0.11 16.86
N TYR B 496 -27.15 -0.56 15.87
CA TYR B 496 -26.87 0.07 14.57
C TYR B 496 -28.15 0.42 13.83
N LYS B 497 -29.15 -0.47 13.89
CA LYS B 497 -30.40 -0.20 13.23
C LYS B 497 -31.09 0.95 13.94
N ALA B 498 -31.12 0.87 15.26
CA ALA B 498 -31.73 1.91 16.05
C ALA B 498 -31.12 3.26 15.68
N ALA B 499 -29.81 3.27 15.44
CA ALA B 499 -29.11 4.52 15.19
C ALA B 499 -29.29 4.98 13.76
N GLY B 500 -29.73 4.09 12.89
CA GLY B 500 -30.00 4.46 11.51
C GLY B 500 -31.41 5.00 11.35
N LYS B 501 -32.32 4.51 12.18
CA LYS B 501 -33.68 5.03 12.22
C LYS B 501 -33.60 6.50 12.64
N ILE B 502 -32.90 6.75 13.74
CA ILE B 502 -32.75 8.10 14.26
C ILE B 502 -32.06 9.06 13.28
N ALA B 503 -31.10 8.57 12.51
CA ALA B 503 -30.40 9.46 11.60
C ALA B 503 -31.29 9.78 10.40
N SER B 504 -32.01 8.78 9.91
CA SER B 504 -32.85 8.99 8.75
C SER B 504 -33.87 10.09 9.03
N GLU B 505 -34.26 10.22 10.29
CA GLU B 505 -35.26 11.22 10.68
C GLU B 505 -34.64 12.61 10.78
N LYS B 506 -33.36 12.67 11.14
CA LYS B 506 -32.72 13.95 11.40
C LYS B 506 -31.88 14.49 10.25
N CYS B 507 -31.81 13.76 9.15
CA CYS B 507 -30.87 14.13 8.09
C CYS B 507 -31.53 14.88 6.93
N ASN B 508 -30.72 15.49 6.08
CA ASN B 508 -31.20 16.18 4.89
C ASN B 508 -30.60 15.61 3.61
N GLY B 509 -30.23 14.34 3.63
CA GLY B 509 -29.53 13.72 2.52
C GLY B 509 -28.40 12.79 2.96
N SER B 510 -27.68 12.24 1.99
CA SER B 510 -26.57 11.30 2.26
C SER B 510 -25.53 11.85 3.22
N GLY B 511 -24.93 12.97 2.84
CA GLY B 511 -23.92 13.63 3.64
C GLY B 511 -24.26 13.72 5.12
N SER B 512 -25.39 14.34 5.44
CA SER B 512 -25.70 14.55 6.85
C SER B 512 -26.15 13.25 7.51
N PHE B 513 -26.61 12.30 6.71
CA PHE B 513 -27.04 11.04 7.29
C PHE B 513 -25.90 10.39 8.06
N GLN B 514 -24.73 10.26 7.41
CA GLN B 514 -23.61 9.59 8.04
C GLN B 514 -23.19 10.25 9.35
N VAL B 515 -23.11 11.57 9.37
CA VAL B 515 -22.73 12.26 10.61
C VAL B 515 -23.82 12.15 11.69
N GLU B 516 -25.06 11.99 11.27
CA GLU B 516 -26.13 11.72 12.22
C GLU B 516 -26.03 10.31 12.78
N LEU B 517 -25.62 9.36 11.93
CA LEU B 517 -25.44 7.97 12.33
C LEU B 517 -24.46 7.84 13.51
N ILE B 518 -23.28 8.43 13.36
CA ILE B 518 -22.29 8.37 14.42
C ILE B 518 -22.77 9.07 15.70
N ASP B 519 -23.36 10.25 15.55
CA ASP B 519 -23.98 10.93 16.68
C ASP B 519 -24.99 10.03 17.35
N ALA B 520 -25.89 9.47 16.56
CA ALA B 520 -26.93 8.62 17.12
C ALA B 520 -26.32 7.45 17.88
N LEU B 521 -25.22 6.92 17.35
CA LEU B 521 -24.48 5.84 18.02
C LEU B 521 -23.81 6.32 19.30
N TYR B 522 -23.28 7.54 19.26
CA TYR B 522 -22.63 8.14 20.42
C TYR B 522 -23.63 8.37 21.56
N ARG B 523 -24.76 9.02 21.24
CA ARG B 523 -25.79 9.35 22.22
C ARG B 523 -26.47 8.11 22.78
N LEU B 524 -26.87 7.20 21.89
CA LEU B 524 -27.60 6.00 22.30
C LEU B 524 -26.86 5.19 23.35
N THR B 525 -25.53 5.08 23.20
CA THR B 525 -24.76 4.24 24.10
C THR B 525 -24.39 5.02 25.34
N ARG B 526 -24.12 6.31 25.18
CA ARG B 526 -23.89 7.18 26.32
C ARG B 526 -25.10 7.19 27.30
N GLU B 527 -26.32 7.07 26.79
CA GLU B 527 -27.48 6.97 27.66
C GLU B 527 -28.10 5.59 27.62
N ASN B 528 -27.28 4.61 27.33
CA ASN B 528 -27.65 3.20 27.35
C ASN B 528 -29.05 2.92 27.94
N THR B 529 -30.08 3.01 27.10
CA THR B 529 -31.45 2.70 27.55
C THR B 529 -32.27 2.06 26.43
N PRO B 530 -32.02 0.77 26.18
CA PRO B 530 -32.60 0.03 25.04
C PRO B 530 -34.12 0.09 24.94
N VAL B 531 -34.83 0.24 26.06
CA VAL B 531 -36.29 0.31 26.02
C VAL B 531 -36.75 1.30 24.97
N THR B 532 -35.94 2.33 24.76
CA THR B 532 -36.27 3.45 23.88
C THR B 532 -36.20 3.13 22.40
N TRP B 533 -35.26 2.27 22.00
CA TRP B 533 -34.92 2.10 20.59
C TRP B 533 -36.06 1.68 19.67
N ALA B 534 -35.94 2.08 18.40
CA ALA B 534 -36.96 1.82 17.39
C ALA B 534 -37.11 0.37 16.95
N PRO B 535 -35.99 -0.36 16.73
CA PRO B 535 -36.03 -1.67 16.09
C PRO B 535 -36.78 -2.72 16.89
N LYS B 536 -37.38 -3.66 16.16
CA LYS B 536 -38.22 -4.73 16.71
C LYS B 536 -37.56 -6.09 16.46
N LEU B 537 -37.43 -6.89 17.52
CA LEU B 537 -36.69 -8.15 17.47
C LEU B 537 -37.59 -9.37 17.53
N THR B 538 -37.70 -10.10 16.42
CA THR B 538 -38.60 -11.26 16.35
C THR B 538 -37.86 -12.59 16.13
N HIS B 539 -38.62 -13.69 16.05
CA HIS B 539 -38.05 -14.98 15.66
C HIS B 539 -38.27 -15.21 14.17
N THR B 540 -37.24 -15.67 13.46
CA THR B 540 -37.38 -16.05 12.06
C THR B 540 -37.98 -17.45 12.03
N PHE C 3 9.23 4.34 -60.41
CA PHE C 3 8.45 4.91 -59.31
C PHE C 3 8.79 6.37 -59.04
N SER C 4 7.82 7.26 -59.26
CA SER C 4 7.96 8.67 -58.88
C SER C 4 7.55 8.84 -57.41
N LYS C 5 8.13 9.82 -56.73
CA LYS C 5 7.83 10.07 -55.32
C LYS C 5 6.32 10.01 -54.95
N GLU C 6 5.45 10.53 -55.80
CA GLU C 6 4.03 10.60 -55.48
C GLU C 6 3.36 9.24 -55.62
N GLN C 7 4.06 8.30 -56.24
CA GLN C 7 3.54 6.95 -56.45
C GLN C 7 3.72 6.09 -55.19
N PHE C 8 4.47 6.60 -54.23
CA PHE C 8 4.71 5.89 -52.98
C PHE C 8 3.48 5.94 -52.08
N ASP C 9 2.84 4.79 -51.91
CA ASP C 9 1.73 4.66 -50.99
C ASP C 9 2.28 4.11 -49.68
N TYR C 10 2.03 4.79 -48.58
CA TYR C 10 2.42 4.22 -47.29
C TYR C 10 1.23 3.48 -46.70
N SER C 11 1.04 3.54 -45.39
CA SER C 11 -0.16 2.94 -44.81
C SER C 11 -0.16 1.41 -44.74
N LEU C 12 0.96 0.77 -45.08
CA LEU C 12 1.24 -0.57 -44.59
C LEU C 12 2.70 -0.81 -44.89
N TYR C 13 3.51 0.20 -44.59
CA TYR C 13 4.96 0.12 -44.71
C TYR C 13 5.47 -1.07 -43.90
N LEU C 14 5.87 -2.13 -44.59
CA LEU C 14 6.34 -3.34 -43.93
C LEU C 14 7.86 -3.31 -43.84
N VAL C 15 8.39 -3.21 -42.62
CA VAL C 15 9.84 -3.26 -42.40
C VAL C 15 10.29 -4.69 -42.02
N THR C 16 11.16 -5.29 -42.84
CA THR C 16 11.47 -6.71 -42.67
C THR C 16 12.47 -7.01 -41.57
N ASP C 17 12.45 -8.24 -41.08
CA ASP C 17 13.45 -8.70 -40.13
C ASP C 17 13.73 -10.21 -40.20
N SER C 18 14.69 -10.61 -41.01
CA SER C 18 15.11 -12.01 -41.04
C SER C 18 15.64 -12.33 -39.65
N GLY C 19 15.37 -13.54 -39.18
CA GLY C 19 15.80 -13.92 -37.84
C GLY C 19 14.80 -13.52 -36.77
N MET C 20 13.59 -13.26 -37.20
CA MET C 20 12.48 -13.02 -36.28
C MET C 20 11.34 -13.84 -36.84
N ILE C 21 11.67 -14.60 -37.88
CA ILE C 21 10.68 -15.37 -38.61
C ILE C 21 10.40 -16.69 -37.90
N PRO C 22 9.13 -17.11 -37.90
CA PRO C 22 8.66 -18.37 -37.33
C PRO C 22 9.18 -19.54 -38.14
N GLU C 23 9.45 -20.67 -37.48
CA GLU C 23 9.91 -21.86 -38.17
C GLU C 23 8.93 -22.29 -39.26
N GLY C 24 9.47 -22.95 -40.28
CA GLY C 24 8.67 -23.41 -41.40
C GLY C 24 8.21 -22.28 -42.28
N LYS C 25 8.55 -21.07 -41.90
CA LYS C 25 8.23 -19.90 -42.70
C LYS C 25 9.49 -19.20 -43.19
N THR C 26 9.41 -18.59 -44.37
CA THR C 26 10.54 -17.85 -44.90
C THR C 26 10.23 -16.36 -44.96
N LEU C 27 11.26 -15.54 -45.09
CA LEU C 27 11.07 -14.11 -45.24
C LEU C 27 10.26 -13.85 -46.50
N TYR C 28 10.63 -14.54 -47.57
CA TYR C 28 9.92 -14.42 -48.84
C TYR C 28 8.43 -14.67 -48.64
N GLY C 29 8.10 -15.74 -47.94
CA GLY C 29 6.72 -16.08 -47.65
C GLY C 29 5.99 -14.98 -46.92
N GLN C 30 6.58 -14.50 -45.83
CA GLN C 30 5.95 -13.46 -45.03
C GLN C 30 5.77 -12.15 -45.80
N VAL C 31 6.72 -11.83 -46.68
CA VAL C 31 6.58 -10.61 -47.47
C VAL C 31 5.62 -10.79 -48.63
N GLU C 32 5.46 -12.03 -49.09
CA GLU C 32 4.50 -12.30 -50.16
C GLU C 32 3.08 -12.20 -49.58
N ALA C 33 2.90 -12.77 -48.40
CA ALA C 33 1.62 -12.79 -47.70
C ALA C 33 1.06 -11.38 -47.52
N GLY C 34 1.91 -10.45 -47.10
CA GLY C 34 1.51 -9.08 -46.91
C GLY C 34 1.21 -8.36 -48.21
N LEU C 35 2.07 -8.58 -49.21
CA LEU C 35 1.92 -7.94 -50.52
C LEU C 35 0.64 -8.40 -51.21
N GLN C 36 0.06 -9.47 -50.68
CA GLN C 36 -1.19 -10.00 -51.21
C GLN C 36 -2.39 -9.47 -50.41
N ASN C 37 -2.15 -9.13 -49.16
CA ASN C 37 -3.25 -8.75 -48.30
C ASN C 37 -3.14 -7.31 -47.83
N GLY C 38 -2.53 -6.46 -48.65
CA GLY C 38 -2.60 -5.03 -48.43
C GLY C 38 -1.38 -4.41 -47.78
N VAL C 39 -0.21 -4.67 -48.34
CA VAL C 39 1.00 -3.97 -47.96
C VAL C 39 1.35 -3.12 -49.15
N THR C 40 1.78 -1.89 -48.94
CA THR C 40 1.95 -0.97 -50.06
C THR C 40 3.36 -0.44 -50.18
N LEU C 41 4.21 -0.84 -49.25
CA LEU C 41 5.59 -0.40 -49.23
C LEU C 41 6.43 -1.34 -48.37
N VAL C 42 7.62 -1.69 -48.85
CA VAL C 42 8.44 -2.70 -48.18
C VAL C 42 9.85 -2.18 -47.98
N GLN C 43 10.33 -2.28 -46.75
CA GLN C 43 11.71 -1.93 -46.46
C GLN C 43 12.50 -3.18 -46.06
N ILE C 44 13.75 -3.23 -46.50
CA ILE C 44 14.61 -4.38 -46.22
C ILE C 44 15.69 -4.02 -45.23
N ARG C 45 15.74 -4.83 -44.19
CA ARG C 45 16.55 -4.56 -43.02
C ARG C 45 17.36 -5.79 -42.65
N GLU C 46 18.68 -5.69 -42.79
CA GLU C 46 19.59 -6.69 -42.26
C GLU C 46 20.73 -5.96 -41.55
N LYS C 47 20.65 -5.88 -40.23
CA LYS C 47 21.64 -5.13 -39.46
C LYS C 47 22.90 -5.96 -39.21
N ASP C 48 22.84 -7.25 -39.49
CA ASP C 48 23.94 -8.16 -39.12
C ASP C 48 24.51 -9.01 -40.25
N ALA C 49 23.68 -9.32 -41.25
CA ALA C 49 24.10 -10.24 -42.31
C ALA C 49 25.20 -9.72 -43.24
N ASP C 50 25.68 -10.62 -44.12
CA ASP C 50 26.75 -10.34 -45.07
C ASP C 50 26.26 -9.46 -46.20
N THR C 51 27.03 -8.43 -46.56
CA THR C 51 26.59 -7.51 -47.60
C THR C 51 26.37 -8.22 -48.92
N LYS C 52 26.82 -9.47 -49.00
CA LYS C 52 26.62 -10.25 -50.22
C LYS C 52 25.34 -11.03 -50.15
N PHE C 53 24.92 -11.39 -48.94
CA PHE C 53 23.66 -12.10 -48.76
C PHE C 53 22.50 -11.11 -48.78
N PHE C 54 22.74 -9.96 -48.15
CA PHE C 54 21.87 -8.81 -48.25
C PHE C 54 21.47 -8.62 -49.71
N ILE C 55 22.47 -8.52 -50.59
CA ILE C 55 22.24 -8.23 -52.00
C ILE C 55 21.40 -9.32 -52.68
N GLU C 56 21.84 -10.56 -52.54
CA GLU C 56 21.10 -11.67 -53.12
C GLU C 56 19.66 -11.67 -52.60
N GLU C 57 19.49 -11.33 -51.33
CA GLU C 57 18.17 -11.34 -50.72
C GLU C 57 17.37 -10.11 -51.11
N ALA C 58 18.04 -8.96 -51.19
CA ALA C 58 17.38 -7.74 -51.60
C ALA C 58 16.91 -7.82 -53.05
N LEU C 59 17.78 -8.30 -53.93
CA LEU C 59 17.42 -8.47 -55.33
C LEU C 59 16.29 -9.46 -55.53
N GLN C 60 16.23 -10.48 -54.67
CA GLN C 60 15.20 -11.51 -54.78
C GLN C 60 13.85 -10.93 -54.42
N ILE C 61 13.87 -10.09 -53.38
CA ILE C 61 12.67 -9.48 -52.84
C ILE C 61 12.29 -8.24 -53.64
N LYS C 62 13.28 -7.62 -54.30
CA LYS C 62 12.95 -6.52 -55.21
C LYS C 62 11.99 -6.99 -56.30
N GLU C 63 12.32 -8.12 -56.93
CA GLU C 63 11.45 -8.72 -57.92
C GLU C 63 10.02 -8.94 -57.42
N LEU C 64 9.89 -9.60 -56.26
CA LEU C 64 8.57 -9.82 -55.67
C LEU C 64 7.80 -8.50 -55.51
N CYS C 65 8.46 -7.52 -54.94
CA CYS C 65 7.83 -6.22 -54.73
C CYS C 65 7.40 -5.59 -56.04
N HIS C 66 8.33 -5.48 -56.98
CA HIS C 66 8.03 -4.91 -58.27
C HIS C 66 6.93 -5.67 -59.01
N ALA C 67 6.74 -6.95 -58.67
CA ALA C 67 5.67 -7.75 -59.27
C ALA C 67 4.28 -7.44 -58.71
N HIS C 68 4.23 -6.62 -57.66
CA HIS C 68 2.98 -6.14 -57.10
C HIS C 68 2.93 -4.63 -57.24
N ASN C 69 3.86 -4.07 -58.02
CA ASN C 69 3.96 -2.62 -58.19
C ASN C 69 4.07 -1.87 -56.87
N VAL C 70 4.92 -2.39 -55.99
CA VAL C 70 5.29 -1.72 -54.74
C VAL C 70 6.78 -1.57 -54.69
N PRO C 71 7.26 -0.37 -54.35
CA PRO C 71 8.70 -0.07 -54.32
C PRO C 71 9.40 -0.75 -53.16
N LEU C 72 10.72 -0.89 -53.29
CA LEU C 72 11.55 -1.50 -52.25
C LEU C 72 12.50 -0.46 -51.63
N ILE C 73 12.55 -0.44 -50.31
CA ILE C 73 13.50 0.42 -49.61
C ILE C 73 14.55 -0.41 -48.87
N ILE C 74 15.76 0.14 -48.78
CA ILE C 74 16.88 -0.54 -48.14
C ILE C 74 17.39 0.24 -46.95
N ASN C 75 17.40 -0.40 -45.78
CA ASN C 75 17.85 0.25 -44.56
C ASN C 75 19.36 0.39 -44.48
N ASP C 76 19.81 1.56 -44.03
CA ASP C 76 21.24 1.83 -43.89
C ASP C 76 22.01 1.38 -45.13
N ARG C 77 22.95 0.46 -44.94
CA ARG C 77 23.77 -0.05 -46.04
C ARG C 77 23.25 0.44 -47.39
N ILE C 78 23.61 1.66 -47.75
CA ILE C 78 23.19 2.24 -49.03
C ILE C 78 23.79 1.48 -50.20
N ASP C 79 25.06 1.71 -50.46
CA ASP C 79 25.76 1.04 -51.55
C ASP C 79 24.93 -0.15 -52.04
N VAL C 80 24.47 -0.99 -51.12
CA VAL C 80 23.53 -2.03 -51.51
C VAL C 80 22.46 -1.40 -52.38
N ALA C 81 21.72 -0.45 -51.81
CA ALA C 81 20.62 0.19 -52.51
C ALA C 81 21.07 0.69 -53.88
N MET C 82 22.23 1.33 -53.95
CA MET C 82 22.78 1.74 -55.24
C MET C 82 23.03 0.52 -56.13
N ALA C 83 23.76 -0.44 -55.60
CA ALA C 83 24.08 -1.64 -56.36
C ALA C 83 22.83 -2.32 -56.91
N ILE C 84 21.86 -2.61 -56.06
CA ILE C 84 20.71 -3.38 -56.52
C ILE C 84 19.63 -2.56 -57.23
N GLY C 85 19.85 -1.25 -57.36
CA GLY C 85 18.84 -0.37 -57.92
C GLY C 85 17.56 -0.38 -57.09
N ALA C 86 17.67 -0.04 -55.81
CA ALA C 86 16.51 0.01 -54.92
C ALA C 86 15.79 1.32 -55.14
N ASP C 87 14.49 1.32 -54.85
CA ASP C 87 13.63 2.48 -55.07
C ASP C 87 13.83 3.59 -54.04
N GLY C 88 14.31 3.21 -52.86
CA GLY C 88 14.59 4.19 -51.83
C GLY C 88 15.39 3.61 -50.69
N ILE C 89 15.88 4.49 -49.81
CA ILE C 89 16.66 4.09 -48.65
C ILE C 89 16.14 4.75 -47.37
N HIS C 90 16.37 4.09 -46.24
CA HIS C 90 15.99 4.61 -44.94
C HIS C 90 17.20 4.62 -44.04
N VAL C 91 17.63 5.81 -43.61
CA VAL C 91 18.75 5.93 -42.69
C VAL C 91 18.31 6.46 -41.33
N GLY C 92 19.06 6.08 -40.30
CA GLY C 92 18.83 6.57 -38.95
C GLY C 92 19.58 7.86 -38.70
N GLN C 93 19.63 8.26 -37.44
CA GLN C 93 20.18 9.56 -37.09
C GLN C 93 21.68 9.42 -36.80
N ASP C 94 22.16 8.19 -36.76
CA ASP C 94 23.57 7.91 -36.52
C ASP C 94 24.18 7.28 -37.76
N ASP C 95 23.34 7.10 -38.77
CA ASP C 95 23.77 6.58 -40.05
C ASP C 95 24.38 7.73 -40.86
N MET C 96 24.32 7.66 -42.19
CA MET C 96 25.03 8.63 -43.01
C MET C 96 24.22 9.91 -43.20
N PRO C 97 24.88 11.09 -43.06
CA PRO C 97 24.26 12.40 -43.20
C PRO C 97 23.52 12.57 -44.52
N ILE C 98 22.27 13.02 -44.45
CA ILE C 98 21.43 13.16 -45.62
C ILE C 98 22.13 13.84 -46.80
N PRO C 99 22.76 14.99 -46.56
CA PRO C 99 23.45 15.65 -47.69
C PRO C 99 24.43 14.72 -48.45
N MET C 100 25.33 14.02 -47.76
CA MET C 100 26.23 13.10 -48.44
C MET C 100 25.46 12.06 -49.27
N ILE C 101 24.34 11.60 -48.73
CA ILE C 101 23.56 10.56 -49.39
C ILE C 101 22.96 11.06 -50.67
N ARG C 102 22.42 12.27 -50.63
CA ARG C 102 21.81 12.83 -51.81
C ARG C 102 22.90 12.98 -52.86
N LYS C 103 24.12 13.22 -52.39
CA LYS C 103 25.25 13.43 -53.28
C LYS C 103 25.67 12.14 -53.99
N LEU C 104 25.35 10.99 -53.41
CA LEU C 104 25.67 9.71 -54.03
C LEU C 104 24.55 9.22 -54.93
N VAL C 105 23.32 9.32 -54.45
CA VAL C 105 22.15 8.73 -55.11
C VAL C 105 21.42 9.70 -56.03
N GLY C 106 21.74 10.99 -55.90
CA GLY C 106 21.09 12.02 -56.69
C GLY C 106 19.60 12.06 -56.38
N PRO C 107 18.86 12.94 -57.06
CA PRO C 107 17.42 13.05 -56.76
C PRO C 107 16.74 11.83 -57.34
N ASP C 108 15.41 11.78 -57.25
CA ASP C 108 14.62 10.64 -57.79
C ASP C 108 14.50 9.44 -56.94
N MET C 109 15.30 9.38 -55.88
CA MET C 109 15.30 8.21 -54.95
C MET C 109 14.77 8.75 -53.62
N VAL C 110 13.79 8.02 -53.09
CA VAL C 110 13.20 8.38 -51.82
C VAL C 110 14.21 8.14 -50.70
N ILE C 111 14.19 9.00 -49.69
CA ILE C 111 15.10 8.88 -48.58
C ILE C 111 14.33 9.05 -47.28
N GLY C 112 14.26 7.98 -46.48
CA GLY C 112 13.58 8.02 -45.20
C GLY C 112 14.52 8.33 -44.05
N TRP C 113 14.09 9.22 -43.17
CA TRP C 113 14.89 9.55 -42.00
C TRP C 113 14.11 9.14 -40.76
N SER C 114 14.81 8.61 -39.77
CA SER C 114 14.15 8.25 -38.53
C SER C 114 14.04 9.48 -37.63
N VAL C 115 12.83 9.77 -37.16
CA VAL C 115 12.60 10.99 -36.38
C VAL C 115 11.81 10.78 -35.09
N GLY C 116 12.31 11.38 -34.02
CA GLY C 116 11.62 11.37 -32.74
C GLY C 116 11.32 12.76 -32.19
N PHE C 117 12.16 13.74 -32.52
CA PHE C 117 12.08 15.08 -31.91
C PHE C 117 11.95 16.18 -32.95
N PRO C 118 11.32 17.29 -32.57
CA PRO C 118 11.06 18.39 -33.49
C PRO C 118 12.35 19.03 -33.98
N GLU C 119 13.39 19.08 -33.13
CA GLU C 119 14.64 19.71 -33.51
C GLU C 119 15.22 19.00 -34.73
N GLU C 120 14.85 17.74 -34.89
CA GLU C 120 15.28 16.98 -36.04
C GLU C 120 14.53 17.46 -37.28
N VAL C 121 13.31 17.94 -37.07
CA VAL C 121 12.50 18.45 -38.19
C VAL C 121 12.99 19.82 -38.64
N ASP C 122 13.41 20.65 -37.69
CA ASP C 122 14.06 21.89 -38.06
C ASP C 122 15.19 21.61 -39.06
N GLU C 123 16.15 20.76 -38.68
CA GLU C 123 17.23 20.37 -39.61
C GLU C 123 16.66 19.89 -40.94
N LEU C 124 15.88 18.82 -40.88
CA LEU C 124 15.17 18.29 -42.03
C LEU C 124 14.64 19.42 -42.91
N SER C 125 14.16 20.47 -42.27
CA SER C 125 13.59 21.61 -42.98
C SER C 125 14.67 22.51 -43.54
N LYS C 126 15.72 22.70 -42.77
CA LYS C 126 16.83 23.57 -43.17
C LYS C 126 17.55 23.01 -44.38
N MET C 127 17.11 21.84 -44.86
CA MET C 127 17.76 21.21 -46.00
C MET C 127 16.90 21.36 -47.23
N GLY C 128 15.72 21.94 -47.04
CA GLY C 128 14.83 22.15 -48.17
C GLY C 128 14.29 20.85 -48.71
N PRO C 129 13.41 20.93 -49.71
CA PRO C 129 12.76 19.75 -50.28
C PRO C 129 13.76 18.69 -50.69
N ASP C 130 14.46 18.89 -51.80
CA ASP C 130 15.35 17.86 -52.35
C ASP C 130 16.27 17.19 -51.32
N MET C 131 15.68 16.46 -50.38
CA MET C 131 16.46 15.85 -49.31
C MET C 131 15.70 14.70 -48.66
N VAL C 132 14.97 15.00 -47.59
CA VAL C 132 14.19 13.97 -46.90
C VAL C 132 12.79 13.91 -47.46
N ASP C 133 12.43 12.76 -48.02
CA ASP C 133 11.13 12.62 -48.65
C ASP C 133 10.08 12.13 -47.66
N TYR C 134 10.53 11.52 -46.57
CA TYR C 134 9.60 11.07 -45.57
C TYR C 134 10.36 10.77 -44.31
N ILE C 135 9.66 10.73 -43.19
CA ILE C 135 10.23 10.32 -41.91
C ILE C 135 9.35 9.28 -41.26
N GLY C 136 10.01 8.36 -40.56
CA GLY C 136 9.33 7.45 -39.66
C GLY C 136 9.39 8.11 -38.31
N VAL C 137 8.23 8.42 -37.75
CA VAL C 137 8.20 8.99 -36.42
C VAL C 137 8.02 7.82 -35.48
N GLY C 138 8.96 7.67 -34.55
CA GLY C 138 9.02 6.53 -33.67
C GLY C 138 10.11 6.84 -32.67
N THR C 139 10.28 5.98 -31.67
CA THR C 139 9.43 4.82 -31.48
C THR C 139 8.28 5.20 -30.56
N LEU C 140 7.06 4.73 -30.88
CA LEU C 140 5.89 5.12 -30.09
C LEU C 140 5.72 4.32 -28.77
N PRO C 142 6.90 1.44 -27.38
CA PRO C 142 7.87 0.61 -26.66
C PRO C 142 7.93 -0.78 -27.27
N THR C 143 8.89 -0.97 -28.17
CA THR C 143 9.05 -2.23 -28.90
C THR C 143 10.22 -3.04 -28.34
N LEU C 144 10.41 -4.25 -28.88
CA LEU C 144 11.49 -5.13 -28.46
C LEU C 144 12.40 -5.42 -29.65
N THR C 145 12.12 -4.74 -30.77
CA THR C 145 12.86 -4.93 -32.02
C THR C 145 13.97 -3.89 -32.15
N MET C 154 7.49 7.35 -26.56
CA MET C 154 7.11 8.76 -26.53
C MET C 154 5.64 8.98 -26.88
N GLY C 155 4.98 7.92 -27.32
CA GLY C 155 3.53 7.97 -27.52
C GLY C 155 3.09 8.94 -28.59
N THR C 156 1.78 8.96 -28.85
CA THR C 156 1.23 9.83 -29.88
C THR C 156 1.51 11.29 -29.59
N ALA C 157 1.56 11.62 -28.31
CA ALA C 157 1.85 12.98 -27.88
C ALA C 157 3.18 13.44 -28.43
N GLY C 158 4.16 12.53 -28.46
CA GLY C 158 5.47 12.82 -29.01
C GLY C 158 5.39 12.98 -30.51
N ALA C 159 4.67 12.07 -31.15
CA ALA C 159 4.38 12.16 -32.58
C ALA C 159 3.78 13.51 -32.94
N ILE C 160 2.76 13.94 -32.20
CA ILE C 160 2.07 15.20 -32.49
C ILE C 160 3.07 16.34 -32.50
N ARG C 161 3.97 16.34 -31.53
CA ARG C 161 4.91 17.44 -31.42
C ARG C 161 5.72 17.55 -32.71
N VAL C 162 5.96 16.41 -33.33
CA VAL C 162 6.74 16.33 -34.56
C VAL C 162 5.91 16.74 -35.79
N LEU C 163 4.74 16.12 -35.95
CA LEU C 163 3.78 16.55 -36.96
C LEU C 163 3.60 18.06 -36.96
N ASP C 164 3.46 18.64 -35.77
CA ASP C 164 3.32 20.09 -35.63
C ASP C 164 4.50 20.86 -36.17
N ALA C 165 5.70 20.41 -35.83
CA ALA C 165 6.94 21.03 -36.28
C ALA C 165 7.02 21.05 -37.80
N LEU C 166 6.41 20.06 -38.44
CA LEU C 166 6.36 20.01 -39.88
C LEU C 166 5.49 21.15 -40.35
N GLU C 167 4.25 21.10 -39.93
CA GLU C 167 3.26 22.13 -40.21
C GLU C 167 3.80 23.54 -39.94
N ARG C 168 4.41 23.72 -38.77
CA ARG C 168 5.08 24.98 -38.45
C ARG C 168 6.06 25.38 -39.54
N ASN C 169 7.02 24.50 -39.83
CA ASN C 169 8.08 24.74 -40.80
C ASN C 169 7.63 24.78 -42.24
N ASN C 170 6.34 24.52 -42.45
CA ASN C 170 5.82 24.38 -43.81
C ASN C 170 6.73 23.49 -44.64
N ALA C 171 7.03 22.32 -44.08
CA ALA C 171 7.75 21.28 -44.80
C ALA C 171 6.72 20.34 -45.42
N HIS C 172 6.03 20.86 -46.42
CA HIS C 172 4.95 20.15 -47.10
C HIS C 172 5.44 18.88 -47.80
N TRP C 173 6.68 18.92 -48.28
CA TRP C 173 7.21 17.82 -49.10
C TRP C 173 7.33 16.49 -48.34
N CYS C 174 7.56 16.57 -47.04
CA CYS C 174 7.94 15.42 -46.23
C CYS C 174 6.78 14.58 -45.69
N ARG C 175 6.58 13.38 -46.24
CA ARG C 175 5.58 12.45 -45.72
C ARG C 175 5.97 11.90 -44.36
N THR C 176 5.07 11.15 -43.73
CA THR C 176 5.30 10.62 -42.39
C THR C 176 4.59 9.30 -42.21
N VAL C 177 5.27 8.35 -41.58
CA VAL C 177 4.64 7.11 -41.15
C VAL C 177 5.00 6.86 -39.70
N GLY C 178 4.06 6.28 -38.94
CA GLY C 178 4.27 6.06 -37.53
C GLY C 178 4.92 4.70 -37.36
N ILE C 179 5.71 4.55 -36.30
CA ILE C 179 6.46 3.31 -36.12
C ILE C 179 6.94 3.07 -34.69
N GLY C 180 6.66 1.88 -34.19
CA GLY C 180 7.17 1.47 -32.89
C GLY C 180 6.13 0.70 -32.13
N GLY C 181 6.29 -0.61 -32.05
CA GLY C 181 5.33 -1.41 -31.31
C GLY C 181 3.89 -1.16 -31.68
N LEU C 182 3.66 -0.87 -32.96
CA LEU C 182 2.31 -0.75 -33.52
C LEU C 182 1.64 -2.11 -33.73
N HIS C 183 0.48 -2.30 -33.13
CA HIS C 183 -0.29 -3.54 -33.29
C HIS C 183 -1.77 -3.20 -33.42
N PRO C 184 -2.63 -4.20 -33.66
CA PRO C 184 -4.08 -3.98 -33.77
C PRO C 184 -4.75 -3.32 -32.55
N ASP C 185 -4.22 -3.55 -31.36
CA ASP C 185 -4.84 -2.97 -30.17
C ASP C 185 -4.64 -1.46 -30.06
N ASN C 186 -3.56 -0.95 -30.64
CA ASN C 186 -3.25 0.49 -30.56
C ASN C 186 -3.22 1.24 -31.88
N ILE C 187 -3.58 0.58 -32.98
CA ILE C 187 -3.43 1.22 -34.29
C ILE C 187 -4.48 2.30 -34.56
N GLU C 188 -5.76 1.98 -34.36
CA GLU C 188 -6.79 2.99 -34.59
C GLU C 188 -6.62 4.21 -33.69
N ARG C 189 -6.02 4.01 -32.52
CA ARG C 189 -5.79 5.10 -31.58
C ARG C 189 -4.56 5.94 -31.95
N VAL C 190 -3.62 5.33 -32.64
CA VAL C 190 -2.43 6.06 -33.11
C VAL C 190 -2.81 6.94 -34.28
N LEU C 191 -3.68 6.42 -35.13
CA LEU C 191 -4.14 7.08 -36.34
C LEU C 191 -5.14 8.16 -35.96
N TYR C 192 -5.89 7.90 -34.90
CA TYR C 192 -6.96 8.76 -34.44
C TYR C 192 -6.44 10.00 -33.73
N GLN C 193 -5.39 9.86 -32.92
CA GLN C 193 -4.90 11.02 -32.18
C GLN C 193 -3.52 11.56 -32.59
N CYS C 194 -2.99 11.08 -33.70
CA CYS C 194 -1.79 11.70 -34.29
C CYS C 194 -2.17 12.64 -35.43
N VAL C 195 -2.72 13.81 -35.07
CA VAL C 195 -2.96 14.86 -36.05
C VAL C 195 -2.25 16.14 -35.64
N SER C 196 -2.00 17.00 -36.62
CA SER C 196 -1.34 18.25 -36.37
C SER C 196 -2.22 19.10 -35.44
N SER C 197 -1.63 20.04 -34.71
CA SER C 197 -2.44 20.82 -33.79
C SER C 197 -3.39 21.69 -34.60
N ASN C 198 -3.00 21.94 -35.86
CA ASN C 198 -3.87 22.72 -36.73
C ASN C 198 -4.80 21.84 -37.56
N GLY C 199 -4.78 20.54 -37.26
CA GLY C 199 -5.71 19.58 -37.85
C GLY C 199 -5.54 19.31 -39.33
N LYS C 200 -4.55 19.96 -39.94
CA LYS C 200 -4.34 19.82 -41.38
C LYS C 200 -3.52 18.59 -41.80
N ARG C 201 -2.69 18.08 -40.90
CA ARG C 201 -1.76 17.00 -41.27
C ARG C 201 -1.84 15.76 -40.38
N SER C 202 -1.86 14.58 -40.99
CA SER C 202 -1.75 13.34 -40.21
C SER C 202 -0.75 12.30 -40.77
N LEU C 203 -0.74 11.12 -40.16
CA LEU C 203 0.19 10.06 -40.58
C LEU C 203 -0.21 9.53 -41.95
N ASP C 204 0.78 9.49 -42.85
CA ASP C 204 0.56 9.04 -44.22
C ASP C 204 0.54 7.53 -44.29
N GLY C 205 0.89 6.88 -43.19
CA GLY C 205 0.87 5.43 -43.14
C GLY C 205 1.24 4.82 -41.81
N ILE C 206 0.99 3.54 -41.68
CA ILE C 206 1.38 2.81 -40.48
C ILE C 206 2.48 1.77 -40.79
N CYS C 207 3.46 1.67 -39.92
CA CYS C 207 4.66 0.91 -40.22
C CYS C 207 4.87 -0.25 -39.24
N VAL C 208 5.05 -1.45 -39.76
CA VAL C 208 5.27 -2.63 -38.92
C VAL C 208 6.45 -3.45 -39.42
N VAL C 209 6.86 -4.43 -38.61
CA VAL C 209 7.98 -5.29 -38.97
C VAL C 209 7.87 -6.64 -38.29
N SER C 210 6.96 -6.74 -37.32
CA SER C 210 6.75 -7.98 -36.59
C SER C 210 5.30 -8.43 -36.66
N ASP C 211 4.38 -7.51 -36.42
CA ASP C 211 2.96 -7.80 -36.47
C ASP C 211 2.63 -8.73 -37.63
N ILE C 212 3.47 -8.69 -38.66
CA ILE C 212 3.28 -9.53 -39.83
C ILE C 212 4.47 -10.44 -40.07
N ILE C 213 5.67 -9.94 -39.77
CA ILE C 213 6.90 -10.70 -39.96
C ILE C 213 6.93 -11.90 -39.01
N ALA C 214 6.71 -11.64 -37.73
CA ALA C 214 6.73 -12.69 -36.72
C ALA C 214 5.42 -13.47 -36.61
N SER C 215 4.46 -13.14 -37.48
CA SER C 215 3.14 -13.77 -37.43
C SER C 215 3.12 -15.17 -38.01
N LEU C 216 2.31 -16.05 -37.41
CA LEU C 216 2.13 -17.40 -37.94
C LEU C 216 1.29 -17.41 -39.21
N ASP C 217 0.39 -16.43 -39.35
CA ASP C 217 -0.49 -16.33 -40.52
C ASP C 217 -0.52 -14.88 -41.04
N ALA C 218 0.52 -14.49 -41.77
CA ALA C 218 0.66 -13.12 -42.25
C ALA C 218 -0.44 -12.67 -43.23
N ALA C 219 -1.23 -13.60 -43.74
CA ALA C 219 -2.35 -13.23 -44.59
C ALA C 219 -3.35 -12.55 -43.69
N LYS C 220 -3.78 -13.30 -42.68
CA LYS C 220 -4.70 -12.81 -41.67
C LYS C 220 -4.22 -11.49 -41.07
N SER C 221 -2.99 -11.47 -40.56
CA SER C 221 -2.45 -10.29 -39.90
C SER C 221 -2.45 -9.03 -40.76
N THR C 222 -2.13 -9.17 -42.04
CA THR C 222 -2.08 -8.02 -42.93
C THR C 222 -3.49 -7.56 -43.26
N LYS C 223 -4.39 -8.53 -43.43
CA LYS C 223 -5.78 -8.23 -43.73
C LYS C 223 -6.45 -7.53 -42.54
N ILE C 224 -5.93 -7.82 -41.34
CA ILE C 224 -6.45 -7.20 -40.13
C ILE C 224 -5.98 -5.76 -40.00
N LEU C 225 -4.68 -5.53 -40.17
CA LEU C 225 -4.16 -4.17 -40.17
C LEU C 225 -4.73 -3.38 -41.33
N ARG C 226 -5.07 -4.07 -42.41
CA ARG C 226 -5.70 -3.39 -43.52
C ARG C 226 -7.08 -2.85 -43.13
N GLY C 227 -7.87 -3.68 -42.44
CA GLY C 227 -9.13 -3.22 -41.87
C GLY C 227 -8.96 -1.90 -41.12
N LEU C 228 -8.13 -1.93 -40.09
CA LEU C 228 -7.86 -0.74 -39.27
C LEU C 228 -7.36 0.46 -40.07
N ILE C 229 -6.49 0.24 -41.05
CA ILE C 229 -5.81 1.36 -41.67
C ILE C 229 -6.74 2.18 -42.56
N ASP C 230 -7.63 1.52 -43.27
CA ASP C 230 -8.45 2.22 -44.27
C ASP C 230 -9.92 2.35 -43.84
N LYS C 231 -10.16 2.04 -42.58
CA LYS C 231 -11.38 2.45 -41.88
C LYS C 231 -11.22 3.94 -41.56
N THR C 232 -12.31 4.62 -41.25
CA THR C 232 -12.26 6.07 -41.06
C THR C 232 -12.94 6.51 -39.74
N ASP C 233 -13.28 5.53 -38.91
CA ASP C 233 -14.20 5.79 -37.81
C ASP C 233 -13.84 4.97 -36.57
N TYR C 234 -13.44 5.66 -35.50
CA TYR C 234 -13.02 5.02 -34.27
C TYR C 234 -14.06 5.17 -33.16
N LYS C 235 -14.73 4.07 -32.83
CA LYS C 235 -15.63 4.03 -31.67
C LYS C 235 -14.91 3.47 -30.45
N PHE C 236 -14.39 4.37 -29.61
CA PHE C 236 -13.66 3.95 -28.41
C PHE C 236 -14.54 3.78 -27.19
N VAL C 237 -15.71 4.39 -27.21
CA VAL C 237 -16.64 4.27 -26.11
C VAL C 237 -18.08 4.09 -26.61
N ASN C 238 -18.86 3.29 -25.91
CA ASN C 238 -20.24 2.99 -26.30
C ASN C 238 -21.22 4.12 -26.01
N ILE C 239 -20.95 5.28 -26.58
CA ILE C 239 -21.74 6.47 -26.34
C ILE C 239 -21.51 7.39 -27.52
N GLY C 240 -22.60 7.86 -28.12
CA GLY C 240 -22.51 8.79 -29.24
C GLY C 240 -21.53 9.91 -28.97
N LEU C 241 -20.80 10.29 -30.01
CA LEU C 241 -19.77 11.32 -29.92
C LEU C 241 -20.14 12.51 -30.78
N SER C 242 -21.39 12.54 -31.24
CA SER C 242 -21.84 13.57 -32.15
C SER C 242 -21.44 14.97 -31.70
N THR C 243 -21.07 15.80 -32.68
CA THR C 243 -20.77 17.18 -32.42
C THR C 243 -22.06 17.98 -32.24
N LYS C 244 -22.19 18.60 -31.07
CA LYS C 244 -23.35 19.41 -30.71
C LYS C 244 -22.96 20.87 -30.63
N ASN C 245 -23.43 21.66 -31.59
CA ASN C 245 -23.18 23.09 -31.54
C ASN C 245 -24.13 23.80 -30.59
N SER C 246 -25.24 23.13 -30.26
CA SER C 246 -26.25 23.67 -29.36
C SER C 246 -25.86 23.44 -27.90
N LEU C 247 -26.01 24.47 -27.07
CA LEU C 247 -25.90 24.28 -25.63
C LEU C 247 -26.69 23.04 -25.20
N THR C 248 -26.42 22.60 -23.97
CA THR C 248 -27.11 21.46 -23.39
C THR C 248 -28.39 21.92 -22.72
N THR C 249 -29.51 21.36 -23.15
CA THR C 249 -30.80 21.81 -22.68
C THR C 249 -31.16 21.25 -21.30
N THR C 250 -32.17 21.85 -20.69
CA THR C 250 -32.73 21.40 -19.43
C THR C 250 -33.24 19.97 -19.50
N ASP C 251 -33.92 19.62 -20.60
CA ASP C 251 -34.47 18.29 -20.76
C ASP C 251 -33.37 17.25 -20.97
N GLU C 252 -32.32 17.66 -21.67
CA GLU C 252 -31.17 16.79 -21.88
C GLU C 252 -30.54 16.43 -20.54
N ILE C 253 -30.17 17.45 -19.77
CA ILE C 253 -29.62 17.24 -18.43
C ILE C 253 -30.53 16.37 -17.60
N GLN C 254 -31.81 16.68 -17.64
CA GLN C 254 -32.83 15.96 -16.91
C GLN C 254 -32.81 14.50 -17.28
N SER C 255 -32.61 14.22 -18.56
CA SER C 255 -32.64 12.85 -19.04
C SER C 255 -31.35 12.12 -18.72
N ILE C 256 -30.22 12.81 -18.88
CA ILE C 256 -28.93 12.29 -18.48
C ILE C 256 -29.05 11.75 -17.05
N ILE C 257 -29.49 12.61 -16.14
CA ILE C 257 -29.60 12.27 -14.72
C ILE C 257 -30.51 11.06 -14.48
N SER C 258 -31.65 11.05 -15.15
CA SER C 258 -32.58 9.92 -15.09
C SER C 258 -31.95 8.64 -15.60
N ASN C 259 -31.27 8.74 -16.74
CA ASN C 259 -30.53 7.60 -17.30
C ASN C 259 -29.61 6.93 -16.26
N THR C 260 -28.80 7.74 -15.59
CA THR C 260 -27.83 7.19 -14.64
C THR C 260 -28.47 6.67 -13.36
N LEU C 261 -29.54 7.31 -12.91
CA LEU C 261 -30.26 6.82 -11.72
C LEU C 261 -30.88 5.47 -12.03
N LYS C 262 -31.34 5.32 -13.26
CA LYS C 262 -32.03 4.12 -13.70
C LYS C 262 -31.03 3.02 -14.05
N ALA C 263 -29.81 3.42 -14.37
CA ALA C 263 -28.74 2.45 -14.69
C ALA C 263 -27.97 1.99 -13.44
N ARG C 264 -27.82 2.90 -12.48
CA ARG C 264 -26.96 2.69 -11.31
C ARG C 264 -25.59 2.16 -11.72
N PRO C 265 -24.79 3.02 -12.39
CA PRO C 265 -23.47 2.66 -12.89
C PRO C 265 -22.49 2.23 -11.80
N LEU C 266 -21.73 1.18 -12.09
CA LEU C 266 -20.57 0.83 -11.30
C LEU C 266 -19.45 1.78 -11.71
N VAL C 267 -18.92 2.53 -10.74
CA VAL C 267 -17.84 3.46 -11.02
C VAL C 267 -16.63 3.00 -10.27
N GLN C 268 -15.70 2.35 -10.97
CA GLN C 268 -14.46 1.91 -10.35
C GLN C 268 -13.58 3.12 -10.15
N HIS C 269 -13.15 3.31 -8.91
CA HIS C 269 -12.28 4.42 -8.49
C HIS C 269 -10.86 3.92 -8.28
N ILE C 270 -9.93 4.36 -9.10
CA ILE C 270 -8.52 4.15 -8.78
C ILE C 270 -7.98 5.52 -8.43
N THR C 271 -7.76 5.77 -7.15
CA THR C 271 -7.54 7.14 -6.73
C THR C 271 -6.81 7.27 -5.40
N ASN C 272 -6.31 8.47 -5.14
CA ASN C 272 -5.57 8.79 -3.91
C ASN C 272 -6.39 8.57 -2.64
N LYS C 273 -5.71 8.18 -1.57
CA LYS C 273 -6.37 7.92 -0.29
C LYS C 273 -7.38 8.99 0.15
N VAL C 274 -6.98 10.27 0.13
CA VAL C 274 -7.87 11.35 0.57
C VAL C 274 -9.23 11.29 -0.12
N HIS C 275 -9.22 11.07 -1.43
CA HIS C 275 -10.45 11.10 -2.21
C HIS C 275 -11.27 9.81 -2.11
N GLN C 276 -10.84 8.86 -1.30
CA GLN C 276 -11.52 7.56 -1.25
C GLN C 276 -12.97 7.66 -0.74
N ASN C 277 -13.16 8.06 0.51
CA ASN C 277 -14.51 8.04 1.07
C ASN C 277 -15.38 9.15 0.50
N PHE C 278 -14.79 10.33 0.34
CA PHE C 278 -15.47 11.43 -0.30
C PHE C 278 -16.03 10.94 -1.62
N GLY C 279 -15.13 10.57 -2.54
CA GLY C 279 -15.51 10.14 -3.87
C GLY C 279 -16.55 9.03 -3.90
N ALA C 280 -16.53 8.16 -2.89
CA ALA C 280 -17.45 7.03 -2.83
C ALA C 280 -18.86 7.49 -2.45
N ASN C 281 -18.95 8.45 -1.54
CA ASN C 281 -20.25 8.97 -1.14
C ASN C 281 -20.88 9.87 -2.20
N VAL C 282 -20.08 10.73 -2.82
CA VAL C 282 -20.55 11.50 -3.96
C VAL C 282 -21.12 10.54 -5.00
N THR C 283 -20.48 9.38 -5.14
CA THR C 283 -20.89 8.37 -6.12
C THR C 283 -22.29 7.85 -5.84
N LEU C 284 -22.52 7.33 -4.63
CA LEU C 284 -23.85 6.79 -4.35
C LEU C 284 -24.86 7.83 -3.87
N ALA C 285 -24.39 9.04 -3.61
CA ALA C 285 -25.32 10.17 -3.51
C ALA C 285 -25.89 10.38 -4.89
N LEU C 286 -25.15 9.96 -5.90
CA LEU C 286 -25.63 10.10 -7.27
C LEU C 286 -26.34 8.84 -7.74
N GLY C 287 -26.77 8.00 -6.80
CA GLY C 287 -27.56 6.82 -7.13
C GLY C 287 -26.82 5.74 -7.91
N SER C 288 -25.52 5.91 -8.12
CA SER C 288 -24.70 4.83 -8.67
C SER C 288 -23.93 4.15 -7.54
N SER C 289 -23.15 3.14 -7.88
CA SER C 289 -22.48 2.31 -6.87
C SER C 289 -20.99 2.15 -7.15
N PRO C 290 -20.16 2.49 -6.17
CA PRO C 290 -18.72 2.62 -6.38
C PRO C 290 -17.91 1.42 -5.90
N ILE C 291 -16.78 1.16 -6.57
CA ILE C 291 -15.78 0.16 -6.15
C ILE C 291 -14.43 0.82 -6.17
N MET C 292 -13.66 0.67 -5.10
CA MET C 292 -12.32 1.26 -5.07
C MET C 292 -11.20 0.26 -5.34
N SER C 293 -11.50 -0.85 -6.01
CA SER C 293 -10.52 -1.92 -6.28
C SER C 293 -9.28 -1.58 -7.14
N GLU C 294 -8.09 -1.88 -6.63
CA GLU C 294 -6.86 -1.76 -7.42
C GLU C 294 -6.19 -3.11 -7.70
N ILE C 295 -7.00 -4.10 -8.05
CA ILE C 295 -6.50 -5.46 -8.24
C ILE C 295 -6.45 -5.86 -9.72
N GLN C 296 -5.26 -6.19 -10.21
CA GLN C 296 -5.12 -6.59 -11.62
C GLN C 296 -6.01 -7.76 -12.03
N SER C 297 -6.09 -8.77 -11.17
CA SER C 297 -6.93 -9.94 -11.45
C SER C 297 -8.41 -9.61 -11.67
N GLU C 298 -8.84 -8.44 -11.20
CA GLU C 298 -10.26 -8.10 -11.25
C GLU C 298 -10.67 -7.22 -12.42
N VAL C 299 -9.79 -6.34 -12.86
CA VAL C 299 -10.19 -5.31 -13.82
C VAL C 299 -11.08 -5.84 -14.94
N ASN C 300 -10.84 -7.07 -15.36
CA ASN C 300 -11.57 -7.63 -16.49
C ASN C 300 -13.03 -7.93 -16.21
N ASP C 301 -13.29 -8.66 -15.14
CA ASP C 301 -14.66 -9.02 -14.79
C ASP C 301 -15.42 -7.81 -14.25
N LEU C 302 -14.65 -6.79 -13.87
CA LEU C 302 -15.19 -5.54 -13.37
C LEU C 302 -15.68 -4.69 -14.53
N ALA C 303 -14.92 -4.69 -15.62
CA ALA C 303 -15.25 -3.88 -16.78
C ALA C 303 -16.33 -4.53 -17.61
N ALA C 304 -16.70 -5.75 -17.24
CA ALA C 304 -17.70 -6.51 -17.98
C ALA C 304 -19.07 -6.24 -17.40
N ILE C 305 -19.08 -5.77 -16.15
CA ILE C 305 -20.31 -5.40 -15.48
C ILE C 305 -21.03 -4.29 -16.27
N PRO C 306 -22.31 -4.52 -16.58
CA PRO C 306 -23.16 -3.84 -17.56
C PRO C 306 -22.92 -2.34 -17.78
N HIS C 307 -22.69 -1.54 -16.74
CA HIS C 307 -22.46 -0.11 -16.93
C HIS C 307 -21.14 0.43 -16.34
N ALA C 308 -20.11 -0.42 -16.31
CA ALA C 308 -18.83 -0.06 -15.69
C ALA C 308 -18.27 1.26 -16.21
N THR C 309 -17.56 1.97 -15.34
CA THR C 309 -16.95 3.25 -15.67
C THR C 309 -15.66 3.38 -14.87
N LEU C 310 -14.65 4.04 -15.44
CA LEU C 310 -13.36 4.13 -14.76
C LEU C 310 -12.99 5.56 -14.39
N LEU C 311 -12.86 5.81 -13.09
CA LEU C 311 -12.36 7.09 -12.61
C LEU C 311 -10.92 6.86 -12.20
N LEU C 312 -10.00 7.55 -12.84
CA LEU C 312 -8.59 7.27 -12.62
C LEU C 312 -7.83 8.50 -12.15
N ASN C 313 -7.34 8.43 -10.92
CA ASN C 313 -6.56 9.52 -10.34
C ASN C 313 -5.07 9.19 -10.21
N THR C 314 -4.26 10.23 -10.42
CA THR C 314 -2.83 10.08 -10.49
C THR C 314 -2.19 10.28 -9.12
N GLY C 315 -0.98 9.73 -8.96
CA GLY C 315 -0.24 9.85 -7.71
C GLY C 315 -0.77 8.91 -6.64
N SER C 316 -1.83 8.19 -6.98
CA SER C 316 -2.37 7.14 -6.11
C SER C 316 -1.30 6.09 -5.89
N VAL C 317 -1.42 5.32 -4.82
CA VAL C 317 -0.46 4.26 -4.56
C VAL C 317 -0.80 3.01 -5.38
N ALA C 318 -0.41 3.04 -6.65
CA ALA C 318 -0.75 1.97 -7.57
C ALA C 318 0.34 1.84 -8.60
N PRO C 319 0.80 0.59 -8.80
CA PRO C 319 1.87 0.26 -9.75
C PRO C 319 1.38 0.55 -11.16
N PRO C 320 2.19 1.27 -11.95
CA PRO C 320 1.88 1.61 -13.35
C PRO C 320 1.42 0.39 -14.17
N GLU C 321 1.77 -0.80 -13.70
CA GLU C 321 1.40 -2.02 -14.41
C GLU C 321 -0.08 -2.29 -14.32
N MET C 322 -0.69 -2.02 -13.17
CA MET C 322 -2.13 -2.23 -12.98
C MET C 322 -2.93 -1.10 -13.63
N LEU C 323 -2.42 0.13 -13.54
CA LEU C 323 -3.02 1.25 -14.25
C LEU C 323 -3.13 0.93 -15.73
N LYS C 324 -2.06 0.40 -16.31
CA LYS C 324 -2.07 0.04 -17.73
C LYS C 324 -3.12 -1.04 -18.03
N ALA C 325 -3.13 -2.09 -17.22
CA ALA C 325 -4.13 -3.16 -17.37
C ALA C 325 -5.57 -2.64 -17.30
N ALA C 326 -5.81 -1.68 -16.41
CA ALA C 326 -7.15 -1.14 -16.21
C ALA C 326 -7.57 -0.34 -17.43
N ILE C 327 -6.77 0.66 -17.79
CA ILE C 327 -7.05 1.45 -18.99
C ILE C 327 -7.40 0.54 -20.18
N ARG C 328 -6.59 -0.47 -20.40
CA ARG C 328 -6.79 -1.42 -21.49
C ARG C 328 -8.09 -2.19 -21.28
N ALA C 329 -8.31 -2.66 -20.05
CA ALA C 329 -9.50 -3.45 -19.75
C ALA C 329 -10.78 -2.74 -20.18
N TYR C 330 -10.87 -1.45 -19.88
CA TYR C 330 -12.07 -0.68 -20.21
C TYR C 330 -12.13 -0.36 -21.70
N ASN C 331 -11.01 0.05 -22.28
CA ASN C 331 -10.99 0.37 -23.71
C ASN C 331 -11.33 -0.82 -24.60
N ASP C 332 -11.01 -2.02 -24.11
CA ASP C 332 -11.31 -3.26 -24.81
C ASP C 332 -12.79 -3.54 -24.83
N VAL C 333 -13.49 -3.07 -23.80
CA VAL C 333 -14.93 -3.29 -23.68
C VAL C 333 -15.69 -2.03 -24.12
N LYS C 334 -14.94 -1.04 -24.60
CA LYS C 334 -15.49 0.24 -25.09
C LYS C 334 -16.30 1.00 -24.04
N ARG C 335 -15.84 0.92 -22.80
CA ARG C 335 -16.43 1.62 -21.66
C ARG C 335 -15.60 2.86 -21.34
N PRO C 336 -16.25 3.89 -20.76
CA PRO C 336 -15.69 5.24 -20.56
C PRO C 336 -14.64 5.31 -19.46
N ILE C 337 -13.57 6.06 -19.71
CA ILE C 337 -12.56 6.31 -18.67
C ILE C 337 -12.43 7.80 -18.47
N VAL C 338 -12.35 8.21 -17.21
CA VAL C 338 -12.15 9.61 -16.86
C VAL C 338 -10.83 9.74 -16.13
N PHE C 339 -10.03 10.69 -16.58
CA PHE C 339 -8.65 10.82 -16.14
C PHE C 339 -8.42 12.17 -15.47
N ASP C 340 -7.96 12.14 -14.23
CA ASP C 340 -7.56 13.35 -13.49
C ASP C 340 -6.06 13.30 -13.14
N PRO C 341 -5.26 14.14 -13.79
CA PRO C 341 -3.82 14.17 -13.53
C PRO C 341 -3.44 15.11 -12.39
N VAL C 342 -3.73 14.70 -11.16
CA VAL C 342 -3.37 15.50 -9.98
C VAL C 342 -1.89 15.84 -10.02
N GLY C 343 -1.47 16.76 -9.16
CA GLY C 343 -0.08 17.19 -9.15
C GLY C 343 0.52 17.00 -10.53
N TYR C 344 -0.29 17.28 -11.55
CA TYR C 344 0.09 17.07 -12.94
C TYR C 344 1.57 17.30 -13.21
N SER C 345 1.99 18.56 -13.16
CA SER C 345 3.34 18.92 -13.56
C SER C 345 4.09 19.63 -12.43
N ALA C 346 3.63 19.42 -11.20
CA ALA C 346 4.24 20.03 -10.04
C ALA C 346 5.65 19.48 -9.86
N THR C 347 5.86 18.26 -10.35
CA THR C 347 7.14 17.58 -10.14
C THR C 347 7.59 16.81 -11.37
N GLU C 348 8.91 16.65 -11.52
CA GLU C 348 9.45 15.89 -12.64
C GLU C 348 8.87 14.47 -12.62
N THR C 349 8.59 13.98 -11.42
CA THR C 349 8.14 12.60 -11.26
C THR C 349 6.70 12.35 -11.72
N ARG C 350 5.75 13.21 -11.33
CA ARG C 350 4.35 13.07 -11.76
C ARG C 350 4.18 13.35 -13.26
N LEU C 351 4.84 14.40 -13.73
CA LEU C 351 4.88 14.70 -15.15
C LEU C 351 5.18 13.42 -15.93
N LEU C 352 6.28 12.77 -15.59
CA LEU C 352 6.61 11.46 -16.16
C LEU C 352 5.46 10.47 -16.04
N LEU C 353 4.99 10.24 -14.82
CA LEU C 353 3.97 9.22 -14.57
C LEU C 353 2.67 9.46 -15.34
N ASN C 354 2.26 10.73 -15.45
CA ASN C 354 1.03 11.07 -16.16
C ASN C 354 1.19 10.78 -17.65
N ASN C 355 2.33 11.15 -18.19
CA ASN C 355 2.56 11.00 -19.61
C ASN C 355 2.62 9.54 -20.08
N LYS C 356 3.13 8.66 -19.22
CA LYS C 356 3.20 7.25 -19.54
C LYS C 356 1.79 6.71 -19.67
N LEU C 357 0.88 7.24 -18.86
CA LEU C 357 -0.50 6.77 -18.83
C LEU C 357 -1.30 7.25 -20.02
N LEU C 358 -1.01 8.46 -20.49
CA LEU C 358 -1.71 9.00 -21.65
C LEU C 358 -1.37 8.27 -22.95
N THR C 359 -0.40 7.36 -22.87
CA THR C 359 -0.06 6.49 -23.99
C THR C 359 -0.71 5.12 -23.83
N PHE C 360 -1.15 4.81 -22.62
CA PHE C 360 -1.80 3.52 -22.37
C PHE C 360 -3.18 3.35 -23.02
N GLY C 361 -3.88 4.45 -23.30
CA GLY C 361 -5.22 4.31 -23.87
C GLY C 361 -5.96 5.57 -24.30
N GLN C 362 -7.25 5.40 -24.59
CA GLN C 362 -8.11 6.48 -25.09
C GLN C 362 -9.14 6.90 -24.05
N PHE C 363 -8.98 8.11 -23.51
CA PHE C 363 -9.88 8.57 -22.47
C PHE C 363 -11.10 9.32 -23.01
N SER C 364 -12.22 9.20 -22.30
CA SER C 364 -13.46 9.87 -22.68
C SER C 364 -13.42 11.33 -22.28
N CYS C 365 -12.83 11.58 -21.11
CA CYS C 365 -12.71 12.93 -20.60
C CYS C 365 -11.45 13.10 -19.77
N ILE C 366 -10.73 14.20 -19.99
CA ILE C 366 -9.62 14.58 -19.12
C ILE C 366 -9.96 15.81 -18.27
N LYS C 367 -9.76 15.70 -16.96
CA LYS C 367 -10.24 16.70 -15.99
C LYS C 367 -9.13 17.29 -15.12
N GLY C 368 -8.85 18.57 -15.26
CA GLY C 368 -7.83 19.20 -14.43
C GLY C 368 -8.14 20.61 -14.02
N ASN C 369 -7.37 21.16 -13.08
CA ASN C 369 -7.54 22.55 -12.73
C ASN C 369 -6.85 23.42 -13.76
N SER C 370 -6.33 24.58 -13.35
CA SER C 370 -5.75 25.52 -14.30
C SER C 370 -4.28 25.22 -14.53
N SER C 371 -3.57 24.99 -13.44
CA SER C 371 -2.18 24.60 -13.50
C SER C 371 -2.03 23.34 -14.36
N GLU C 372 -2.89 22.36 -14.12
CA GLU C 372 -2.84 21.07 -14.81
C GLU C 372 -3.17 21.17 -16.30
N ILE C 373 -4.14 22.02 -16.66
CA ILE C 373 -4.59 22.15 -18.05
C ILE C 373 -3.59 22.90 -18.91
N LEU C 374 -2.76 23.74 -18.31
CA LEU C 374 -1.76 24.48 -19.08
C LEU C 374 -0.50 23.65 -19.24
N GLY C 375 -0.29 22.73 -18.30
CA GLY C 375 0.79 21.78 -18.43
C GLY C 375 0.50 20.88 -19.61
N LEU C 376 -0.74 20.42 -19.68
CA LEU C 376 -1.18 19.49 -20.72
C LEU C 376 -1.29 20.13 -22.09
N ALA C 377 -1.60 21.41 -22.14
CA ALA C 377 -1.72 22.11 -23.41
C ALA C 377 -0.33 22.48 -23.85
N GLU C 378 0.65 22.14 -23.02
CA GLU C 378 2.06 22.34 -23.33
C GLU C 378 2.34 23.81 -23.56
N LEU C 379 1.79 24.63 -22.66
CA LEU C 379 1.96 26.08 -22.59
C LEU C 379 3.16 26.62 -23.38
N SER C 394 -5.02 34.51 -16.64
CA SER C 394 -6.00 35.07 -17.57
C SER C 394 -7.14 34.08 -17.82
N ASN C 395 -7.96 34.34 -18.84
CA ASN C 395 -9.19 33.56 -19.01
C ASN C 395 -9.50 33.10 -20.44
N GLU C 396 -9.09 33.87 -21.43
CA GLU C 396 -9.19 33.43 -22.82
C GLU C 396 -8.16 32.34 -22.96
N LEU C 397 -7.06 32.52 -22.23
CA LEU C 397 -5.97 31.57 -22.17
C LEU C 397 -6.49 30.20 -21.76
N LEU C 398 -7.15 30.13 -20.61
CA LEU C 398 -7.74 28.88 -20.14
C LEU C 398 -8.72 28.25 -21.14
N ILE C 399 -9.22 29.04 -22.07
CA ILE C 399 -10.14 28.49 -23.06
C ILE C 399 -9.35 27.98 -24.28
N GLN C 400 -8.27 28.69 -24.60
CA GLN C 400 -7.34 28.21 -25.60
C GLN C 400 -6.75 26.89 -25.12
N ALA C 401 -6.22 26.90 -23.89
CA ALA C 401 -5.62 25.72 -23.27
C ALA C 401 -6.57 24.52 -23.19
N THR C 402 -7.82 24.72 -22.77
CA THR C 402 -8.77 23.62 -22.65
C THR C 402 -9.08 22.96 -23.98
N LYS C 403 -9.09 23.76 -25.05
CA LYS C 403 -9.39 23.26 -26.39
C LYS C 403 -8.21 22.52 -27.00
N ILE C 404 -7.00 22.87 -26.57
CA ILE C 404 -5.81 22.15 -26.98
C ILE C 404 -5.81 20.75 -26.36
N VAL C 405 -6.00 20.71 -25.04
CA VAL C 405 -6.04 19.45 -24.31
C VAL C 405 -7.13 18.53 -24.83
N ALA C 406 -8.22 19.11 -25.32
CA ALA C 406 -9.35 18.31 -25.74
C ALA C 406 -9.01 17.65 -27.06
N PHE C 407 -8.37 18.42 -27.91
CA PHE C 407 -8.08 18.00 -29.29
C PHE C 407 -6.87 17.08 -29.30
N LYS C 408 -5.86 17.45 -28.50
CA LYS C 408 -4.63 16.71 -28.40
C LYS C 408 -4.86 15.25 -28.04
N TYR C 409 -5.72 15.01 -27.05
CA TYR C 409 -5.95 13.65 -26.59
C TYR C 409 -7.30 13.15 -27.09
N LYS C 410 -7.87 13.90 -28.03
CA LYS C 410 -9.14 13.55 -28.68
C LYS C 410 -10.21 13.22 -27.66
N THR C 411 -10.53 14.20 -26.83
CA THR C 411 -11.28 13.92 -25.64
C THR C 411 -12.08 15.14 -25.20
N VAL C 412 -13.01 14.94 -24.27
CA VAL C 412 -13.68 16.05 -23.62
C VAL C 412 -12.86 16.55 -22.43
N ALA C 413 -12.27 17.73 -22.55
CA ALA C 413 -11.45 18.30 -21.48
C ALA C 413 -12.27 19.23 -20.61
N VAL C 414 -12.10 19.10 -19.30
CA VAL C 414 -12.81 19.96 -18.37
C VAL C 414 -11.81 20.75 -17.56
N CYS C 415 -11.88 22.07 -17.64
CA CYS C 415 -10.98 22.92 -16.87
C CYS C 415 -11.65 23.61 -15.68
N THR C 416 -11.50 23.03 -14.49
CA THR C 416 -12.12 23.61 -13.30
C THR C 416 -11.63 25.03 -13.01
N GLY C 417 -12.20 25.65 -11.98
CA GLY C 417 -11.95 27.04 -11.67
C GLY C 417 -13.26 27.75 -11.37
N GLU C 418 -13.22 29.08 -11.29
CA GLU C 418 -14.44 29.85 -11.07
C GLU C 418 -15.39 29.64 -12.22
N PHE C 419 -14.87 29.79 -13.43
CA PHE C 419 -15.54 29.28 -14.61
C PHE C 419 -15.00 27.88 -14.91
N ASP C 420 -15.89 26.93 -15.09
CA ASP C 420 -15.51 25.61 -15.59
C ASP C 420 -15.61 25.63 -17.10
N PHE C 421 -14.57 25.19 -17.80
CA PHE C 421 -14.64 25.12 -19.26
C PHE C 421 -14.70 23.68 -19.75
N ILE C 422 -15.58 23.43 -20.72
CA ILE C 422 -15.69 22.09 -21.31
C ILE C 422 -15.54 22.18 -22.83
N ALA C 423 -14.51 21.50 -23.36
CA ALA C 423 -14.30 21.41 -24.81
C ALA C 423 -14.49 19.98 -25.29
N ASP C 424 -15.11 19.82 -26.46
CA ASP C 424 -15.21 18.50 -27.07
C ASP C 424 -14.21 18.43 -28.21
N GLY C 425 -13.35 17.43 -28.19
CA GLY C 425 -12.34 17.29 -29.22
C GLY C 425 -12.34 15.90 -29.83
N THR C 426 -13.38 15.13 -29.54
CA THR C 426 -13.47 13.74 -30.00
C THR C 426 -13.78 13.64 -31.50
N ILE C 427 -14.13 14.78 -32.10
CA ILE C 427 -14.47 14.85 -33.52
C ILE C 427 -15.20 13.64 -34.12
N GLU C 428 -16.13 13.07 -33.35
CA GLU C 428 -17.03 12.03 -33.87
C GLU C 428 -16.30 10.72 -34.10
N GLY C 429 -15.06 10.67 -33.63
CA GLY C 429 -14.25 9.48 -33.75
C GLY C 429 -13.62 9.31 -35.13
N LYS C 430 -13.51 10.41 -35.87
CA LYS C 430 -13.01 10.34 -37.24
C LYS C 430 -11.49 10.39 -37.35
N TYR C 431 -10.92 9.50 -38.16
CA TYR C 431 -9.54 9.64 -38.55
C TYR C 431 -9.38 9.39 -40.03
N SER C 432 -8.20 9.72 -40.53
CA SER C 432 -7.88 9.49 -41.92
C SER C 432 -6.37 9.49 -42.08
N LEU C 433 -5.89 8.93 -43.18
CA LEU C 433 -4.48 9.00 -43.49
C LEU C 433 -4.18 10.32 -44.18
N SER C 434 -3.08 10.96 -43.77
CA SER C 434 -2.55 12.16 -44.41
C SER C 434 -3.32 13.48 -44.10
N THR C 437 -7.55 15.04 -40.04
CA THR C 437 -8.84 15.48 -39.46
C THR C 437 -9.13 16.91 -39.82
N ASN C 438 -9.73 17.12 -40.98
CA ASN C 438 -9.91 18.46 -41.50
C ASN C 438 -11.33 18.67 -42.02
N GLY C 439 -11.79 19.90 -41.94
CA GLY C 439 -11.03 20.97 -41.30
C GLY C 439 -11.51 21.31 -39.88
N THR C 440 -11.08 20.51 -38.92
CA THR C 440 -11.38 20.78 -37.52
C THR C 440 -10.06 20.97 -36.81
N SER C 441 -9.81 22.17 -36.32
CA SER C 441 -8.52 22.45 -35.69
C SER C 441 -8.64 22.56 -34.18
N VAL C 442 -7.50 22.78 -33.53
CA VAL C 442 -7.46 23.08 -32.11
C VAL C 442 -8.17 24.41 -31.80
N GLU C 443 -8.40 25.22 -32.83
CA GLU C 443 -8.93 26.56 -32.65
C GLU C 443 -10.46 26.61 -32.68
N ASP C 444 -11.09 25.56 -33.17
CA ASP C 444 -12.54 25.59 -33.30
C ASP C 444 -13.22 24.23 -33.10
N ILE C 445 -13.31 23.84 -31.84
CA ILE C 445 -14.07 22.67 -31.42
C ILE C 445 -15.11 23.23 -30.43
N PRO C 446 -16.23 22.53 -30.25
CA PRO C 446 -17.26 23.08 -29.35
C PRO C 446 -16.75 23.25 -27.92
N CYS C 447 -16.68 24.48 -27.42
CA CYS C 447 -16.25 24.71 -26.04
C CYS C 447 -17.16 25.65 -25.26
N VAL C 448 -17.89 25.09 -24.29
CA VAL C 448 -18.86 25.84 -23.48
C VAL C 448 -18.26 26.30 -22.15
N ALA C 449 -19.06 27.03 -21.37
CA ALA C 449 -18.65 27.48 -20.04
C ALA C 449 -19.74 27.30 -18.97
N VAL C 450 -19.32 27.21 -17.70
CA VAL C 450 -20.25 27.06 -16.59
C VAL C 450 -19.79 27.90 -15.40
N GLU C 451 -20.61 28.84 -14.95
CA GLU C 451 -20.16 29.76 -13.89
C GLU C 451 -21.27 30.33 -13.01
N ALA C 452 -21.46 29.75 -11.83
CA ALA C 452 -22.45 30.27 -10.87
C ALA C 452 -21.87 31.28 -9.88
N GLY C 453 -21.04 32.20 -10.37
CA GLY C 453 -20.41 33.21 -9.52
C GLY C 453 -19.31 32.67 -8.62
N PRO C 454 -18.64 33.55 -7.88
CA PRO C 454 -17.55 33.14 -6.98
C PRO C 454 -18.00 32.27 -5.81
N ILE C 455 -17.39 31.09 -5.70
CA ILE C 455 -17.64 30.17 -4.57
C ILE C 455 -16.33 29.59 -4.04
N GLU C 456 -15.51 30.44 -3.40
CA GLU C 456 -14.18 30.07 -2.93
C GLU C 456 -14.14 28.80 -2.06
N ILE C 457 -15.09 28.70 -1.13
CA ILE C 457 -15.15 27.61 -0.17
C ILE C 457 -15.12 26.23 -0.85
N MET C 458 -15.33 26.20 -2.16
CA MET C 458 -15.27 24.93 -2.88
C MET C 458 -13.83 24.40 -3.01
N GLY C 459 -12.85 25.30 -2.91
CA GLY C 459 -11.45 24.94 -3.01
C GLY C 459 -10.78 24.89 -1.64
N ASP C 460 -11.59 25.03 -0.60
CA ASP C 460 -11.12 24.88 0.78
C ASP C 460 -11.57 23.53 1.32
N ILE C 461 -11.94 22.65 0.40
CA ILE C 461 -12.29 21.26 0.69
C ILE C 461 -11.38 20.34 -0.14
N THR C 462 -10.96 19.21 0.44
CA THR C 462 -10.03 18.31 -0.24
C THR C 462 -10.69 17.44 -1.31
N ALA C 463 -9.98 17.27 -2.43
CA ALA C 463 -10.44 16.46 -3.56
C ALA C 463 -11.74 17.00 -4.18
N SER C 464 -11.96 18.30 -4.04
CA SER C 464 -13.10 18.93 -4.65
C SER C 464 -13.14 18.49 -6.10
N GLY C 465 -12.11 18.83 -6.85
CA GLY C 465 -11.99 18.39 -8.24
C GLY C 465 -12.04 16.87 -8.45
N CYS C 466 -11.43 16.12 -7.54
CA CYS C 466 -11.47 14.67 -7.64
C CYS C 466 -12.93 14.20 -7.57
N SER C 467 -13.72 14.83 -6.71
CA SER C 467 -15.14 14.47 -6.57
C SER C 467 -16.04 15.09 -7.65
N LEU C 468 -15.53 16.12 -8.30
CA LEU C 468 -16.11 16.55 -9.56
C LEU C 468 -15.86 15.45 -10.59
N GLY C 469 -14.75 14.73 -10.42
CA GLY C 469 -14.43 13.58 -11.26
C GLY C 469 -15.45 12.48 -11.14
N SER C 470 -15.73 12.04 -9.91
CA SER C 470 -16.74 11.01 -9.69
C SER C 470 -18.08 11.40 -10.30
N THR C 471 -18.46 12.67 -10.14
CA THR C 471 -19.76 13.14 -10.61
C THR C 471 -19.87 12.97 -12.12
N ILE C 472 -18.93 13.56 -12.84
CA ILE C 472 -18.83 13.34 -14.29
C ILE C 472 -18.90 11.85 -14.65
N ALA C 473 -18.09 11.03 -14.00
CA ALA C 473 -18.08 9.58 -14.23
C ALA C 473 -19.45 8.91 -14.09
N CYS C 474 -20.25 9.31 -13.11
CA CYS C 474 -21.59 8.73 -12.96
C CYS C 474 -22.47 9.16 -14.12
N MET C 475 -22.44 10.45 -14.44
CA MET C 475 -23.20 10.98 -15.57
C MET C 475 -22.83 10.27 -16.87
N ILE C 476 -21.53 10.05 -17.10
CA ILE C 476 -21.10 9.34 -18.30
C ILE C 476 -21.59 7.89 -18.25
N GLY C 477 -21.42 7.26 -17.10
CA GLY C 477 -21.73 5.86 -16.92
C GLY C 477 -23.19 5.48 -17.06
N GLY C 478 -24.08 6.46 -17.01
CA GLY C 478 -25.49 6.14 -17.13
C GLY C 478 -26.04 6.24 -18.54
N GLN C 479 -25.22 6.71 -19.48
CA GLN C 479 -25.70 6.88 -20.85
C GLN C 479 -25.90 5.53 -21.55
N PRO C 480 -26.81 5.49 -22.53
CA PRO C 480 -27.01 4.32 -23.38
C PRO C 480 -26.19 4.47 -24.65
N SER C 481 -26.39 3.57 -25.60
CA SER C 481 -25.67 3.63 -26.87
C SER C 481 -25.96 4.95 -27.60
N GLU C 482 -27.18 5.46 -27.46
CA GLU C 482 -27.60 6.63 -28.21
C GLU C 482 -27.42 7.91 -27.40
N GLY C 483 -26.70 7.82 -26.29
CA GLY C 483 -26.43 8.98 -25.46
C GLY C 483 -25.45 9.92 -26.14
N ASN C 484 -25.12 11.02 -25.49
CA ASN C 484 -24.09 11.93 -26.00
C ASN C 484 -23.01 12.13 -24.94
N LEU C 485 -21.75 12.06 -25.35
CA LEU C 485 -20.66 12.14 -24.39
C LEU C 485 -20.47 13.54 -23.86
N PHE C 486 -20.45 14.52 -24.76
CA PHE C 486 -20.27 15.91 -24.35
C PHE C 486 -21.34 16.38 -23.34
N HIS C 487 -22.60 16.08 -23.64
CA HIS C 487 -23.72 16.45 -22.78
C HIS C 487 -23.61 15.85 -21.39
N ALA C 488 -23.27 14.57 -21.31
CA ALA C 488 -23.14 13.91 -20.02
C ALA C 488 -22.09 14.61 -19.18
N VAL C 489 -21.01 15.06 -19.82
CA VAL C 489 -19.97 15.81 -19.13
C VAL C 489 -20.55 17.13 -18.64
N VAL C 490 -21.01 17.96 -19.57
CA VAL C 490 -21.63 19.23 -19.19
C VAL C 490 -22.69 19.07 -18.10
N ALA C 491 -23.57 18.09 -18.24
CA ALA C 491 -24.56 17.82 -17.20
C ALA C 491 -23.89 17.63 -15.84
N GLY C 492 -22.84 16.81 -15.81
CA GLY C 492 -22.08 16.53 -14.60
C GLY C 492 -21.45 17.74 -13.93
N VAL C 493 -20.91 18.64 -14.75
CA VAL C 493 -20.30 19.87 -14.23
C VAL C 493 -21.38 20.81 -13.68
N MET C 494 -22.48 20.97 -14.43
CA MET C 494 -23.63 21.75 -13.96
C MET C 494 -24.07 21.22 -12.61
N LEU C 495 -24.45 19.96 -12.57
CA LEU C 495 -24.90 19.34 -11.34
C LEU C 495 -24.00 19.71 -10.15
N TYR C 496 -22.69 19.46 -10.31
CA TYR C 496 -21.73 19.70 -9.24
C TYR C 496 -21.68 21.15 -8.77
N LYS C 497 -21.59 22.09 -9.71
CA LYS C 497 -21.59 23.50 -9.37
C LYS C 497 -22.92 23.89 -8.74
N ALA C 498 -24.02 23.39 -9.31
CA ALA C 498 -25.33 23.60 -8.72
C ALA C 498 -25.34 23.20 -7.25
N ALA C 499 -24.84 22.00 -6.96
CA ALA C 499 -24.81 21.54 -5.57
C ALA C 499 -23.76 22.29 -4.77
N GLY C 500 -22.84 22.96 -5.45
CA GLY C 500 -21.82 23.74 -4.78
C GLY C 500 -22.33 25.08 -4.31
N LYS C 501 -23.13 25.74 -5.15
CA LYS C 501 -23.75 27.01 -4.78
C LYS C 501 -24.64 26.81 -3.56
N ILE C 502 -25.55 25.85 -3.65
CA ILE C 502 -26.40 25.48 -2.53
C ILE C 502 -25.65 25.23 -1.23
N ALA C 503 -24.65 24.35 -1.25
CA ALA C 503 -23.91 24.08 -0.02
C ALA C 503 -23.26 25.34 0.53
N SER C 504 -22.80 26.21 -0.36
CA SER C 504 -22.11 27.43 0.06
C SER C 504 -23.06 28.41 0.75
N GLU C 505 -24.36 28.17 0.63
CA GLU C 505 -25.35 29.02 1.28
C GLU C 505 -25.79 28.44 2.62
N LYS C 506 -25.56 27.14 2.81
CA LYS C 506 -26.04 26.44 4.00
C LYS C 506 -24.93 26.09 4.99
N CYS C 507 -23.68 26.29 4.57
CA CYS C 507 -22.51 25.90 5.36
C CYS C 507 -22.10 26.98 6.36
N ASN C 508 -21.38 26.58 7.41
CA ASN C 508 -20.75 27.52 8.33
C ASN C 508 -19.20 27.46 8.31
N GLY C 509 -18.66 26.71 7.34
CA GLY C 509 -17.22 26.57 7.17
C GLY C 509 -16.84 25.43 6.23
N SER C 510 -15.55 25.07 6.22
CA SER C 510 -15.03 23.98 5.40
C SER C 510 -15.70 22.67 5.78
N GLY C 511 -15.88 22.45 7.08
CA GLY C 511 -16.44 21.21 7.58
C GLY C 511 -17.83 20.96 7.06
N SER C 512 -18.81 21.74 7.52
CA SER C 512 -20.18 21.52 7.10
C SER C 512 -20.34 21.67 5.58
N PHE C 513 -19.45 22.43 4.95
CA PHE C 513 -19.58 22.62 3.50
C PHE C 513 -19.53 21.29 2.76
N GLN C 514 -18.63 20.41 3.15
CA GLN C 514 -18.52 19.15 2.44
C GLN C 514 -19.78 18.33 2.61
N VAL C 515 -20.35 18.37 3.81
CA VAL C 515 -21.54 17.58 4.06
C VAL C 515 -22.79 18.15 3.41
N GLU C 516 -22.80 19.46 3.16
CA GLU C 516 -23.92 20.06 2.41
C GLU C 516 -23.76 19.75 0.93
N LEU C 517 -22.54 19.78 0.42
CA LEU C 517 -22.28 19.42 -0.98
C LEU C 517 -22.81 18.03 -1.31
N ILE C 518 -22.60 17.08 -0.42
CA ILE C 518 -23.12 15.74 -0.70
C ILE C 518 -24.63 15.74 -0.59
N ASP C 519 -25.14 16.29 0.51
CA ASP C 519 -26.58 16.48 0.67
C ASP C 519 -27.24 17.16 -0.52
N ALA C 520 -26.63 18.21 -1.05
CA ALA C 520 -27.19 18.91 -2.21
C ALA C 520 -27.19 18.03 -3.46
N LEU C 521 -26.10 17.30 -3.69
CA LEU C 521 -26.04 16.38 -4.82
C LEU C 521 -27.08 15.29 -4.66
N TYR C 522 -27.21 14.79 -3.45
CA TYR C 522 -28.21 13.78 -3.17
C TYR C 522 -29.63 14.24 -3.51
N ARG C 523 -29.93 15.51 -3.19
CA ARG C 523 -31.27 16.08 -3.37
C ARG C 523 -31.52 16.65 -4.77
N LEU C 524 -30.54 17.37 -5.32
CA LEU C 524 -30.66 17.88 -6.67
C LEU C 524 -31.03 16.78 -7.65
N THR C 525 -30.58 15.56 -7.38
CA THR C 525 -30.77 14.45 -8.33
C THR C 525 -31.98 13.62 -8.03
N ARG C 526 -32.39 13.54 -6.77
CA ARG C 526 -33.65 12.88 -6.42
C ARG C 526 -34.84 13.75 -6.86
N GLU C 527 -34.68 15.07 -6.76
CA GLU C 527 -35.65 16.02 -7.30
C GLU C 527 -35.53 16.19 -8.83
N ASN C 528 -34.31 16.13 -9.36
CA ASN C 528 -34.08 16.14 -10.81
C ASN C 528 -34.87 17.22 -11.54
N THR C 529 -34.55 18.48 -11.26
CA THR C 529 -35.38 19.60 -11.68
C THR C 529 -34.50 20.70 -12.25
N PRO C 530 -33.71 20.36 -13.27
CA PRO C 530 -32.66 21.26 -13.78
C PRO C 530 -33.06 22.74 -13.90
N VAL C 531 -34.26 23.06 -14.39
CA VAL C 531 -34.69 24.46 -14.53
C VAL C 531 -34.32 25.34 -13.33
N THR C 532 -34.34 24.73 -12.14
CA THR C 532 -34.06 25.39 -10.87
C THR C 532 -32.60 25.80 -10.60
N TRP C 533 -31.64 25.00 -11.07
CA TRP C 533 -30.23 25.18 -10.68
C TRP C 533 -29.69 26.59 -10.92
N ALA C 534 -28.54 26.88 -10.31
CA ALA C 534 -27.97 28.23 -10.35
C ALA C 534 -26.90 28.47 -11.44
N PRO C 535 -26.10 27.42 -11.77
CA PRO C 535 -24.99 27.68 -12.70
C PRO C 535 -25.51 28.16 -14.04
N LYS C 536 -24.78 29.09 -14.66
CA LYS C 536 -25.16 29.61 -15.97
C LYS C 536 -24.26 29.06 -17.08
N LEU C 537 -24.87 28.33 -18.02
CA LEU C 537 -24.17 27.68 -19.13
C LEU C 537 -24.08 28.58 -20.37
N THR C 538 -22.87 28.85 -20.83
CA THR C 538 -22.67 29.74 -21.98
C THR C 538 -21.79 29.15 -23.08
N HIS C 539 -21.61 29.91 -24.16
CA HIS C 539 -20.62 29.56 -25.17
C HIS C 539 -19.36 30.35 -24.88
N THR C 540 -18.20 29.74 -25.14
CA THR C 540 -16.92 30.42 -24.98
C THR C 540 -16.83 31.59 -25.97
#